data_4JE5
#
_entry.id   4JE5
#
_cell.length_a   227.442
_cell.length_b   159.831
_cell.length_c   70.642
_cell.angle_alpha   90.00
_cell.angle_beta   106.03
_cell.angle_gamma   90.00
#
_symmetry.space_group_name_H-M   'C 1 2 1'
#
loop_
_entity.id
_entity.type
_entity.pdbx_description
1 polymer 'Aromatic/aminoadipate aminotransferase 1'
2 polymer 'Aromatic/aminoadipate aminotransferase 1'
3 non-polymer "PYRIDOXAL-5'-PHOSPHATE"
4 non-polymer '4-(2-HYDROXYETHYL)-1-PIPERAZINE ETHANESULFONIC ACID'
5 non-polymer "4'-DEOXY-4'-AMINOPYRIDOXAL-5'-PHOSPHATE"
6 water water
#
loop_
_entity_poly.entity_id
_entity_poly.type
_entity_poly.pdbx_seq_one_letter_code
_entity_poly.pdbx_strand_id
1 'polypeptide(L)'
;GHMMTLPESKDFSYLFSDETNARKPSPLKTCIHLFQDPNIIFLGGGLPLKDYFPWDNLSVDSPKPPFPQGIGAPIDEQNC
IKYTVNKDYADKSANPSNDIPLSRALQYGFSAGQPELLNFIRDHTKIIHDLKYKDWDVLATAGNTNAWESTLRVFCNRGD
VILVEAHSFSSSLASAEAQGVITFPVPIDADGIIPEKLAKVMENWTPGAPKPKLLYTIPTGQNPTGTSIADHRKEAIYKI
AQKYDFLIVEDEPYYFLQMNPYIKDLKEREKAQSSPKQDHDEFLKSLANTFLSLDTEGRVIRMDSFSKVLAPGTRLGWIT
GSSKILKPYLSLHEMTIQAPAGFTQVLVNATLSRWGQKGYLDWLLGLRHEYTLKRDCAIDALYKYLPQSDAFVINPPIAG
MFFTVNIDASVHPEFKTKYNSDPYQLEQSLYHKVVERGVLVVPGSWFKSEGETEPPQPAESKEVSNPNIIFFRGTYAAVS
PEKLTEGLKRLGDTLYEEFGISK
;
A,B,C
2 'polypeptide(L)'
;GHMMTLPESKDFSYLFSDETNARKPSPLKTCIHLFQDPNIIFLGGGLPLKDYFPWDNLSVDSPKPPFPQGIGAPIDEQNC
IKYTVNKDYADKSANPSNDIPLSRALQYGFSAGQPELLNFIRDHTKIIHDLKYKDWDVLATAGNTNAWESTLRVFCNRGD
VILVEAHSFSSSLASAEAQGVITFPVPIDADGIIPEKLAKVMENWTPGAPKPKLLYTIPTGQNPTGTSIADHRKEAIYKI
AQKYDFLIVEDEPYYFLQMNPYIKDLKEREKAQSSPKQDHDEFLKSLANTFLSLDTEGRVIRMDSFS(LLP)VLAPGTRL
GWITGSSKILKPYLSLHEMTIQAPAGFTQVLVNATLSRWGQKGYLDWLLGLRHEYTLKRDCAIDALYKYLPQSDAFVINP
PIAGMFFTVNIDASVHPEFKTKYNSDPYQLEQSLYHKVVERGVLVVPGSWFKSEGETEPPQPAESKEVSNPNIIFFRGTY
AAVSPEKLTEGLKRLGDTLYEEFGISK
;
D
#
# COMPACT_ATOMS: atom_id res chain seq x y z
N THR A 5 -12.80 -45.65 -23.66
CA THR A 5 -12.00 -46.33 -22.59
C THR A 5 -11.72 -45.42 -21.39
N LEU A 6 -11.26 -44.20 -21.64
CA LEU A 6 -11.00 -43.22 -20.57
C LEU A 6 -12.26 -42.40 -20.30
N PRO A 7 -12.49 -42.00 -19.03
CA PRO A 7 -13.67 -41.19 -18.74
C PRO A 7 -13.62 -39.79 -19.35
N GLU A 8 -14.80 -39.20 -19.53
CA GLU A 8 -14.93 -37.82 -19.98
C GLU A 8 -14.70 -36.89 -18.79
N SER A 9 -14.14 -35.69 -19.03
CA SER A 9 -14.02 -34.69 -17.98
C SER A 9 -15.38 -34.28 -17.38
N LYS A 10 -15.33 -33.80 -16.13
CA LYS A 10 -16.48 -33.23 -15.45
C LYS A 10 -16.72 -31.79 -15.91
N ASP A 11 -17.97 -31.35 -15.83
CA ASP A 11 -18.33 -30.00 -16.22
C ASP A 11 -18.19 -29.07 -15.02
N PHE A 12 -17.26 -28.12 -15.08
CA PHE A 12 -17.10 -27.18 -13.98
C PHE A 12 -17.64 -25.77 -14.26
N SER A 13 -18.63 -25.68 -15.17
CA SER A 13 -19.14 -24.35 -15.57
C SER A 13 -19.81 -23.59 -14.42
N TYR A 14 -20.15 -24.28 -13.34
CA TYR A 14 -20.69 -23.61 -12.17
C TYR A 14 -19.63 -22.76 -11.47
N LEU A 15 -18.36 -22.92 -11.85
CA LEU A 15 -17.31 -22.08 -11.28
C LEU A 15 -17.00 -20.87 -12.15
N PHE A 16 -17.57 -20.78 -13.36
CA PHE A 16 -17.26 -19.69 -14.30
C PHE A 16 -17.69 -18.34 -13.74
N SER A 17 -16.91 -17.29 -14.01
CA SER A 17 -17.22 -15.96 -13.51
C SER A 17 -18.45 -15.39 -14.22
N ASP A 18 -18.95 -14.27 -13.69
CA ASP A 18 -20.09 -13.59 -14.30
C ASP A 18 -19.70 -13.04 -15.67
N GLU A 19 -18.46 -12.57 -15.79
CA GLU A 19 -17.97 -12.05 -17.07
C GLU A 19 -18.00 -13.19 -18.13
N THR A 20 -17.52 -14.38 -17.75
CA THR A 20 -17.52 -15.54 -18.64
C THR A 20 -18.95 -15.88 -19.07
N ASN A 21 -19.88 -15.89 -18.13
CA ASN A 21 -21.26 -16.23 -18.42
C ASN A 21 -21.94 -15.19 -19.31
N ALA A 22 -21.45 -13.95 -19.26
CA ALA A 22 -22.00 -12.84 -20.06
C ALA A 22 -21.38 -12.78 -21.44
N ARG A 23 -20.13 -13.25 -21.57
CA ARG A 23 -19.41 -13.13 -22.83
C ARG A 23 -20.04 -13.90 -23.98
N LYS A 24 -20.47 -13.17 -25.01
CA LYS A 24 -20.93 -13.77 -26.25
C LYS A 24 -20.01 -13.34 -27.38
N PRO A 25 -19.37 -14.30 -28.07
CA PRO A 25 -18.47 -13.98 -29.19
C PRO A 25 -19.20 -13.15 -30.25
N SER A 26 -18.47 -12.19 -30.83
CA SER A 26 -18.93 -11.50 -32.03
C SER A 26 -19.42 -12.54 -33.08
N PRO A 27 -20.63 -12.36 -33.67
CA PRO A 27 -21.04 -13.31 -34.71
C PRO A 27 -20.21 -13.13 -35.99
N LEU A 28 -19.43 -12.06 -36.01
CA LEU A 28 -18.51 -11.77 -37.09
C LEU A 28 -17.17 -12.44 -36.78
N LYS A 29 -16.99 -13.65 -37.32
CA LYS A 29 -15.81 -14.48 -37.02
C LYS A 29 -14.84 -14.60 -38.22
N LEU A 34 -14.54 -21.05 -44.81
CA LEU A 34 -15.40 -20.22 -45.66
C LEU A 34 -14.57 -19.28 -46.56
N PHE A 35 -13.53 -18.70 -45.97
CA PHE A 35 -12.53 -17.92 -46.74
C PHE A 35 -11.75 -18.83 -47.68
N GLN A 36 -11.51 -20.07 -47.27
CA GLN A 36 -10.82 -21.07 -48.12
C GLN A 36 -11.77 -21.91 -48.99
N ASP A 37 -13.08 -21.81 -48.72
CA ASP A 37 -14.12 -22.55 -49.47
C ASP A 37 -14.25 -22.10 -50.94
N PRO A 38 -13.98 -23.03 -51.89
CA PRO A 38 -13.96 -22.69 -53.33
C PRO A 38 -15.27 -22.09 -53.89
N ASN A 39 -16.41 -22.45 -53.31
CA ASN A 39 -17.71 -22.09 -53.88
C ASN A 39 -18.41 -20.85 -53.26
N ILE A 40 -17.77 -20.26 -52.25
CA ILE A 40 -18.35 -19.08 -51.59
C ILE A 40 -17.51 -17.83 -51.84
N ILE A 41 -18.14 -16.78 -52.36
CA ILE A 41 -17.49 -15.47 -52.56
C ILE A 41 -17.50 -14.64 -51.26
N PHE A 42 -16.31 -14.53 -50.67
CA PHE A 42 -16.09 -13.93 -49.34
C PHE A 42 -16.15 -12.39 -49.35
N LEU A 43 -17.35 -11.83 -49.18
CA LEU A 43 -17.47 -10.38 -48.98
C LEU A 43 -17.78 -10.00 -47.52
N GLY A 44 -17.45 -10.89 -46.58
CA GLY A 44 -17.76 -10.71 -45.16
C GLY A 44 -16.65 -10.09 -44.31
N GLY A 45 -15.74 -10.91 -43.79
CA GLY A 45 -14.67 -10.44 -42.91
C GLY A 45 -13.56 -9.67 -43.60
N GLY A 46 -13.03 -8.67 -42.92
CA GLY A 46 -11.98 -7.84 -43.49
C GLY A 46 -10.62 -8.53 -43.44
N LEU A 47 -10.44 -9.57 -44.24
CA LEU A 47 -9.16 -10.26 -44.29
C LEU A 47 -8.35 -9.69 -45.45
N PRO A 48 -7.30 -8.93 -45.13
CA PRO A 48 -6.55 -8.25 -46.19
C PRO A 48 -5.72 -9.23 -47.02
N LEU A 49 -5.42 -8.85 -48.25
CA LEU A 49 -4.71 -9.73 -49.17
C LEU A 49 -3.30 -10.03 -48.67
N LYS A 50 -2.99 -11.32 -48.63
CA LYS A 50 -1.68 -11.82 -48.27
C LYS A 50 -0.57 -11.33 -49.24
N ASP A 51 -0.94 -10.95 -50.46
CA ASP A 51 -0.02 -10.33 -51.43
C ASP A 51 0.69 -9.09 -50.83
N TYR A 52 0.01 -8.42 -49.90
CA TYR A 52 0.52 -7.19 -49.29
C TYR A 52 1.40 -7.39 -48.06
N PHE A 53 1.50 -8.60 -47.52
CA PHE A 53 2.27 -8.82 -46.29
C PHE A 53 3.75 -8.63 -46.71
N PRO A 54 4.48 -7.68 -46.10
CA PRO A 54 5.80 -7.29 -46.67
C PRO A 54 7.01 -8.11 -46.19
N TRP A 55 6.86 -9.44 -46.09
CA TRP A 55 7.95 -10.36 -45.72
C TRP A 55 7.81 -11.63 -46.50
N ASP A 56 8.94 -12.18 -46.97
CA ASP A 56 8.97 -13.57 -47.48
C ASP A 56 10.32 -14.14 -47.08
N ASN A 57 10.42 -15.47 -47.12
CA ASN A 57 11.70 -16.14 -46.95
C ASN A 57 12.34 -15.84 -45.60
N LEU A 58 11.60 -16.10 -44.54
CA LEU A 58 12.11 -15.92 -43.20
C LEU A 58 13.09 -17.04 -42.91
N SER A 59 14.32 -16.68 -42.56
CA SER A 59 15.34 -17.69 -42.26
C SER A 59 15.97 -17.45 -40.91
N VAL A 60 16.50 -18.51 -40.32
CA VAL A 60 17.19 -18.35 -39.03
C VAL A 60 18.18 -19.51 -38.87
N ASP A 61 19.13 -19.37 -37.91
CA ASP A 61 20.04 -20.43 -37.48
C ASP A 61 19.65 -20.85 -36.08
N SER A 62 19.56 -22.16 -35.83
CA SER A 62 19.29 -22.71 -34.49
C SER A 62 20.34 -23.78 -34.18
N PRO A 63 20.68 -23.98 -32.88
CA PRO A 63 21.67 -25.02 -32.55
C PRO A 63 21.17 -26.41 -32.93
N LYS A 64 22.07 -27.39 -32.96
CA LYS A 64 21.75 -28.68 -33.58
C LYS A 64 21.79 -29.79 -32.53
N PRO A 65 20.75 -30.64 -32.46
CA PRO A 65 20.82 -31.67 -31.44
C PRO A 65 22.00 -32.61 -31.73
N PRO A 66 22.57 -33.22 -30.67
CA PRO A 66 22.16 -33.16 -29.29
C PRO A 66 22.89 -32.06 -28.48
N PHE A 67 23.34 -30.98 -29.15
CA PHE A 67 23.94 -29.82 -28.42
C PHE A 67 25.20 -30.26 -27.66
N PRO A 68 26.17 -30.90 -28.37
CA PRO A 68 27.30 -31.58 -27.74
C PRO A 68 28.20 -30.69 -26.93
N GLN A 69 28.30 -29.41 -27.30
CA GLN A 69 29.11 -28.48 -26.58
C GLN A 69 28.32 -27.68 -25.52
N GLY A 70 27.09 -28.11 -25.23
CA GLY A 70 26.24 -27.39 -24.28
C GLY A 70 25.27 -26.50 -25.02
N ILE A 71 24.12 -26.27 -24.41
CA ILE A 71 23.11 -25.51 -25.11
C ILE A 71 23.48 -24.06 -25.30
N GLY A 72 24.51 -23.58 -24.58
CA GLY A 72 25.00 -22.21 -24.70
C GLY A 72 26.13 -22.02 -25.71
N ALA A 73 26.53 -23.08 -26.42
CA ALA A 73 27.59 -22.94 -27.44
C ALA A 73 27.20 -22.01 -28.61
N PRO A 74 28.19 -21.31 -29.20
CA PRO A 74 27.93 -20.45 -30.36
C PRO A 74 27.15 -21.22 -31.44
N ILE A 75 26.19 -20.55 -32.07
CA ILE A 75 25.40 -21.16 -33.13
C ILE A 75 26.06 -20.92 -34.48
N ASP A 76 26.92 -21.84 -34.89
CA ASP A 76 27.43 -21.79 -36.26
C ASP A 76 28.20 -23.05 -36.60
N GLU A 77 28.76 -23.09 -37.82
CA GLU A 77 29.54 -24.21 -38.30
C GLU A 77 28.69 -25.48 -38.31
N GLN A 78 29.13 -26.51 -37.58
CA GLN A 78 28.42 -27.77 -37.48
C GLN A 78 27.33 -27.72 -36.42
N ASN A 79 27.43 -26.81 -35.44
CA ASN A 79 26.35 -26.64 -34.47
C ASN A 79 25.31 -25.68 -35.01
N CYS A 80 24.67 -26.05 -36.12
CA CYS A 80 23.80 -25.13 -36.78
C CYS A 80 22.82 -25.85 -37.68
N ILE A 81 21.54 -25.69 -37.38
CA ILE A 81 20.46 -26.02 -38.29
C ILE A 81 20.07 -24.68 -38.92
N LYS A 82 19.87 -24.68 -40.24
CA LYS A 82 19.46 -23.49 -41.01
C LYS A 82 18.19 -23.81 -41.76
N TYR A 83 17.27 -22.86 -41.81
CA TYR A 83 16.05 -23.07 -42.56
C TYR A 83 15.43 -21.75 -43.00
N THR A 84 14.51 -21.84 -43.96
CA THR A 84 13.77 -20.74 -44.54
C THR A 84 12.27 -21.09 -44.62
N VAL A 85 11.41 -20.21 -44.09
CA VAL A 85 9.95 -20.40 -44.20
C VAL A 85 9.42 -19.46 -45.27
N ASN A 86 8.70 -19.99 -46.26
CA ASN A 86 8.14 -19.18 -47.33
C ASN A 86 6.73 -18.67 -47.02
N LYS A 87 6.34 -17.64 -47.75
CA LYS A 87 4.99 -17.08 -47.60
C LYS A 87 3.96 -18.09 -48.13
N ASP A 88 4.26 -18.71 -49.26
CA ASP A 88 3.38 -19.70 -49.90
C ASP A 88 4.20 -20.89 -50.42
N TYR A 89 3.64 -22.08 -50.31
CA TYR A 89 4.23 -23.27 -50.90
C TYR A 89 3.32 -23.77 -52.04
N ALA A 90 3.91 -23.96 -53.22
CA ALA A 90 3.22 -24.54 -54.39
C ALA A 90 2.55 -25.90 -54.11
N ASP A 91 3.32 -26.91 -53.71
CA ASP A 91 2.74 -28.20 -53.28
C ASP A 91 3.23 -28.65 -51.88
N LYS A 92 2.42 -29.47 -51.20
CA LYS A 92 2.80 -30.02 -49.88
C LYS A 92 4.21 -30.66 -49.91
N SER A 93 4.66 -31.05 -51.11
CA SER A 93 6.01 -31.57 -51.35
C SER A 93 7.10 -30.49 -51.19
N ALA A 94 6.72 -29.23 -51.39
CA ALA A 94 7.66 -28.12 -51.21
C ALA A 94 7.80 -27.72 -49.73
N ASN A 95 7.01 -28.35 -48.86
CA ASN A 95 7.02 -28.06 -47.42
C ASN A 95 7.25 -29.30 -46.54
N PRO A 96 8.42 -29.95 -46.67
CA PRO A 96 8.71 -31.21 -45.97
C PRO A 96 8.72 -31.13 -44.45
N SER A 97 9.08 -29.98 -43.87
CA SER A 97 9.14 -29.85 -42.41
C SER A 97 7.82 -29.40 -41.80
N ASN A 98 6.79 -29.31 -42.64
CA ASN A 98 5.47 -28.84 -42.22
C ASN A 98 5.53 -27.53 -41.43
N ASP A 99 6.22 -26.55 -42.01
CA ASP A 99 6.27 -25.21 -41.46
C ASP A 99 4.93 -24.53 -41.63
N ILE A 100 4.64 -23.58 -40.75
CA ILE A 100 3.49 -22.70 -40.92
C ILE A 100 3.84 -21.66 -42.01
N PRO A 101 3.16 -21.68 -43.17
CA PRO A 101 3.52 -20.70 -44.21
C PRO A 101 3.26 -19.27 -43.73
N LEU A 102 4.09 -18.31 -44.13
CA LEU A 102 3.86 -16.91 -43.69
C LEU A 102 2.47 -16.37 -44.05
N SER A 103 1.90 -16.83 -45.17
CA SER A 103 0.59 -16.35 -45.59
CA SER A 103 0.59 -16.34 -45.60
C SER A 103 -0.49 -16.69 -44.59
N ARG A 104 -0.33 -17.85 -43.96
CA ARG A 104 -1.23 -18.27 -42.92
C ARG A 104 -0.83 -17.73 -41.55
N ALA A 105 0.46 -17.74 -41.22
CA ALA A 105 0.89 -17.20 -39.90
C ALA A 105 0.49 -15.72 -39.77
N LEU A 106 0.51 -14.99 -40.89
CA LEU A 106 0.30 -13.53 -40.86
C LEU A 106 -1.12 -13.07 -41.13
N GLN A 107 -2.02 -14.01 -41.35
CA GLN A 107 -3.42 -13.71 -41.61
C GLN A 107 -4.23 -13.98 -40.33
N TYR A 108 -5.36 -13.30 -40.18
CA TYR A 108 -6.29 -13.59 -39.07
C TYR A 108 -6.61 -15.10 -39.06
N GLY A 109 -6.99 -15.62 -37.89
CA GLY A 109 -7.45 -16.99 -37.79
C GLY A 109 -6.69 -17.76 -36.73
N PHE A 110 -7.17 -18.97 -36.43
CA PHE A 110 -6.47 -19.91 -35.56
C PHE A 110 -6.13 -19.32 -34.21
N SER A 111 -7.16 -18.76 -33.56
CA SER A 111 -7.01 -18.12 -32.25
C SER A 111 -6.50 -19.08 -31.18
N ALA A 112 -6.75 -20.36 -31.38
CA ALA A 112 -6.23 -21.34 -30.40
C ALA A 112 -4.71 -21.64 -30.62
N GLY A 113 -4.15 -21.16 -31.73
CA GLY A 113 -2.77 -21.48 -32.11
C GLY A 113 -2.74 -22.21 -33.44
N GLN A 114 -1.65 -22.03 -34.19
CA GLN A 114 -1.53 -22.70 -35.51
C GLN A 114 -1.45 -24.21 -35.27
N PRO A 115 -2.08 -25.03 -36.13
CA PRO A 115 -2.21 -26.46 -35.83
C PRO A 115 -0.86 -27.18 -35.76
N GLU A 116 0.11 -26.83 -36.60
CA GLU A 116 1.44 -27.47 -36.54
C GLU A 116 2.08 -27.29 -35.13
N LEU A 117 1.99 -26.07 -34.59
CA LEU A 117 2.52 -25.77 -33.24
C LEU A 117 1.80 -26.63 -32.20
N LEU A 118 0.47 -26.60 -32.21
CA LEU A 118 -0.30 -27.38 -31.24
C LEU A 118 -0.07 -28.89 -31.38
N ASN A 119 0.17 -29.37 -32.61
CA ASN A 119 0.48 -30.78 -32.84
CA ASN A 119 0.48 -30.79 -32.81
C ASN A 119 1.79 -31.17 -32.17
N PHE A 120 2.82 -30.32 -32.33
CA PHE A 120 4.08 -30.55 -31.62
C PHE A 120 3.85 -30.58 -30.11
N ILE A 121 3.04 -29.67 -29.62
CA ILE A 121 2.82 -29.57 -28.20
C ILE A 121 2.03 -30.78 -27.69
N ARG A 122 1.02 -31.23 -28.46
CA ARG A 122 0.26 -32.43 -28.07
C ARG A 122 1.16 -33.69 -27.99
N ASP A 123 2.05 -33.82 -28.97
CA ASP A 123 2.96 -34.96 -28.98
C ASP A 123 3.91 -34.91 -27.78
N HIS A 124 4.38 -33.72 -27.45
CA HIS A 124 5.27 -33.53 -26.31
C HIS A 124 4.50 -33.85 -25.02
N THR A 125 3.25 -33.42 -24.97
CA THR A 125 2.40 -33.66 -23.82
C THR A 125 2.30 -35.16 -23.50
N LYS A 126 2.08 -35.97 -24.54
CA LYS A 126 1.94 -37.39 -24.38
C LYS A 126 3.24 -38.05 -23.89
N ILE A 127 4.39 -37.48 -24.23
CA ILE A 127 5.69 -38.06 -23.81
C ILE A 127 5.93 -37.77 -22.30
N ILE A 128 5.63 -36.53 -21.91
CA ILE A 128 5.93 -36.05 -20.58
C ILE A 128 4.87 -36.49 -19.54
N HIS A 129 3.60 -36.50 -19.94
CA HIS A 129 2.54 -36.79 -18.98
C HIS A 129 1.71 -38.01 -19.35
N ASP A 130 1.05 -38.54 -18.33
CA ASP A 130 0.15 -39.66 -18.52
CA ASP A 130 0.14 -39.66 -18.53
C ASP A 130 -1.29 -39.15 -18.31
N LEU A 131 -1.99 -38.87 -19.40
CA LEU A 131 -3.34 -38.28 -19.27
C LEU A 131 -4.37 -39.32 -18.92
N LYS A 132 -5.14 -39.03 -17.88
CA LYS A 132 -6.08 -39.99 -17.30
C LYS A 132 -7.56 -39.78 -17.68
N TYR A 133 -7.83 -38.80 -18.53
CA TYR A 133 -9.20 -38.60 -19.03
C TYR A 133 -9.12 -38.31 -20.53
N LYS A 134 -10.24 -38.51 -21.21
CA LYS A 134 -10.27 -38.59 -22.66
C LYS A 134 -10.11 -37.27 -23.39
N ASP A 135 -10.88 -36.27 -22.97
CA ASP A 135 -11.06 -35.06 -23.77
C ASP A 135 -10.18 -33.90 -23.30
N TRP A 136 -8.87 -34.11 -23.25
CA TRP A 136 -7.93 -33.04 -22.94
C TRP A 136 -7.51 -32.34 -24.23
N ASP A 137 -7.06 -31.10 -24.12
CA ASP A 137 -6.55 -30.41 -25.30
C ASP A 137 -5.61 -29.31 -24.82
N VAL A 138 -5.03 -28.57 -25.77
CA VAL A 138 -4.14 -27.47 -25.43
C VAL A 138 -4.63 -26.20 -26.15
N LEU A 139 -4.31 -25.04 -25.57
CA LEU A 139 -4.62 -23.76 -26.17
C LEU A 139 -3.37 -22.91 -26.02
N ALA A 140 -2.91 -22.32 -27.12
CA ALA A 140 -1.70 -21.46 -27.09
C ALA A 140 -1.98 -20.17 -26.36
N THR A 141 -0.97 -19.66 -25.67
CA THR A 141 -1.06 -18.39 -24.94
C THR A 141 0.14 -17.52 -25.30
N ALA A 142 0.14 -16.28 -24.79
CA ALA A 142 1.29 -15.41 -24.94
C ALA A 142 2.25 -15.58 -23.77
N GLY A 143 2.15 -16.70 -23.05
CA GLY A 143 2.98 -16.90 -21.87
C GLY A 143 2.15 -17.07 -20.59
N ASN A 144 2.82 -17.40 -19.48
CA ASN A 144 2.10 -17.74 -18.25
C ASN A 144 1.49 -16.54 -17.56
N THR A 145 2.03 -15.36 -17.83
CA THR A 145 1.42 -14.12 -17.30
C THR A 145 0.01 -13.94 -17.88
N ASN A 146 -0.05 -14.07 -19.20
CA ASN A 146 -1.30 -14.06 -19.98
C ASN A 146 -2.26 -15.18 -19.48
N ALA A 147 -1.74 -16.40 -19.30
CA ALA A 147 -2.57 -17.53 -18.88
C ALA A 147 -3.19 -17.27 -17.51
N TRP A 148 -2.40 -16.72 -16.59
CA TRP A 148 -2.91 -16.48 -15.24
C TRP A 148 -3.96 -15.36 -15.23
N GLU A 149 -3.69 -14.27 -15.95
CA GLU A 149 -4.67 -13.19 -16.19
C GLU A 149 -5.97 -13.79 -16.73
N SER A 150 -5.88 -14.64 -17.77
CA SER A 150 -7.08 -15.27 -18.33
C SER A 150 -7.81 -16.16 -17.31
N THR A 151 -7.04 -16.92 -16.52
CA THR A 151 -7.63 -17.78 -15.46
C THR A 151 -8.46 -16.96 -14.46
N LEU A 152 -7.91 -15.84 -13.99
CA LEU A 152 -8.66 -14.93 -13.12
C LEU A 152 -9.95 -14.41 -13.77
N ARG A 153 -9.86 -13.97 -15.02
CA ARG A 153 -11.06 -13.49 -15.74
C ARG A 153 -12.12 -14.58 -15.93
N VAL A 154 -11.64 -15.79 -16.25
CA VAL A 154 -12.55 -16.92 -16.53
C VAL A 154 -13.31 -17.38 -15.28
N PHE A 155 -12.62 -17.49 -14.15
CA PHE A 155 -13.20 -18.10 -12.96
C PHE A 155 -13.58 -17.15 -11.84
N CYS A 156 -12.86 -16.04 -11.71
CA CYS A 156 -12.97 -15.29 -10.46
C CYS A 156 -13.75 -13.98 -10.62
N ASN A 157 -14.87 -13.89 -9.89
CA ASN A 157 -15.52 -12.61 -9.62
C ASN A 157 -14.76 -11.89 -8.51
N ARG A 158 -14.89 -10.56 -8.48
CA ARG A 158 -14.46 -9.78 -7.34
C ARG A 158 -15.08 -10.36 -6.06
N GLY A 159 -14.24 -10.63 -5.06
CA GLY A 159 -14.70 -11.23 -3.80
C GLY A 159 -14.67 -12.76 -3.74
N ASP A 160 -14.45 -13.43 -4.88
CA ASP A 160 -14.13 -14.88 -4.85
C ASP A 160 -12.82 -15.14 -4.10
N VAL A 161 -12.66 -16.38 -3.64
CA VAL A 161 -11.51 -16.80 -2.91
C VAL A 161 -10.74 -17.83 -3.73
N ILE A 162 -9.43 -17.68 -3.77
CA ILE A 162 -8.54 -18.75 -4.27
C ILE A 162 -7.56 -19.12 -3.13
N LEU A 163 -7.04 -20.34 -3.17
CA LEU A 163 -5.94 -20.72 -2.29
C LEU A 163 -4.60 -20.51 -2.99
N VAL A 164 -3.62 -20.02 -2.21
CA VAL A 164 -2.26 -19.76 -2.68
C VAL A 164 -1.25 -20.26 -1.66
N GLU A 165 -0.02 -20.52 -2.14
CA GLU A 165 1.11 -20.80 -1.27
C GLU A 165 1.42 -19.60 -0.37
N ALA A 166 1.84 -19.87 0.88
CA ALA A 166 2.03 -18.80 1.88
C ALA A 166 2.99 -17.74 1.36
N HIS A 167 3.94 -18.15 0.52
CA HIS A 167 4.75 -17.19 -0.26
C HIS A 167 4.58 -17.60 -1.70
N SER A 168 4.37 -16.64 -2.59
CA SER A 168 4.09 -16.97 -3.99
C SER A 168 4.61 -15.86 -4.90
N PHE A 169 4.37 -16.01 -6.20
CA PHE A 169 4.93 -15.10 -7.21
C PHE A 169 4.27 -13.73 -7.06
N SER A 170 5.08 -12.69 -6.92
CA SER A 170 4.59 -11.35 -6.58
CA SER A 170 4.60 -11.34 -6.59
C SER A 170 3.56 -10.83 -7.59
N SER A 171 3.77 -11.13 -8.88
CA SER A 171 2.89 -10.66 -9.95
CA SER A 171 2.89 -10.67 -9.96
C SER A 171 1.53 -11.36 -9.94
N SER A 172 1.54 -12.67 -9.72
CA SER A 172 0.30 -13.43 -9.64
C SER A 172 -0.56 -12.95 -8.48
N LEU A 173 0.07 -12.72 -7.34
CA LEU A 173 -0.62 -12.14 -6.16
C LEU A 173 -1.14 -10.74 -6.42
N ALA A 174 -0.28 -9.86 -6.94
CA ALA A 174 -0.69 -8.51 -7.35
C ALA A 174 -1.85 -8.52 -8.32
N SER A 175 -1.80 -9.43 -9.31
CA SER A 175 -2.90 -9.54 -10.31
C SER A 175 -4.22 -9.87 -9.67
N ALA A 176 -4.21 -10.90 -8.80
CA ALA A 176 -5.43 -11.26 -8.07
C ALA A 176 -5.92 -10.10 -7.18
N GLU A 177 -4.99 -9.41 -6.51
CA GLU A 177 -5.36 -8.32 -5.61
C GLU A 177 -6.03 -7.17 -6.36
N ALA A 178 -5.47 -6.78 -7.50
CA ALA A 178 -6.07 -5.74 -8.35
C ALA A 178 -7.54 -6.07 -8.67
N GLN A 179 -7.83 -7.34 -8.93
CA GLN A 179 -9.19 -7.79 -9.25
C GLN A 179 -10.05 -8.06 -8.01
N GLY A 180 -9.48 -7.87 -6.83
CA GLY A 180 -10.25 -8.06 -5.60
C GLY A 180 -10.57 -9.52 -5.36
N VAL A 181 -9.72 -10.41 -5.90
CA VAL A 181 -9.82 -11.83 -5.61
C VAL A 181 -8.99 -12.12 -4.36
N ILE A 182 -9.62 -12.74 -3.39
CA ILE A 182 -8.98 -13.02 -2.09
C ILE A 182 -7.99 -14.17 -2.24
N THR A 183 -6.75 -13.94 -1.82
CA THR A 183 -5.71 -14.95 -1.92
C THR A 183 -5.49 -15.50 -0.51
N PHE A 184 -6.11 -16.63 -0.21
CA PHE A 184 -5.97 -17.24 1.11
C PHE A 184 -4.73 -18.15 1.19
N PRO A 185 -3.77 -17.83 2.08
CA PRO A 185 -2.52 -18.57 2.11
C PRO A 185 -2.62 -19.92 2.84
N VAL A 186 -1.91 -20.91 2.30
CA VAL A 186 -1.81 -22.23 2.93
C VAL A 186 -0.35 -22.54 3.22
N PRO A 187 -0.10 -23.28 4.31
CA PRO A 187 1.27 -23.57 4.76
C PRO A 187 2.12 -24.39 3.79
N ILE A 188 3.39 -24.02 3.70
CA ILE A 188 4.40 -24.70 2.90
C ILE A 188 5.63 -24.98 3.79
N ASP A 189 6.42 -25.98 3.42
CA ASP A 189 7.71 -26.23 4.06
C ASP A 189 8.74 -26.56 2.97
N ALA A 190 9.82 -27.25 3.34
CA ALA A 190 10.89 -27.54 2.39
C ALA A 190 10.40 -28.37 1.21
N ASP A 191 9.31 -29.09 1.41
CA ASP A 191 8.72 -29.89 0.34
C ASP A 191 7.38 -29.33 -0.20
N GLY A 192 7.23 -28.01 -0.11
CA GLY A 192 6.08 -27.31 -0.67
C GLY A 192 4.81 -27.41 0.19
N ILE A 193 3.64 -27.30 -0.47
CA ILE A 193 2.35 -27.37 0.21
C ILE A 193 2.29 -28.57 1.15
N ILE A 194 1.90 -28.31 2.41
CA ILE A 194 1.74 -29.38 3.39
C ILE A 194 0.29 -29.89 3.31
N PRO A 195 0.08 -31.12 2.80
CA PRO A 195 -1.32 -31.57 2.58
C PRO A 195 -2.21 -31.62 3.85
N GLU A 196 -1.68 -32.11 4.98
CA GLU A 196 -2.46 -32.18 6.23
C GLU A 196 -2.96 -30.81 6.67
N LYS A 197 -2.11 -29.77 6.55
CA LYS A 197 -2.51 -28.37 6.89
C LYS A 197 -3.55 -27.84 5.92
N LEU A 198 -3.38 -28.16 4.63
CA LEU A 198 -4.37 -27.80 3.63
C LEU A 198 -5.71 -28.43 3.96
N ALA A 199 -5.69 -29.73 4.25
CA ALA A 199 -6.91 -30.45 4.60
C ALA A 199 -7.65 -29.81 5.79
N LYS A 200 -6.88 -29.37 6.78
CA LYS A 200 -7.44 -28.74 7.98
C LYS A 200 -8.07 -27.39 7.68
N VAL A 201 -7.41 -26.62 6.81
CA VAL A 201 -7.98 -25.35 6.37
C VAL A 201 -9.37 -25.59 5.74
N MET A 202 -9.48 -26.62 4.91
CA MET A 202 -10.74 -26.92 4.24
C MET A 202 -11.80 -27.49 5.17
N GLU A 203 -11.40 -28.41 6.04
CA GLU A 203 -12.33 -29.00 6.99
C GLU A 203 -12.88 -27.96 7.95
N ASN A 204 -12.06 -26.98 8.32
CA ASN A 204 -12.49 -25.92 9.26
C ASN A 204 -12.99 -24.65 8.58
N TRP A 205 -13.14 -24.69 7.26
CA TRP A 205 -13.55 -23.50 6.49
C TRP A 205 -14.85 -22.92 7.03
N THR A 206 -14.81 -21.64 7.40
CA THR A 206 -15.94 -21.04 8.14
C THR A 206 -17.21 -21.09 7.31
N PRO A 207 -18.28 -21.69 7.85
CA PRO A 207 -19.57 -21.68 7.15
C PRO A 207 -19.99 -20.21 6.86
N GLY A 208 -20.44 -19.94 5.65
CA GLY A 208 -20.83 -18.62 5.25
C GLY A 208 -19.77 -17.97 4.38
N ALA A 209 -18.50 -18.33 4.58
CA ALA A 209 -17.44 -17.73 3.77
C ALA A 209 -17.45 -18.37 2.37
N PRO A 210 -17.10 -17.59 1.33
CA PRO A 210 -17.08 -18.15 -0.03
C PRO A 210 -16.16 -19.37 -0.12
N LYS A 211 -16.62 -20.42 -0.80
CA LYS A 211 -15.79 -21.63 -1.05
C LYS A 211 -14.64 -21.31 -2.00
N PRO A 212 -13.41 -21.73 -1.66
CA PRO A 212 -12.32 -21.48 -2.61
C PRO A 212 -12.65 -22.13 -3.97
N LYS A 213 -12.47 -21.39 -5.06
CA LYS A 213 -12.71 -21.94 -6.41
C LYS A 213 -11.54 -22.76 -6.96
N LEU A 214 -10.33 -22.41 -6.56
CA LEU A 214 -9.14 -23.04 -7.09
C LEU A 214 -7.93 -22.82 -6.19
N LEU A 215 -6.96 -23.71 -6.38
CA LEU A 215 -5.64 -23.59 -5.76
C LEU A 215 -4.66 -23.15 -6.85
N TYR A 216 -3.96 -22.05 -6.58
CA TYR A 216 -2.91 -21.58 -7.45
C TYR A 216 -1.56 -21.99 -6.87
N THR A 217 -0.83 -22.85 -7.57
CA THR A 217 0.42 -23.40 -7.08
C THR A 217 1.51 -23.34 -8.17
N ILE A 218 2.74 -23.14 -7.74
CA ILE A 218 3.93 -23.26 -8.61
C ILE A 218 4.70 -24.49 -8.10
N PRO A 219 4.33 -25.71 -8.56
CA PRO A 219 4.76 -26.92 -7.85
C PRO A 219 6.25 -27.26 -7.98
N THR A 220 6.91 -26.80 -9.05
CA THR A 220 8.28 -27.22 -9.34
C THR A 220 9.16 -25.97 -9.37
N GLY A 221 10.15 -25.92 -8.49
CA GLY A 221 10.97 -24.70 -8.40
C GLY A 221 10.14 -23.47 -8.04
N GLN A 222 9.36 -23.59 -6.98
CA GLN A 222 8.45 -22.55 -6.49
C GLN A 222 9.14 -21.18 -6.43
N ASN A 223 8.45 -20.19 -6.95
CA ASN A 223 8.86 -18.82 -6.80
C ASN A 223 8.08 -18.27 -5.60
N PRO A 224 8.77 -17.90 -4.49
CA PRO A 224 10.20 -17.67 -4.32
C PRO A 224 11.01 -18.71 -3.55
N THR A 225 10.36 -19.70 -2.96
CA THR A 225 11.05 -20.59 -1.99
C THR A 225 11.96 -21.64 -2.63
N GLY A 226 11.77 -21.91 -3.93
CA GLY A 226 12.65 -22.82 -4.63
C GLY A 226 12.34 -24.29 -4.36
N THR A 227 11.18 -24.53 -3.74
CA THR A 227 10.83 -25.89 -3.31
C THR A 227 10.14 -26.63 -4.45
N SER A 228 9.94 -27.93 -4.24
CA SER A 228 9.17 -28.77 -5.17
CA SER A 228 9.18 -28.76 -5.17
C SER A 228 8.20 -29.63 -4.37
N ILE A 229 6.94 -29.69 -4.79
CA ILE A 229 5.98 -30.55 -4.09
C ILE A 229 6.27 -32.02 -4.35
N ALA A 230 6.55 -32.79 -3.29
CA ALA A 230 6.89 -34.21 -3.45
C ALA A 230 5.72 -34.97 -4.12
N ASP A 231 6.05 -36.03 -4.86
CA ASP A 231 5.06 -36.79 -5.60
C ASP A 231 3.88 -37.21 -4.71
N HIS A 232 4.17 -37.77 -3.52
CA HIS A 232 3.09 -38.28 -2.64
C HIS A 232 2.19 -37.13 -2.14
N ARG A 233 2.77 -35.94 -2.00
CA ARG A 233 2.02 -34.76 -1.59
C ARG A 233 1.06 -34.32 -2.69
N LYS A 234 1.49 -34.37 -3.96
CA LYS A 234 0.61 -34.00 -5.06
C LYS A 234 -0.61 -34.94 -5.12
N GLU A 235 -0.40 -36.22 -4.90
CA GLU A 235 -1.52 -37.15 -4.79
C GLU A 235 -2.50 -36.76 -3.65
N ALA A 236 -1.98 -36.42 -2.48
CA ALA A 236 -2.84 -36.08 -1.33
C ALA A 236 -3.59 -34.76 -1.58
N ILE A 237 -2.92 -33.80 -2.22
CA ILE A 237 -3.53 -32.50 -2.54
C ILE A 237 -4.64 -32.68 -3.62
N TYR A 238 -4.37 -33.51 -4.64
CA TYR A 238 -5.42 -33.80 -5.63
C TYR A 238 -6.70 -34.35 -4.99
N LYS A 239 -6.54 -35.28 -4.05
CA LYS A 239 -7.68 -35.80 -3.26
C LYS A 239 -8.43 -34.75 -2.46
N ILE A 240 -7.71 -33.81 -1.87
CA ILE A 240 -8.34 -32.71 -1.18
C ILE A 240 -9.15 -31.84 -2.17
N ALA A 241 -8.61 -31.59 -3.38
CA ALA A 241 -9.29 -30.81 -4.39
C ALA A 241 -10.59 -31.49 -4.84
N GLN A 242 -10.55 -32.81 -4.95
CA GLN A 242 -11.78 -33.57 -5.20
C GLN A 242 -12.78 -33.45 -4.05
N LYS A 243 -12.31 -33.62 -2.81
CA LYS A 243 -13.24 -33.66 -1.65
C LYS A 243 -13.93 -32.29 -1.44
N TYR A 244 -13.21 -31.19 -1.68
CA TYR A 244 -13.76 -29.85 -1.43
C TYR A 244 -14.14 -29.10 -2.70
N ASP A 245 -13.99 -29.79 -3.84
CA ASP A 245 -14.43 -29.36 -5.16
C ASP A 245 -13.83 -28.04 -5.63
N PHE A 246 -12.52 -27.99 -5.64
CA PHE A 246 -11.85 -26.86 -6.23
C PHE A 246 -10.91 -27.31 -7.33
N LEU A 247 -10.60 -26.39 -8.23
CA LEU A 247 -9.68 -26.68 -9.33
C LEU A 247 -8.25 -26.47 -8.88
N ILE A 248 -7.31 -27.05 -9.62
CA ILE A 248 -5.89 -26.82 -9.38
C ILE A 248 -5.31 -26.18 -10.59
N VAL A 249 -4.76 -24.98 -10.40
CA VAL A 249 -4.12 -24.27 -11.47
C VAL A 249 -2.61 -24.36 -11.21
N GLU A 250 -1.92 -25.18 -12.01
CA GLU A 250 -0.47 -25.33 -11.80
C GLU A 250 0.31 -24.48 -12.79
N ASP A 251 1.05 -23.52 -12.24
CA ASP A 251 1.86 -22.57 -13.00
C ASP A 251 3.25 -23.21 -13.03
N GLU A 252 3.67 -23.73 -14.20
CA GLU A 252 4.89 -24.57 -14.26
C GLU A 252 5.99 -24.07 -15.25
N PRO A 253 6.40 -22.77 -15.17
CA PRO A 253 7.39 -22.27 -16.11
C PRO A 253 8.77 -22.93 -15.86
N TYR A 254 8.96 -23.48 -14.65
CA TYR A 254 10.26 -24.05 -14.25
C TYR A 254 10.32 -25.56 -14.27
N TYR A 255 9.29 -26.21 -14.81
CA TYR A 255 9.22 -27.67 -14.76
C TYR A 255 10.50 -28.33 -15.28
N PHE A 256 11.03 -27.79 -16.39
CA PHE A 256 12.24 -28.32 -16.97
C PHE A 256 13.53 -27.74 -16.38
N LEU A 257 13.42 -27.07 -15.23
CA LEU A 257 14.59 -26.66 -14.44
C LEU A 257 14.85 -27.63 -13.29
N GLN A 258 14.20 -28.80 -13.35
CA GLN A 258 14.54 -29.89 -12.43
C GLN A 258 16.01 -30.25 -12.62
N MET A 259 16.69 -30.52 -11.51
CA MET A 259 18.12 -30.75 -11.53
C MET A 259 18.52 -32.08 -10.97
N ASN A 260 19.70 -32.51 -11.39
CA ASN A 260 20.34 -33.63 -10.77
C ASN A 260 20.56 -33.34 -9.27
N PRO A 261 20.61 -34.39 -8.46
CA PRO A 261 20.69 -34.34 -6.98
C PRO A 261 21.88 -33.47 -6.55
N TYR A 262 21.68 -32.58 -5.58
CA TYR A 262 22.82 -31.83 -5.02
C TYR A 262 23.64 -32.80 -4.19
N ILE A 263 24.94 -32.86 -4.46
CA ILE A 263 25.89 -33.69 -3.73
C ILE A 263 26.95 -32.80 -3.08
N LYS A 264 26.95 -32.78 -1.75
CA LYS A 264 27.77 -31.85 -0.99
C LYS A 264 29.26 -32.22 -0.98
N ASP A 265 29.56 -33.51 -0.81
CA ASP A 265 30.93 -33.99 -0.80
C ASP A 265 31.46 -33.93 -2.23
N LEU A 266 32.56 -33.20 -2.41
CA LEU A 266 33.09 -32.91 -3.74
CA LEU A 266 33.12 -32.89 -3.73
C LEU A 266 33.63 -34.14 -4.45
N LYS A 267 34.22 -35.06 -3.71
CA LYS A 267 34.78 -36.29 -4.28
C LYS A 267 33.62 -37.19 -4.75
N GLU A 268 32.57 -37.26 -3.94
CA GLU A 268 31.36 -37.97 -4.34
CA GLU A 268 31.38 -38.00 -4.35
C GLU A 268 30.74 -37.33 -5.56
N ARG A 269 30.76 -36.00 -5.61
CA ARG A 269 30.16 -35.29 -6.74
C ARG A 269 30.93 -35.53 -8.05
N GLU A 270 32.27 -35.47 -8.00
CA GLU A 270 33.10 -35.77 -9.17
C GLU A 270 32.85 -37.17 -9.71
N LYS A 271 32.77 -38.16 -8.82
CA LYS A 271 32.47 -39.54 -9.24
C LYS A 271 31.15 -39.63 -9.99
N ALA A 272 30.11 -38.97 -9.46
CA ALA A 272 28.80 -38.94 -10.10
C ALA A 272 28.80 -38.22 -11.45
N GLN A 273 29.51 -37.08 -11.52
CA GLN A 273 29.65 -36.34 -12.78
C GLN A 273 30.46 -37.11 -13.87
N SER A 274 31.31 -38.04 -13.45
N SER A 274 31.30 -38.06 -13.44
CA SER A 274 32.16 -38.88 -14.33
CA SER A 274 32.15 -38.85 -14.33
C SER A 274 31.37 -39.99 -15.07
C SER A 274 31.46 -40.10 -14.92
N SER A 275 30.24 -40.37 -14.49
CA SER A 275 29.32 -41.41 -14.99
CA SER A 275 29.44 -41.46 -15.03
C SER A 275 28.71 -41.03 -16.33
N PRO A 276 28.21 -42.01 -17.11
CA PRO A 276 27.56 -41.59 -18.36
C PRO A 276 26.40 -40.61 -18.13
N LYS A 277 26.14 -39.71 -19.09
CA LYS A 277 25.01 -38.81 -18.90
C LYS A 277 23.70 -39.63 -18.97
N GLN A 278 22.60 -39.05 -18.48
CA GLN A 278 21.27 -39.66 -18.61
C GLN A 278 20.89 -39.88 -20.08
N ASP A 279 20.33 -41.05 -20.39
CA ASP A 279 19.65 -41.20 -21.70
C ASP A 279 18.17 -40.68 -21.61
N HIS A 280 17.43 -40.79 -22.71
CA HIS A 280 16.08 -40.21 -22.73
C HIS A 280 15.14 -40.92 -21.73
N ASP A 281 15.22 -42.24 -21.64
CA ASP A 281 14.38 -42.98 -20.70
CA ASP A 281 14.38 -43.00 -20.70
C ASP A 281 14.67 -42.63 -19.24
N GLU A 282 15.96 -42.51 -18.90
CA GLU A 282 16.36 -42.11 -17.54
C GLU A 282 15.93 -40.69 -17.19
N PHE A 283 16.07 -39.79 -18.15
CA PHE A 283 15.61 -38.43 -17.99
C PHE A 283 14.11 -38.40 -17.63
N LEU A 284 13.29 -39.02 -18.47
CA LEU A 284 11.83 -38.99 -18.30
C LEU A 284 11.43 -39.60 -16.95
N LYS A 285 12.11 -40.68 -16.58
CA LYS A 285 11.79 -41.36 -15.32
C LYS A 285 12.20 -40.53 -14.12
N SER A 286 13.18 -39.64 -14.28
CA SER A 286 13.63 -38.80 -13.19
C SER A 286 12.69 -37.61 -12.90
N LEU A 287 11.76 -37.31 -13.80
CA LEU A 287 10.92 -36.11 -13.66
C LEU A 287 9.80 -36.24 -12.59
N ALA A 288 9.50 -35.11 -11.96
CA ALA A 288 8.48 -35.03 -10.90
C ALA A 288 7.14 -35.34 -11.51
N ASN A 289 6.26 -36.03 -10.76
CA ASN A 289 4.85 -36.17 -11.17
CA ASN A 289 4.84 -36.17 -11.17
C ASN A 289 4.20 -34.78 -11.26
N THR A 290 3.04 -34.70 -11.91
CA THR A 290 2.39 -33.42 -12.15
C THR A 290 0.94 -33.55 -11.75
N PHE A 291 0.31 -32.45 -11.37
CA PHE A 291 -1.14 -32.52 -11.15
C PHE A 291 -1.93 -32.88 -12.43
N LEU A 292 -1.44 -32.46 -13.59
CA LEU A 292 -2.03 -32.88 -14.89
C LEU A 292 -2.14 -34.41 -15.02
N SER A 293 -1.06 -35.12 -14.71
CA SER A 293 -1.07 -36.59 -14.84
CA SER A 293 -1.00 -36.59 -14.79
C SER A 293 -1.91 -37.29 -13.78
N LEU A 294 -2.21 -36.58 -12.70
CA LEU A 294 -3.08 -37.10 -11.62
C LEU A 294 -4.57 -36.85 -11.88
N ASP A 295 -4.87 -35.95 -12.83
CA ASP A 295 -6.26 -35.49 -13.06
C ASP A 295 -7.12 -36.52 -13.79
N THR A 296 -8.12 -37.06 -13.10
CA THR A 296 -9.04 -37.98 -13.75
C THR A 296 -10.37 -37.28 -14.11
N GLU A 297 -10.47 -35.99 -13.80
CA GLU A 297 -11.76 -35.28 -13.88
C GLU A 297 -11.75 -34.00 -14.74
N GLY A 298 -10.58 -33.57 -15.21
CA GLY A 298 -10.49 -32.28 -15.86
C GLY A 298 -10.60 -31.13 -14.87
N ARG A 299 -10.12 -31.32 -13.64
CA ARG A 299 -10.13 -30.20 -12.68
C ARG A 299 -8.79 -29.50 -12.57
N VAL A 300 -7.83 -29.90 -13.41
CA VAL A 300 -6.49 -29.32 -13.37
C VAL A 300 -6.31 -28.50 -14.61
N ILE A 301 -5.76 -27.30 -14.42
CA ILE A 301 -5.33 -26.48 -15.55
C ILE A 301 -3.82 -26.26 -15.41
N ARG A 302 -3.04 -26.69 -16.41
CA ARG A 302 -1.59 -26.56 -16.33
C ARG A 302 -1.20 -25.40 -17.22
N MET A 303 -0.34 -24.52 -16.72
CA MET A 303 0.10 -23.40 -17.56
C MET A 303 1.56 -23.62 -17.87
N ASP A 304 1.87 -23.85 -19.15
CA ASP A 304 3.24 -24.07 -19.61
C ASP A 304 3.74 -22.87 -20.40
N SER A 305 5.04 -22.59 -20.29
CA SER A 305 5.66 -21.49 -21.04
C SER A 305 6.97 -21.87 -21.73
N PHE A 306 7.25 -21.23 -22.87
CA PHE A 306 8.58 -21.37 -23.49
C PHE A 306 9.59 -20.35 -22.98
N SER A 307 9.21 -19.55 -21.98
CA SER A 307 10.07 -18.46 -21.48
CA SER A 307 10.06 -18.46 -21.49
C SER A 307 11.42 -18.94 -20.95
N LYS A 308 11.41 -19.95 -20.08
CA LYS A 308 12.64 -20.40 -19.45
C LYS A 308 13.32 -21.50 -20.22
N VAL A 309 12.62 -22.08 -21.17
N VAL A 309 12.62 -22.08 -21.17
CA VAL A 309 13.18 -23.15 -22.01
CA VAL A 309 13.19 -23.17 -21.99
C VAL A 309 13.81 -22.58 -23.29
C VAL A 309 13.74 -22.69 -23.37
N LEU A 310 13.06 -21.71 -23.97
CA LEU A 310 13.53 -21.10 -25.22
C LEU A 310 13.99 -19.64 -25.00
N ALA A 311 13.08 -18.72 -24.63
CA ALA A 311 13.47 -17.32 -24.31
C ALA A 311 12.23 -16.58 -23.84
N PRO A 312 12.37 -15.66 -22.86
CA PRO A 312 11.21 -14.88 -22.38
C PRO A 312 10.49 -14.11 -23.50
N GLY A 313 11.23 -13.56 -24.45
CA GLY A 313 10.63 -12.81 -25.54
C GLY A 313 9.90 -13.59 -26.61
N THR A 314 9.91 -14.94 -26.55
CA THR A 314 9.02 -15.71 -27.40
C THR A 314 7.55 -15.34 -27.17
N ARG A 315 7.19 -14.94 -25.95
N ARG A 315 7.19 -14.93 -25.95
CA ARG A 315 5.81 -14.58 -25.58
CA ARG A 315 5.80 -14.58 -25.61
C ARG A 315 4.86 -15.65 -26.09
C ARG A 315 4.86 -15.65 -26.09
N LEU A 316 5.15 -16.90 -25.71
CA LEU A 316 4.40 -18.03 -26.17
C LEU A 316 4.42 -19.08 -25.09
N GLY A 317 3.26 -19.68 -24.88
CA GLY A 317 3.12 -20.78 -23.91
C GLY A 317 1.87 -21.52 -24.32
N TRP A 318 1.35 -22.34 -23.41
CA TRP A 318 0.06 -22.99 -23.65
C TRP A 318 -0.59 -23.38 -22.33
N ILE A 319 -1.88 -23.65 -22.39
CA ILE A 319 -2.62 -24.23 -21.28
CA ILE A 319 -2.54 -24.28 -21.27
C ILE A 319 -3.06 -25.62 -21.70
N THR A 320 -3.08 -26.56 -20.74
CA THR A 320 -3.63 -27.88 -20.98
C THR A 320 -4.75 -28.06 -19.94
N GLY A 321 -5.90 -28.55 -20.42
CA GLY A 321 -7.08 -28.78 -19.60
C GLY A 321 -8.12 -29.42 -20.48
N SER A 322 -9.34 -29.60 -19.94
CA SER A 322 -10.36 -30.35 -20.66
C SER A 322 -10.92 -29.49 -21.80
N SER A 323 -11.54 -30.14 -22.78
CA SER A 323 -12.18 -29.42 -23.87
CA SER A 323 -12.21 -29.43 -23.88
C SER A 323 -13.26 -28.46 -23.33
N LYS A 324 -13.93 -28.87 -22.26
CA LYS A 324 -14.95 -28.06 -21.58
C LYS A 324 -14.37 -26.80 -20.96
N ILE A 325 -13.30 -26.97 -20.21
CA ILE A 325 -12.64 -25.88 -19.52
C ILE A 325 -12.03 -24.88 -20.49
N LEU A 326 -11.56 -25.36 -21.64
CA LEU A 326 -10.85 -24.50 -22.58
C LEU A 326 -11.79 -23.57 -23.38
N LYS A 327 -13.08 -23.89 -23.44
CA LYS A 327 -14.09 -23.09 -24.19
CA LYS A 327 -14.01 -23.08 -24.22
C LYS A 327 -14.09 -21.61 -23.77
N PRO A 328 -14.24 -21.34 -22.46
CA PRO A 328 -14.25 -19.90 -22.13
C PRO A 328 -12.91 -19.21 -22.31
N TYR A 329 -11.80 -19.93 -22.13
CA TYR A 329 -10.49 -19.35 -22.42
C TYR A 329 -10.38 -18.95 -23.88
N LEU A 330 -10.82 -19.82 -24.79
CA LEU A 330 -10.74 -19.44 -26.23
C LEU A 330 -11.61 -18.20 -26.56
N SER A 331 -12.81 -18.15 -25.98
CA SER A 331 -13.71 -16.99 -26.20
CA SER A 331 -13.71 -16.99 -26.19
C SER A 331 -13.08 -15.69 -25.71
N LEU A 332 -12.44 -15.75 -24.53
CA LEU A 332 -11.74 -14.59 -23.99
C LEU A 332 -10.57 -14.19 -24.89
N HIS A 333 -9.77 -15.17 -25.32
CA HIS A 333 -8.61 -14.89 -26.19
C HIS A 333 -9.02 -14.25 -27.50
N GLU A 334 -10.08 -14.77 -28.08
CA GLU A 334 -10.65 -14.18 -29.29
C GLU A 334 -10.93 -12.69 -29.18
N MET A 335 -11.29 -12.22 -27.99
CA MET A 335 -11.61 -10.80 -27.75
C MET A 335 -10.52 -10.02 -27.02
N THR A 336 -9.36 -10.62 -26.82
CA THR A 336 -8.28 -9.91 -26.15
C THR A 336 -6.99 -9.95 -27.00
N ILE A 337 -6.17 -10.98 -26.80
CA ILE A 337 -4.92 -11.11 -27.54
C ILE A 337 -5.16 -11.43 -29.01
N GLN A 338 -6.27 -12.13 -29.28
CA GLN A 338 -6.61 -12.71 -30.60
C GLN A 338 -5.92 -14.01 -30.97
N ALA A 339 -4.58 -14.04 -30.86
CA ALA A 339 -3.73 -15.19 -31.18
C ALA A 339 -2.31 -14.74 -30.83
N PRO A 340 -1.45 -15.65 -30.36
CA PRO A 340 -0.03 -15.30 -30.19
C PRO A 340 0.56 -14.87 -31.53
N ALA A 341 1.60 -14.03 -31.48
CA ALA A 341 2.20 -13.45 -32.69
C ALA A 341 2.55 -14.53 -33.73
N GLY A 342 2.17 -14.29 -34.97
CA GLY A 342 2.41 -15.28 -36.02
C GLY A 342 3.90 -15.60 -36.22
N PHE A 343 4.75 -14.59 -36.27
CA PHE A 343 6.17 -14.88 -36.42
C PHE A 343 6.77 -15.72 -35.28
N THR A 344 6.33 -15.48 -34.05
CA THR A 344 6.86 -16.26 -32.91
C THR A 344 6.43 -17.73 -33.05
N GLN A 345 5.19 -17.93 -33.50
CA GLN A 345 4.70 -19.28 -33.70
C GLN A 345 5.50 -19.96 -34.83
N VAL A 346 5.79 -19.23 -35.91
CA VAL A 346 6.52 -19.80 -37.05
C VAL A 346 7.89 -20.29 -36.62
N LEU A 347 8.60 -19.45 -35.86
CA LEU A 347 10.00 -19.70 -35.50
C LEU A 347 10.10 -20.74 -34.39
N VAL A 348 9.16 -20.72 -33.45
CA VAL A 348 9.16 -21.78 -32.40
C VAL A 348 8.81 -23.13 -33.00
N ASN A 349 7.73 -23.17 -33.79
CA ASN A 349 7.37 -24.40 -34.50
C ASN A 349 8.49 -24.94 -35.38
N ALA A 350 9.13 -24.05 -36.14
CA ALA A 350 10.09 -24.50 -37.15
C ALA A 350 11.31 -25.14 -36.48
N THR A 351 11.79 -24.49 -35.43
CA THR A 351 12.95 -24.97 -34.69
C THR A 351 12.62 -26.27 -33.94
N LEU A 352 11.49 -26.29 -33.25
CA LEU A 352 11.08 -27.51 -32.53
C LEU A 352 10.79 -28.69 -33.47
N SER A 353 10.12 -28.44 -34.58
N SER A 353 10.10 -28.42 -34.57
CA SER A 353 9.83 -29.52 -35.55
CA SER A 353 9.81 -29.43 -35.59
C SER A 353 11.09 -30.13 -36.14
C SER A 353 11.11 -30.11 -36.03
N ARG A 354 12.13 -29.30 -36.31
CA ARG A 354 13.39 -29.81 -36.83
C ARG A 354 14.19 -30.55 -35.77
N TRP A 355 14.11 -30.12 -34.52
CA TRP A 355 14.72 -30.86 -33.44
C TRP A 355 13.99 -32.20 -33.29
N GLY A 356 12.66 -32.17 -33.45
CA GLY A 356 11.81 -33.35 -33.21
C GLY A 356 11.57 -33.48 -31.70
N GLN A 357 10.68 -34.38 -31.33
CA GLN A 357 10.38 -34.62 -29.92
C GLN A 357 11.66 -35.09 -29.21
N LYS A 358 12.44 -35.94 -29.88
CA LYS A 358 13.70 -36.46 -29.31
C LYS A 358 14.78 -35.38 -29.17
N GLY A 359 14.98 -34.60 -30.23
CA GLY A 359 15.90 -33.46 -30.17
C GLY A 359 15.49 -32.45 -29.09
N TYR A 360 14.20 -32.28 -28.84
CA TYR A 360 13.76 -31.38 -27.80
C TYR A 360 14.12 -31.96 -26.43
N LEU A 361 14.01 -33.28 -26.23
CA LEU A 361 14.52 -33.86 -24.97
C LEU A 361 16.03 -33.62 -24.79
N ASP A 362 16.80 -33.68 -25.88
CA ASP A 362 18.24 -33.40 -25.79
C ASP A 362 18.44 -31.97 -25.31
N TRP A 363 17.61 -31.06 -25.83
CA TRP A 363 17.66 -29.65 -25.42
C TRP A 363 17.37 -29.52 -23.93
N LEU A 364 16.29 -30.16 -23.47
CA LEU A 364 15.88 -30.10 -22.07
C LEU A 364 16.92 -30.77 -21.12
N LEU A 365 17.58 -31.81 -21.60
CA LEU A 365 18.71 -32.41 -20.87
C LEU A 365 19.89 -31.44 -20.71
N GLY A 366 20.20 -30.71 -21.79
CA GLY A 366 21.17 -29.63 -21.73
C GLY A 366 20.78 -28.54 -20.74
N LEU A 367 19.51 -28.17 -20.76
CA LEU A 367 19.04 -27.16 -19.84
C LEU A 367 19.20 -27.62 -18.37
N ARG A 368 18.76 -28.84 -18.09
CA ARG A 368 18.96 -29.46 -16.78
C ARG A 368 20.44 -29.40 -16.33
N HIS A 369 21.35 -29.75 -17.24
CA HIS A 369 22.79 -29.75 -16.92
C HIS A 369 23.29 -28.34 -16.54
N GLU A 370 22.96 -27.33 -17.34
CA GLU A 370 23.41 -25.97 -17.05
C GLU A 370 22.90 -25.48 -15.69
N TYR A 371 21.62 -25.71 -15.40
CA TYR A 371 21.07 -25.31 -14.11
C TYR A 371 21.70 -26.02 -12.92
N THR A 372 22.00 -27.31 -13.10
CA THR A 372 22.64 -28.09 -12.03
C THR A 372 23.95 -27.42 -11.62
N LEU A 373 24.76 -27.07 -12.62
CA LEU A 373 26.06 -26.44 -12.35
C LEU A 373 25.91 -25.12 -11.60
N LYS A 374 24.92 -24.33 -11.98
CA LYS A 374 24.66 -23.03 -11.36
CA LYS A 374 24.71 -23.03 -11.34
C LYS A 374 24.24 -23.20 -9.91
N ARG A 375 23.33 -24.16 -9.70
CA ARG A 375 22.82 -24.48 -8.36
C ARG A 375 23.93 -24.94 -7.42
N ASP A 376 24.79 -25.83 -7.91
CA ASP A 376 25.91 -26.36 -7.13
C ASP A 376 26.81 -25.21 -6.69
N CYS A 377 27.10 -24.31 -7.62
CA CYS A 377 27.93 -23.16 -7.36
C CYS A 377 27.28 -22.28 -6.26
N ALA A 378 25.98 -22.03 -6.38
CA ALA A 378 25.30 -21.19 -5.40
C ALA A 378 25.37 -21.81 -4.00
N ILE A 379 25.05 -23.10 -3.92
CA ILE A 379 24.91 -23.77 -2.64
C ILE A 379 26.26 -23.97 -1.98
N ASP A 380 27.28 -24.31 -2.79
CA ASP A 380 28.66 -24.36 -2.31
C ASP A 380 29.06 -23.03 -1.65
N ALA A 381 28.72 -21.92 -2.30
CA ALA A 381 29.04 -20.58 -1.77
C ALA A 381 28.32 -20.31 -0.46
N LEU A 382 27.04 -20.68 -0.39
CA LEU A 382 26.31 -20.52 0.85
C LEU A 382 26.94 -21.33 2.00
N TYR A 383 27.27 -22.59 1.76
CA TYR A 383 27.92 -23.38 2.82
C TYR A 383 29.26 -22.78 3.22
N LYS A 384 29.93 -22.12 2.26
CA LYS A 384 31.24 -21.54 2.52
C LYS A 384 31.20 -20.19 3.27
N TYR A 385 30.19 -19.36 2.97
CA TYR A 385 30.19 -17.95 3.39
C TYR A 385 29.10 -17.50 4.37
N LEU A 386 28.08 -18.33 4.58
CA LEU A 386 27.07 -18.01 5.58
C LEU A 386 27.54 -18.57 6.93
N PRO A 387 27.12 -17.94 8.05
CA PRO A 387 27.37 -18.59 9.34
C PRO A 387 26.73 -19.97 9.35
N GLN A 388 27.43 -20.95 9.93
CA GLN A 388 26.91 -22.31 9.94
C GLN A 388 26.33 -22.58 11.32
N SER A 389 25.00 -22.57 11.40
CA SER A 389 24.28 -22.73 12.68
C SER A 389 22.79 -22.92 12.39
N ASP A 390 22.04 -23.39 13.39
CA ASP A 390 20.59 -23.64 13.26
C ASP A 390 19.79 -22.39 12.85
N ALA A 391 20.38 -21.21 13.06
CA ALA A 391 19.74 -19.95 12.69
C ALA A 391 19.72 -19.64 11.17
N PHE A 392 20.56 -20.34 10.41
CA PHE A 392 20.78 -20.07 8.98
C PHE A 392 20.60 -21.33 8.15
N VAL A 393 19.35 -21.65 7.83
CA VAL A 393 19.04 -22.93 7.21
C VAL A 393 19.25 -22.88 5.69
N ILE A 394 19.96 -23.87 5.16
CA ILE A 394 20.24 -23.95 3.72
C ILE A 394 19.48 -25.15 3.16
N ASN A 395 18.56 -24.90 2.24
CA ASN A 395 17.90 -26.01 1.56
C ASN A 395 18.26 -26.01 0.08
N PRO A 396 19.16 -26.92 -0.34
CA PRO A 396 19.54 -26.94 -1.77
C PRO A 396 18.32 -27.30 -2.63
N PRO A 397 17.90 -26.40 -3.54
CA PRO A 397 16.67 -26.71 -4.31
C PRO A 397 16.91 -27.89 -5.26
N ILE A 398 15.89 -28.71 -5.51
CA ILE A 398 16.07 -29.81 -6.43
C ILE A 398 15.61 -29.38 -7.84
N ALA A 399 14.99 -28.20 -7.94
CA ALA A 399 14.45 -27.69 -9.22
C ALA A 399 14.42 -26.18 -9.18
N GLY A 400 14.51 -25.53 -10.35
CA GLY A 400 14.26 -24.10 -10.43
C GLY A 400 15.51 -23.24 -10.51
N MET A 401 15.31 -21.93 -10.44
CA MET A 401 16.42 -20.99 -10.56
C MET A 401 16.65 -20.13 -9.29
N PHE A 402 15.93 -20.47 -8.22
CA PHE A 402 15.91 -19.67 -6.99
C PHE A 402 16.42 -20.46 -5.84
N PHE A 403 17.08 -19.75 -4.93
CA PHE A 403 17.42 -20.29 -3.64
C PHE A 403 17.03 -19.25 -2.60
N THR A 404 16.94 -19.70 -1.35
CA THR A 404 16.55 -18.84 -0.27
CA THR A 404 16.58 -18.79 -0.26
C THR A 404 17.63 -18.84 0.82
N VAL A 405 17.89 -17.68 1.43
CA VAL A 405 18.75 -17.63 2.58
C VAL A 405 17.83 -17.35 3.76
N ASN A 406 17.70 -18.34 4.63
CA ASN A 406 16.77 -18.29 5.75
C ASN A 406 17.47 -17.90 7.04
N ILE A 407 16.85 -16.97 7.76
CA ILE A 407 17.43 -16.31 8.91
C ILE A 407 16.42 -16.29 10.07
N ASP A 408 16.84 -16.84 11.22
CA ASP A 408 16.05 -16.76 12.45
C ASP A 408 16.34 -15.42 13.08
N ALA A 409 15.42 -14.47 12.83
CA ALA A 409 15.54 -13.12 13.29
C ALA A 409 15.77 -13.08 14.81
N SER A 410 15.18 -14.04 15.52
CA SER A 410 15.21 -14.03 17.00
C SER A 410 16.60 -14.26 17.58
N VAL A 411 17.55 -14.66 16.74
CA VAL A 411 18.93 -14.84 17.18
C VAL A 411 19.76 -13.56 17.04
N HIS A 412 19.24 -12.56 16.32
CA HIS A 412 19.94 -11.26 16.23
C HIS A 412 20.05 -10.64 17.63
N PRO A 413 21.25 -10.16 18.04
CA PRO A 413 21.46 -9.58 19.39
C PRO A 413 20.55 -8.39 19.74
N GLU A 414 20.01 -7.71 18.73
CA GLU A 414 19.19 -6.54 18.94
C GLU A 414 17.72 -6.75 18.56
N PHE A 415 17.32 -8.01 18.41
CA PHE A 415 15.96 -8.32 17.93
C PHE A 415 14.90 -7.76 18.86
N LYS A 416 15.12 -7.98 20.16
CA LYS A 416 14.21 -7.59 21.22
C LYS A 416 14.33 -6.10 21.52
N THR A 417 15.55 -5.59 21.59
CA THR A 417 15.77 -4.17 21.86
C THR A 417 15.48 -3.28 20.64
N LYS A 418 16.38 -3.30 19.67
CA LYS A 418 16.30 -2.38 18.53
C LYS A 418 15.07 -2.61 17.64
N TYR A 419 14.81 -3.89 17.35
CA TYR A 419 13.79 -4.28 16.38
C TYR A 419 12.42 -4.68 16.96
N ASN A 420 12.25 -4.51 18.27
CA ASN A 420 10.97 -4.76 18.96
C ASN A 420 10.36 -6.10 18.62
N SER A 421 11.19 -7.13 18.59
CA SER A 421 10.76 -8.46 18.18
C SER A 421 9.95 -8.47 16.88
N ASP A 422 10.19 -7.50 16.00
CA ASP A 422 9.54 -7.43 14.69
C ASP A 422 10.48 -7.90 13.58
N PRO A 423 10.30 -9.16 13.12
CA PRO A 423 11.15 -9.76 12.08
C PRO A 423 11.15 -8.96 10.77
N TYR A 424 10.01 -8.36 10.41
CA TYR A 424 9.93 -7.50 9.21
C TYR A 424 10.87 -6.28 9.27
N GLN A 425 10.97 -5.67 10.44
CA GLN A 425 11.89 -4.53 10.62
C GLN A 425 13.33 -4.97 10.45
N LEU A 426 13.69 -6.16 10.96
CA LEU A 426 15.04 -6.68 10.76
C LEU A 426 15.28 -6.98 9.27
N GLU A 427 14.35 -7.67 8.64
CA GLU A 427 14.46 -7.94 7.20
C GLU A 427 14.80 -6.68 6.39
N GLN A 428 13.98 -5.64 6.55
CA GLN A 428 14.15 -4.38 5.83
C GLN A 428 15.51 -3.70 6.04
N SER A 429 16.00 -3.73 7.28
CA SER A 429 17.29 -3.11 7.54
C SER A 429 18.45 -3.98 6.98
N LEU A 430 18.34 -5.30 7.09
CA LEU A 430 19.30 -6.21 6.41
C LEU A 430 19.34 -5.95 4.91
N TYR A 431 18.18 -5.73 4.30
CA TYR A 431 18.12 -5.45 2.86
C TYR A 431 19.02 -4.28 2.48
N HIS A 432 18.89 -3.17 3.22
CA HIS A 432 19.73 -1.98 3.01
C HIS A 432 21.19 -2.35 3.28
N LYS A 433 21.42 -2.98 4.43
CA LYS A 433 22.78 -3.34 4.87
C LYS A 433 23.48 -4.22 3.86
N VAL A 434 22.72 -5.07 3.17
CA VAL A 434 23.27 -5.96 2.14
C VAL A 434 23.59 -5.18 0.85
N VAL A 435 22.69 -4.29 0.44
CA VAL A 435 22.92 -3.40 -0.70
C VAL A 435 24.12 -2.45 -0.44
N GLU A 436 24.33 -2.06 0.82
CA GLU A 436 25.48 -1.21 1.26
C GLU A 436 26.79 -1.99 1.13
N ARG A 437 26.69 -3.32 1.19
CA ARG A 437 27.83 -4.23 0.99
C ARG A 437 28.03 -4.60 -0.47
N GLY A 438 27.08 -4.25 -1.33
CA GLY A 438 27.24 -4.48 -2.78
C GLY A 438 26.57 -5.70 -3.39
N VAL A 439 25.56 -6.23 -2.69
CA VAL A 439 24.78 -7.34 -3.24
C VAL A 439 23.27 -7.11 -3.01
N LEU A 440 22.48 -7.48 -4.00
CA LEU A 440 21.03 -7.38 -3.89
C LEU A 440 20.37 -8.77 -3.98
N VAL A 441 19.76 -9.17 -2.88
CA VAL A 441 18.82 -10.28 -2.85
C VAL A 441 17.51 -9.72 -2.31
N VAL A 442 16.40 -10.41 -2.56
CA VAL A 442 15.11 -9.79 -2.40
C VAL A 442 14.35 -10.33 -1.19
N PRO A 443 13.72 -9.41 -0.44
CA PRO A 443 13.04 -9.70 0.80
C PRO A 443 11.88 -10.66 0.60
N GLY A 444 11.87 -11.69 1.44
CA GLY A 444 10.77 -12.62 1.52
C GLY A 444 9.40 -11.96 1.63
N SER A 445 9.31 -10.88 2.42
CA SER A 445 8.02 -10.20 2.59
C SER A 445 7.35 -9.75 1.28
N TRP A 446 8.15 -9.52 0.21
CA TRP A 446 7.57 -9.08 -1.07
C TRP A 446 6.74 -10.17 -1.74
N PHE A 447 6.90 -11.39 -1.25
CA PHE A 447 6.22 -12.57 -1.79
C PHE A 447 5.14 -13.12 -0.84
N LYS A 448 4.94 -12.45 0.29
CA LYS A 448 4.08 -13.01 1.34
C LYS A 448 2.61 -12.83 0.96
N SER A 449 1.89 -13.94 0.82
CA SER A 449 0.46 -13.91 0.52
C SER A 449 -0.36 -13.46 1.74
N GLU A 450 -1.38 -12.61 1.52
CA GLU A 450 -2.25 -12.15 2.61
CA GLU A 450 -2.24 -12.17 2.61
C GLU A 450 -3.70 -12.20 2.15
N GLY A 451 -4.56 -12.82 2.95
CA GLY A 451 -5.99 -12.86 2.61
C GLY A 451 -6.88 -13.20 3.79
N GLU A 452 -8.11 -12.71 3.76
N GLU A 452 -8.08 -12.64 3.83
CA GLU A 452 -9.08 -12.91 4.82
CA GLU A 452 -9.07 -13.05 4.81
C GLU A 452 -10.49 -12.98 4.21
C GLU A 452 -10.46 -13.05 4.17
N THR A 453 -11.36 -13.81 4.79
CA THR A 453 -12.71 -13.97 4.30
C THR A 453 -13.68 -13.28 5.24
N GLU A 454 -14.90 -13.05 4.78
CA GLU A 454 -15.99 -12.63 5.64
C GLU A 454 -17.06 -13.75 5.57
N PRO A 455 -17.40 -14.35 6.72
CA PRO A 455 -16.75 -14.20 8.04
C PRO A 455 -15.32 -14.79 8.02
N PRO A 456 -14.48 -14.37 8.99
CA PRO A 456 -13.09 -14.82 9.03
C PRO A 456 -12.92 -16.33 9.22
N GLN A 457 -11.79 -16.84 8.76
CA GLN A 457 -11.36 -18.22 9.03
C GLN A 457 -10.87 -18.35 10.48
N PRO A 458 -10.94 -19.56 11.07
CA PRO A 458 -10.56 -19.67 12.49
C PRO A 458 -9.06 -19.44 12.69
N ALA A 459 -8.67 -19.19 13.94
CA ALA A 459 -7.27 -18.94 14.32
C ALA A 459 -6.29 -19.98 13.76
N GLU A 460 -6.59 -21.28 13.91
CA GLU A 460 -5.73 -22.36 13.46
C GLU A 460 -5.38 -22.24 11.98
N SER A 461 -6.32 -21.73 11.19
CA SER A 461 -6.07 -21.59 9.74
C SER A 461 -5.15 -20.41 9.41
N LYS A 462 -4.92 -19.56 10.40
CA LYS A 462 -4.06 -18.38 10.24
C LYS A 462 -2.68 -18.58 10.85
N GLU A 463 -2.43 -19.74 11.44
CA GLU A 463 -1.17 -19.96 12.12
C GLU A 463 0.00 -19.86 11.15
N VAL A 464 1.12 -19.37 11.66
CA VAL A 464 2.38 -19.38 10.92
C VAL A 464 3.41 -20.13 11.74
N SER A 465 3.98 -21.17 11.15
CA SER A 465 5.08 -21.89 11.76
C SER A 465 6.31 -20.99 11.63
N ASN A 466 7.14 -20.99 12.67
CA ASN A 466 8.38 -20.21 12.67
C ASN A 466 8.16 -18.75 12.21
N PRO A 467 7.33 -17.99 12.95
CA PRO A 467 7.00 -16.61 12.55
C PRO A 467 8.19 -15.66 12.65
N ASN A 468 9.26 -16.07 13.32
CA ASN A 468 10.46 -15.26 13.36
C ASN A 468 11.48 -15.55 12.23
N ILE A 469 11.21 -16.57 11.41
CA ILE A 469 12.04 -16.83 10.21
C ILE A 469 11.76 -15.79 9.13
N ILE A 470 12.81 -15.06 8.74
CA ILE A 470 12.77 -14.24 7.54
C ILE A 470 13.66 -14.87 6.45
N PHE A 471 13.48 -14.45 5.21
CA PHE A 471 14.40 -14.92 4.16
C PHE A 471 14.62 -13.95 3.03
N PHE A 472 15.68 -14.18 2.25
CA PHE A 472 15.87 -13.49 0.98
C PHE A 472 15.94 -14.48 -0.17
N ARG A 473 15.31 -14.12 -1.28
CA ARG A 473 15.40 -14.94 -2.51
C ARG A 473 16.58 -14.44 -3.31
N GLY A 474 17.41 -15.38 -3.75
CA GLY A 474 18.41 -15.09 -4.76
C GLY A 474 18.22 -16.01 -5.94
N THR A 475 18.84 -15.66 -7.06
CA THR A 475 18.81 -16.53 -8.25
C THR A 475 20.21 -16.81 -8.75
N TYR A 476 20.45 -18.00 -9.29
CA TYR A 476 21.73 -18.31 -9.91
C TYR A 476 21.64 -18.38 -11.45
N ALA A 477 20.49 -17.98 -12.00
CA ALA A 477 20.21 -18.10 -13.43
C ALA A 477 21.01 -17.10 -14.27
N ALA A 478 21.10 -15.85 -13.81
CA ALA A 478 21.51 -14.72 -14.65
C ALA A 478 22.97 -14.33 -14.65
N VAL A 479 23.75 -14.70 -13.64
CA VAL A 479 25.13 -14.16 -13.55
C VAL A 479 26.16 -15.27 -13.67
N SER A 480 27.40 -14.86 -13.95
CA SER A 480 28.55 -15.76 -14.05
C SER A 480 28.79 -16.44 -12.70
N PRO A 481 29.44 -17.63 -12.72
CA PRO A 481 29.80 -18.30 -11.46
C PRO A 481 30.63 -17.41 -10.53
N GLU A 482 31.54 -16.62 -11.10
CA GLU A 482 32.42 -15.72 -10.33
C GLU A 482 31.64 -14.63 -9.60
N LYS A 483 30.66 -14.04 -10.30
CA LYS A 483 29.86 -12.95 -9.76
C LYS A 483 28.90 -13.50 -8.71
N LEU A 484 28.31 -14.66 -9.00
CA LEU A 484 27.45 -15.36 -8.06
C LEU A 484 28.18 -15.63 -6.73
N THR A 485 29.36 -16.23 -6.82
CA THR A 485 30.19 -16.54 -5.66
C THR A 485 30.56 -15.27 -4.84
N GLU A 486 31.00 -14.22 -5.55
CA GLU A 486 31.34 -12.95 -4.89
C GLU A 486 30.14 -12.31 -4.21
N GLY A 487 28.99 -12.33 -4.87
CA GLY A 487 27.75 -11.81 -4.26
C GLY A 487 27.43 -12.52 -2.95
N LEU A 488 27.48 -13.84 -2.95
CA LEU A 488 27.15 -14.63 -1.77
C LEU A 488 28.18 -14.50 -0.65
N LYS A 489 29.45 -14.31 -1.03
CA LYS A 489 30.51 -13.93 -0.10
C LYS A 489 30.18 -12.60 0.61
N ARG A 490 29.78 -11.59 -0.15
CA ARG A 490 29.42 -10.30 0.43
C ARG A 490 28.22 -10.43 1.39
N LEU A 491 27.23 -11.18 0.95
CA LEU A 491 26.03 -11.41 1.76
C LEU A 491 26.39 -12.12 3.08
N GLY A 492 27.20 -13.16 2.98
CA GLY A 492 27.64 -13.90 4.16
C GLY A 492 28.44 -13.05 5.12
N ASP A 493 29.37 -12.24 4.59
CA ASP A 493 30.12 -11.28 5.41
C ASP A 493 29.19 -10.31 6.16
N THR A 494 28.16 -9.82 5.48
CA THR A 494 27.19 -8.92 6.10
C THR A 494 26.51 -9.62 7.28
N LEU A 495 26.14 -10.88 7.09
CA LEU A 495 25.40 -11.61 8.14
C LEU A 495 26.24 -11.90 9.39
N TYR A 496 27.51 -12.26 9.20
CA TYR A 496 28.41 -12.47 10.33
C TYR A 496 28.50 -11.18 11.17
N GLU A 497 28.82 -10.09 10.49
CA GLU A 497 29.01 -8.79 11.12
CA GLU A 497 29.00 -8.78 11.10
C GLU A 497 27.75 -8.39 11.87
N GLU A 498 26.63 -8.40 11.16
CA GLU A 498 25.34 -7.98 11.66
C GLU A 498 24.82 -8.84 12.81
N PHE A 499 25.14 -10.14 12.81
CA PHE A 499 24.67 -11.06 13.85
C PHE A 499 25.65 -11.26 15.01
N GLY A 500 26.76 -10.52 15.00
CA GLY A 500 27.80 -10.65 16.05
C GLY A 500 28.43 -12.03 16.15
N ILE A 501 28.57 -12.72 15.00
CA ILE A 501 29.16 -14.06 14.97
C ILE A 501 30.62 -13.97 14.52
N SER A 502 31.50 -14.66 15.26
CA SER A 502 32.96 -14.53 15.08
C SER A 502 33.53 -15.24 13.84
N THR B 5 6.53 26.78 -22.82
CA THR B 5 6.43 25.70 -23.84
C THR B 5 5.00 25.13 -23.91
N LEU B 6 4.86 23.94 -24.49
CA LEU B 6 3.55 23.28 -24.61
C LEU B 6 2.93 22.95 -23.25
N PRO B 7 1.59 22.98 -23.15
CA PRO B 7 0.98 22.65 -21.88
C PRO B 7 1.13 21.15 -21.55
N GLU B 8 1.07 20.85 -20.25
CA GLU B 8 1.12 19.49 -19.74
CA GLU B 8 1.10 19.48 -19.79
C GLU B 8 -0.31 18.94 -19.76
N SER B 9 -0.45 17.63 -20.01
CA SER B 9 -1.75 16.97 -19.97
C SER B 9 -2.42 17.17 -18.64
N LYS B 10 -3.75 17.09 -18.65
CA LYS B 10 -4.55 17.13 -17.43
C LYS B 10 -4.60 15.74 -16.77
N ASP B 11 -4.87 15.74 -15.46
CA ASP B 11 -4.96 14.53 -14.67
C ASP B 11 -6.41 14.04 -14.62
N PHE B 12 -6.66 12.92 -15.30
CA PHE B 12 -7.99 12.34 -15.39
C PHE B 12 -8.07 11.09 -14.53
N SER B 13 -7.26 11.03 -13.48
CA SER B 13 -7.15 9.80 -12.69
C SER B 13 -8.46 9.51 -11.96
N TYR B 14 -9.28 10.55 -11.77
CA TYR B 14 -10.62 10.40 -11.19
C TYR B 14 -11.53 9.48 -12.06
N LEU B 15 -11.17 9.29 -13.33
CA LEU B 15 -11.87 8.34 -14.23
C LEU B 15 -11.39 6.87 -14.15
N PHE B 16 -10.25 6.60 -13.50
CA PHE B 16 -9.70 5.23 -13.46
C PHE B 16 -10.66 4.26 -12.77
N SER B 17 -10.66 3.01 -13.23
CA SER B 17 -11.53 1.99 -12.66
C SER B 17 -11.03 1.61 -11.28
N ASP B 18 -11.88 0.90 -10.54
CA ASP B 18 -11.50 0.38 -9.22
C ASP B 18 -10.30 -0.55 -9.33
N GLU B 19 -10.29 -1.37 -10.37
CA GLU B 19 -9.22 -2.33 -10.61
C GLU B 19 -7.89 -1.58 -10.80
N THR B 20 -7.90 -0.58 -11.68
CA THR B 20 -6.75 0.31 -11.87
C THR B 20 -6.24 0.93 -10.56
N ASN B 21 -7.14 1.48 -9.73
CA ASN B 21 -6.74 2.07 -8.43
C ASN B 21 -6.17 1.04 -7.45
N ALA B 22 -6.61 -0.21 -7.57
CA ALA B 22 -6.12 -1.29 -6.70
C ALA B 22 -4.83 -1.96 -7.22
N ARG B 23 -4.51 -1.76 -8.48
CA ARG B 23 -3.29 -2.39 -9.01
C ARG B 23 -2.05 -1.68 -8.45
N LYS B 24 -1.25 -2.40 -7.69
CA LYS B 24 0.01 -1.85 -7.14
C LYS B 24 1.17 -2.67 -7.69
N PRO B 25 2.13 -2.02 -8.36
CA PRO B 25 3.22 -2.78 -8.95
C PRO B 25 4.22 -3.17 -7.85
N SER B 26 4.98 -4.25 -8.06
CA SER B 26 5.86 -4.76 -7.01
C SER B 26 7.10 -3.89 -6.85
N PRO B 27 7.61 -3.80 -5.61
CA PRO B 27 8.93 -3.21 -5.43
C PRO B 27 9.98 -4.00 -6.25
N LEU B 28 9.66 -5.26 -6.54
CA LEU B 28 10.45 -6.11 -7.41
C LEU B 28 10.70 -5.48 -8.79
N LYS B 29 9.74 -4.70 -9.29
CA LYS B 29 9.90 -4.03 -10.59
C LYS B 29 11.07 -3.06 -10.59
N THR B 30 11.27 -2.35 -9.49
CA THR B 30 12.41 -1.46 -9.29
C THR B 30 13.75 -2.18 -9.49
N CYS B 31 13.88 -3.32 -8.84
CA CYS B 31 15.10 -4.12 -8.88
C CYS B 31 15.59 -4.47 -10.28
N ILE B 32 14.68 -4.78 -11.19
CA ILE B 32 15.03 -5.21 -12.54
C ILE B 32 15.76 -4.14 -13.36
N HIS B 33 15.97 -2.97 -12.75
CA HIS B 33 16.78 -1.92 -13.35
C HIS B 33 18.23 -1.98 -12.89
N LEU B 34 18.55 -2.85 -11.94
CA LEU B 34 19.91 -2.90 -11.38
C LEU B 34 20.80 -4.01 -11.95
N PHE B 35 20.41 -4.57 -13.09
CA PHE B 35 21.17 -5.64 -13.76
C PHE B 35 22.59 -5.27 -14.19
N GLN B 36 22.72 -4.25 -15.03
CA GLN B 36 24.04 -3.83 -15.55
C GLN B 36 24.87 -3.01 -14.54
N ASP B 37 24.25 -2.65 -13.42
CA ASP B 37 24.97 -1.94 -12.36
C ASP B 37 26.19 -2.73 -11.87
N PRO B 38 27.39 -2.10 -11.88
CA PRO B 38 28.66 -2.79 -11.65
C PRO B 38 29.16 -2.73 -10.20
N ASN B 39 28.44 -1.99 -9.35
CA ASN B 39 28.84 -1.86 -7.96
C ASN B 39 28.01 -2.76 -7.04
N ILE B 40 26.76 -2.99 -7.46
CA ILE B 40 25.83 -3.90 -6.79
C ILE B 40 25.73 -5.16 -7.63
N ILE B 41 26.07 -6.31 -7.05
CA ILE B 41 25.85 -7.62 -7.68
C ILE B 41 24.40 -8.01 -7.42
N PHE B 42 23.69 -8.25 -8.51
CA PHE B 42 22.25 -8.36 -8.43
C PHE B 42 21.81 -9.82 -8.63
N LEU B 43 21.40 -10.42 -7.52
CA LEU B 43 20.96 -11.81 -7.50
C LEU B 43 19.44 -11.82 -7.29
N GLY B 44 18.78 -10.74 -7.69
CA GLY B 44 17.38 -10.53 -7.35
C GLY B 44 16.35 -10.67 -8.46
N GLY B 45 16.76 -11.14 -9.63
CA GLY B 45 15.82 -11.21 -10.76
C GLY B 45 15.51 -12.64 -11.07
N GLY B 46 14.92 -12.89 -12.25
CA GLY B 46 14.74 -14.22 -12.81
C GLY B 46 15.03 -14.22 -14.31
N LEU B 47 16.16 -13.62 -14.72
CA LEU B 47 16.45 -13.42 -16.15
C LEU B 47 17.38 -14.50 -16.71
N PRO B 48 16.82 -15.45 -17.48
CA PRO B 48 17.68 -16.55 -17.93
C PRO B 48 18.81 -16.03 -18.83
N LEU B 49 19.92 -16.78 -18.93
CA LEU B 49 21.04 -16.42 -19.79
C LEU B 49 20.70 -16.38 -21.25
N LYS B 50 21.11 -15.29 -21.88
CA LYS B 50 20.82 -15.09 -23.28
C LYS B 50 21.63 -16.07 -24.12
N ASP B 51 22.71 -16.63 -23.56
CA ASP B 51 23.48 -17.67 -24.23
C ASP B 51 22.61 -18.81 -24.70
N TYR B 52 21.53 -19.14 -23.98
CA TYR B 52 20.70 -20.31 -24.33
C TYR B 52 19.58 -20.01 -25.31
N PHE B 53 19.39 -18.75 -25.70
CA PHE B 53 18.29 -18.48 -26.63
C PHE B 53 18.66 -19.15 -27.98
N PRO B 54 17.80 -20.08 -28.46
CA PRO B 54 18.26 -20.97 -29.55
C PRO B 54 18.06 -20.43 -30.98
N TRP B 55 18.34 -19.15 -31.21
CA TRP B 55 18.25 -18.56 -32.55
C TRP B 55 19.36 -17.53 -32.73
N ASP B 56 19.89 -17.47 -33.94
CA ASP B 56 20.79 -16.38 -34.29
C ASP B 56 20.63 -16.12 -35.79
N ASN B 57 21.04 -14.94 -36.23
CA ASN B 57 21.03 -14.57 -37.63
C ASN B 57 19.63 -14.72 -38.22
N LEU B 58 18.70 -13.95 -37.67
CA LEU B 58 17.34 -13.91 -38.20
C LEU B 58 17.37 -13.08 -39.50
N SER B 59 16.93 -13.68 -40.60
CA SER B 59 16.98 -13.00 -41.91
C SER B 59 15.61 -13.00 -42.58
N VAL B 60 15.36 -12.05 -43.48
CA VAL B 60 14.09 -12.06 -44.23
C VAL B 60 14.21 -11.17 -45.46
N ASP B 61 13.29 -11.35 -46.41
CA ASP B 61 13.17 -10.49 -47.60
C ASP B 61 11.98 -9.56 -47.38
N SER B 62 12.11 -8.28 -47.73
CA SER B 62 10.98 -7.34 -47.70
C SER B 62 10.95 -6.58 -49.02
N PRO B 63 9.78 -6.05 -49.43
CA PRO B 63 9.75 -5.26 -50.67
C PRO B 63 10.55 -3.94 -50.54
N LYS B 64 10.85 -3.30 -51.66
CA LYS B 64 11.77 -2.15 -51.69
CA LYS B 64 11.77 -2.15 -51.69
C LYS B 64 11.08 -0.85 -52.10
N PRO B 65 11.23 0.21 -51.28
CA PRO B 65 10.67 1.51 -51.70
C PRO B 65 11.30 1.95 -53.04
N PRO B 66 10.57 2.74 -53.85
CA PRO B 66 9.25 3.30 -53.56
C PRO B 66 8.12 2.40 -54.06
N PHE B 67 8.38 1.09 -54.13
CA PHE B 67 7.38 0.07 -54.53
C PHE B 67 6.75 0.36 -55.92
N PRO B 68 7.59 0.63 -56.94
CA PRO B 68 7.04 1.11 -58.23
C PRO B 68 6.09 0.14 -58.92
N GLN B 69 6.19 -1.15 -58.62
CA GLN B 69 5.35 -2.14 -59.27
C GLN B 69 4.07 -2.43 -58.47
N GLY B 70 3.83 -1.67 -57.40
CA GLY B 70 2.72 -1.97 -56.53
C GLY B 70 3.19 -2.72 -55.29
N ILE B 71 2.52 -2.50 -54.18
CA ILE B 71 2.89 -3.17 -52.93
C ILE B 71 2.54 -4.66 -52.87
N GLY B 72 1.82 -5.14 -53.88
CA GLY B 72 1.51 -6.56 -53.99
C GLY B 72 2.41 -7.33 -54.97
N ALA B 73 3.40 -6.65 -55.56
CA ALA B 73 4.34 -7.32 -56.49
C ALA B 73 5.16 -8.39 -55.75
N PRO B 74 5.61 -9.45 -56.46
CA PRO B 74 6.41 -10.49 -55.78
C PRO B 74 7.64 -9.86 -55.13
N ILE B 75 8.02 -10.37 -53.95
CA ILE B 75 9.26 -9.93 -53.27
C ILE B 75 10.45 -10.72 -53.86
N ASP B 76 11.00 -10.17 -54.93
CA ASP B 76 12.16 -10.74 -55.64
C ASP B 76 12.74 -9.72 -56.61
N GLU B 77 13.74 -10.14 -57.38
CA GLU B 77 14.43 -9.26 -58.33
C GLU B 77 14.72 -7.94 -57.64
N GLN B 78 14.38 -6.86 -58.33
CA GLN B 78 14.62 -5.50 -57.84
C GLN B 78 13.79 -5.18 -56.59
N ASN B 79 12.60 -5.78 -56.47
CA ASN B 79 11.71 -5.46 -55.39
C ASN B 79 12.00 -6.30 -54.16
N CYS B 80 13.22 -6.16 -53.62
CA CYS B 80 13.68 -7.06 -52.57
C CYS B 80 14.84 -6.46 -51.75
N ILE B 81 14.62 -6.30 -50.46
CA ILE B 81 15.68 -5.94 -49.52
C ILE B 81 15.88 -7.20 -48.70
N LYS B 82 17.15 -7.55 -48.46
CA LYS B 82 17.50 -8.65 -47.60
C LYS B 82 18.26 -8.09 -46.39
N TYR B 83 17.96 -8.61 -45.22
CA TYR B 83 18.76 -8.28 -44.05
C TYR B 83 18.87 -9.44 -43.06
N THR B 84 19.75 -9.28 -42.08
CA THR B 84 20.00 -10.33 -41.08
C THR B 84 20.24 -9.63 -39.76
N VAL B 85 19.55 -10.10 -38.72
CA VAL B 85 19.67 -9.49 -37.42
C VAL B 85 20.40 -10.53 -36.54
N ASN B 86 21.48 -10.10 -35.89
CA ASN B 86 22.27 -10.99 -35.05
C ASN B 86 21.77 -11.01 -33.61
N LYS B 87 22.17 -12.05 -32.87
CA LYS B 87 21.80 -12.18 -31.46
C LYS B 87 22.56 -11.16 -30.60
N ASP B 88 23.86 -11.04 -30.90
CA ASP B 88 24.73 -10.06 -30.27
C ASP B 88 25.59 -9.40 -31.32
N TYR B 89 25.94 -8.15 -31.02
CA TYR B 89 26.86 -7.35 -31.83
C TYR B 89 28.13 -7.05 -31.03
N ALA B 90 29.29 -7.40 -31.60
CA ALA B 90 30.60 -7.16 -30.96
C ALA B 90 30.68 -5.73 -30.40
N ASP B 91 30.36 -4.74 -31.23
CA ASP B 91 30.19 -3.34 -30.82
C ASP B 91 29.11 -2.70 -31.71
N LYS B 92 28.56 -1.57 -31.25
CA LYS B 92 27.52 -0.83 -32.00
C LYS B 92 27.84 -0.58 -33.49
N SER B 93 29.12 -0.59 -33.84
CA SER B 93 29.59 -0.39 -35.22
C SER B 93 29.41 -1.64 -36.09
N ALA B 94 29.42 -2.82 -35.47
CA ALA B 94 29.05 -4.06 -36.16
C ALA B 94 27.52 -4.13 -36.36
N ASN B 95 26.80 -3.14 -35.78
CA ASN B 95 25.34 -2.92 -35.91
C ASN B 95 24.94 -1.57 -36.54
N PRO B 96 25.30 -1.33 -37.82
CA PRO B 96 25.03 -0.03 -38.44
C PRO B 96 23.55 0.26 -38.60
N SER B 97 22.74 -0.78 -38.74
CA SER B 97 21.29 -0.64 -39.00
C SER B 97 20.48 -0.29 -37.76
N ASN B 98 21.12 -0.39 -36.58
CA ASN B 98 20.46 -0.15 -35.29
C ASN B 98 19.21 -1.05 -35.09
N ASP B 99 19.39 -2.34 -35.39
CA ASP B 99 18.38 -3.38 -35.17
C ASP B 99 18.33 -3.68 -33.70
N ILE B 100 17.19 -4.22 -33.25
CA ILE B 100 17.05 -4.75 -31.89
C ILE B 100 17.77 -6.10 -31.91
N PRO B 101 18.89 -6.23 -31.16
CA PRO B 101 19.55 -7.52 -31.23
C PRO B 101 18.67 -8.63 -30.62
N LEU B 102 18.75 -9.86 -31.14
CA LEU B 102 17.90 -10.94 -30.60
C LEU B 102 18.10 -11.15 -29.12
N SER B 103 19.32 -10.95 -28.63
CA SER B 103 19.59 -11.19 -27.21
C SER B 103 18.76 -10.26 -26.33
N ARG B 104 18.46 -9.07 -26.84
CA ARG B 104 17.65 -8.11 -26.12
C ARG B 104 16.13 -8.29 -26.42
N ALA B 105 15.78 -8.49 -27.69
CA ALA B 105 14.38 -8.75 -28.08
C ALA B 105 13.79 -9.93 -27.32
N LEU B 106 14.65 -10.92 -27.04
CA LEU B 106 14.17 -12.16 -26.49
C LEU B 106 14.35 -12.28 -24.98
N GLN B 107 14.95 -11.26 -24.37
CA GLN B 107 15.09 -11.23 -22.90
C GLN B 107 13.92 -10.48 -22.29
N TYR B 108 13.61 -10.72 -21.01
CA TYR B 108 12.62 -9.87 -20.30
C TYR B 108 13.05 -8.39 -20.34
N GLY B 109 12.09 -7.47 -20.20
CA GLY B 109 12.41 -6.04 -20.14
C GLY B 109 11.67 -5.25 -21.21
N PHE B 110 11.79 -3.91 -21.16
CA PHE B 110 11.14 -3.01 -22.14
C PHE B 110 9.66 -3.37 -22.36
N SER B 111 8.91 -3.46 -21.26
CA SER B 111 7.51 -3.87 -21.33
CA SER B 111 7.50 -3.83 -21.28
C SER B 111 6.65 -2.90 -22.15
N ALA B 112 7.13 -1.68 -22.35
CA ALA B 112 6.44 -0.71 -23.21
C ALA B 112 6.73 -0.93 -24.72
N GLY B 113 7.70 -1.79 -25.04
CA GLY B 113 8.13 -1.94 -26.43
C GLY B 113 9.59 -1.56 -26.54
N GLN B 114 10.30 -2.19 -27.49
CA GLN B 114 11.74 -1.97 -27.66
C GLN B 114 11.99 -0.55 -28.13
N PRO B 115 13.03 0.11 -27.57
CA PRO B 115 13.25 1.52 -27.87
C PRO B 115 13.37 1.86 -29.34
N GLU B 116 14.00 0.99 -30.14
CA GLU B 116 14.17 1.33 -31.56
C GLU B 116 12.79 1.42 -32.25
N LEU B 117 11.90 0.49 -31.91
CA LEU B 117 10.58 0.44 -32.49
C LEU B 117 9.77 1.67 -32.03
N LEU B 118 9.81 1.99 -30.74
CA LEU B 118 9.05 3.15 -30.26
C LEU B 118 9.61 4.43 -30.85
N ASN B 119 10.92 4.48 -31.08
CA ASN B 119 11.49 5.67 -31.69
CA ASN B 119 11.52 5.67 -31.70
C ASN B 119 11.01 5.87 -33.15
N PHE B 120 10.94 4.77 -33.91
CA PHE B 120 10.40 4.86 -35.27
C PHE B 120 8.94 5.37 -35.22
N ILE B 121 8.13 4.76 -34.36
CA ILE B 121 6.75 5.16 -34.16
C ILE B 121 6.60 6.63 -33.75
N ARG B 122 7.42 7.08 -32.80
CA ARG B 122 7.41 8.51 -32.39
C ARG B 122 7.76 9.43 -33.56
N ASP B 123 8.79 9.08 -34.33
CA ASP B 123 9.14 9.88 -35.51
C ASP B 123 7.99 9.92 -36.50
N HIS B 124 7.34 8.78 -36.73
CA HIS B 124 6.16 8.69 -37.60
C HIS B 124 4.99 9.53 -37.05
N THR B 125 4.77 9.44 -35.75
CA THR B 125 3.73 10.24 -35.09
C THR B 125 3.87 11.75 -35.44
N LYS B 126 5.08 12.25 -35.35
CA LYS B 126 5.36 13.66 -35.55
C LYS B 126 5.19 14.08 -37.01
N ILE B 127 5.41 13.15 -37.94
CA ILE B 127 5.15 13.42 -39.36
C ILE B 127 3.63 13.51 -39.64
N ILE B 128 2.87 12.59 -39.09
CA ILE B 128 1.44 12.47 -39.38
C ILE B 128 0.55 13.48 -38.64
N HIS B 129 0.85 13.70 -37.36
CA HIS B 129 0.00 14.49 -36.46
C HIS B 129 0.61 15.83 -36.09
N ASP B 130 -0.22 16.76 -35.65
CA ASP B 130 0.26 18.05 -35.19
C ASP B 130 0.01 18.06 -33.69
N LEU B 131 1.03 17.74 -32.89
CA LEU B 131 0.80 17.55 -31.45
C LEU B 131 0.83 18.88 -30.70
N LYS B 132 -0.05 19.00 -29.73
CA LYS B 132 -0.32 20.29 -29.10
C LYS B 132 -0.23 20.27 -27.55
N TYR B 133 0.36 19.20 -26.99
CA TYR B 133 0.69 19.19 -25.56
C TYR B 133 2.02 18.46 -25.38
N LYS B 134 2.65 18.67 -24.22
CA LYS B 134 4.07 18.33 -24.03
C LYS B 134 4.36 16.85 -23.87
N ASP B 135 3.58 16.20 -23.00
CA ASP B 135 3.93 14.85 -22.52
C ASP B 135 3.17 13.72 -23.21
N TRP B 136 3.06 13.76 -24.54
CA TRP B 136 2.48 12.66 -25.26
C TRP B 136 3.54 11.55 -25.37
N ASP B 137 3.08 10.30 -25.46
CA ASP B 137 3.99 9.17 -25.60
C ASP B 137 3.24 8.04 -26.26
N VAL B 138 3.95 6.93 -26.47
CA VAL B 138 3.40 5.79 -27.14
C VAL B 138 3.73 4.54 -26.33
N LEU B 139 2.88 3.54 -26.48
CA LEU B 139 3.03 2.29 -25.78
C LEU B 139 2.66 1.19 -26.77
N ALA B 140 3.54 0.20 -26.91
CA ALA B 140 3.30 -0.89 -27.85
C ALA B 140 2.22 -1.82 -27.32
N THR B 141 1.39 -2.35 -28.22
CA THR B 141 0.31 -3.26 -27.84
C THR B 141 0.43 -4.48 -28.73
N ALA B 142 -0.38 -5.51 -28.42
CA ALA B 142 -0.52 -6.67 -29.28
C ALA B 142 -1.59 -6.48 -30.35
N GLY B 143 -2.01 -5.24 -30.61
CA GLY B 143 -3.06 -5.00 -31.58
C GLY B 143 -4.22 -4.22 -30.99
N ASN B 144 -5.12 -3.72 -31.83
CA ASN B 144 -6.22 -2.88 -31.34
C ASN B 144 -7.27 -3.65 -30.52
N THR B 145 -7.40 -4.95 -30.82
CA THR B 145 -8.24 -5.86 -30.02
C THR B 145 -7.80 -5.80 -28.54
N ASN B 146 -6.52 -6.03 -28.31
CA ASN B 146 -6.05 -6.00 -26.94
C ASN B 146 -6.04 -4.59 -26.37
N ALA B 147 -5.66 -3.60 -27.18
CA ALA B 147 -5.70 -2.21 -26.72
C ALA B 147 -7.09 -1.80 -26.22
N TRP B 148 -8.15 -2.25 -26.88
CA TRP B 148 -9.52 -1.89 -26.43
C TRP B 148 -9.90 -2.62 -25.12
N GLU B 149 -9.60 -3.90 -25.04
CA GLU B 149 -9.69 -4.72 -23.80
CA GLU B 149 -9.89 -4.57 -23.79
C GLU B 149 -9.06 -3.97 -22.64
N SER B 150 -7.83 -3.51 -22.88
CA SER B 150 -7.07 -2.83 -21.84
C SER B 150 -7.71 -1.48 -21.42
N THR B 151 -8.24 -0.75 -22.42
CA THR B 151 -8.93 0.51 -22.20
C THR B 151 -10.13 0.26 -21.27
N LEU B 152 -10.91 -0.77 -21.57
CA LEU B 152 -12.06 -1.08 -20.74
C LEU B 152 -11.60 -1.43 -19.31
N ARG B 153 -10.49 -2.17 -19.15
CA ARG B 153 -10.02 -2.50 -17.77
C ARG B 153 -9.55 -1.26 -17.02
N VAL B 154 -8.87 -0.38 -17.75
CA VAL B 154 -8.27 0.79 -17.13
C VAL B 154 -9.31 1.79 -16.64
N PHE B 155 -10.35 2.04 -17.45
CA PHE B 155 -11.30 3.09 -17.12
C PHE B 155 -12.68 2.65 -16.59
N CYS B 156 -13.15 1.48 -16.97
CA CYS B 156 -14.56 1.13 -16.74
C CYS B 156 -14.79 0.05 -15.69
N ASN B 157 -15.56 0.41 -14.68
CA ASN B 157 -16.11 -0.59 -13.76
C ASN B 157 -17.36 -1.14 -14.43
N ARG B 158 -17.80 -2.31 -13.98
CA ARG B 158 -19.08 -2.84 -14.38
C ARG B 158 -20.15 -1.78 -14.07
N GLY B 159 -21.00 -1.47 -15.03
CA GLY B 159 -22.02 -0.45 -14.81
C GLY B 159 -21.63 0.95 -15.26
N ASP B 160 -20.36 1.18 -15.56
CA ASP B 160 -19.92 2.45 -16.17
C ASP B 160 -20.49 2.56 -17.59
N VAL B 161 -20.56 3.81 -18.08
CA VAL B 161 -21.11 4.09 -19.40
C VAL B 161 -20.06 4.69 -20.34
N ILE B 162 -20.10 4.21 -21.58
CA ILE B 162 -19.33 4.85 -22.61
C ILE B 162 -20.26 5.28 -23.75
N LEU B 163 -19.81 6.23 -24.57
CA LEU B 163 -20.58 6.59 -25.76
C LEU B 163 -19.98 5.83 -26.94
N VAL B 164 -20.83 5.31 -27.81
CA VAL B 164 -20.39 4.62 -29.05
C VAL B 164 -21.20 5.13 -30.23
N GLU B 165 -20.66 5.02 -31.44
CA GLU B 165 -21.42 5.29 -32.67
C GLU B 165 -22.64 4.33 -32.76
N ALA B 166 -23.74 4.83 -33.31
CA ALA B 166 -25.03 4.11 -33.42
C ALA B 166 -24.85 2.71 -33.99
N HIS B 167 -23.95 2.62 -34.96
CA HIS B 167 -23.47 1.35 -35.49
C HIS B 167 -21.97 1.32 -35.35
N SER B 168 -21.45 0.21 -34.85
CA SER B 168 -20.02 0.15 -34.48
C SER B 168 -19.45 -1.24 -34.66
N PHE B 169 -18.17 -1.41 -34.31
CA PHE B 169 -17.44 -2.65 -34.51
C PHE B 169 -18.01 -3.67 -33.53
N SER B 170 -18.49 -4.78 -34.11
CA SER B 170 -19.14 -5.85 -33.34
CA SER B 170 -19.14 -5.86 -33.35
C SER B 170 -18.32 -6.36 -32.16
N SER B 171 -17.04 -6.57 -32.38
CA SER B 171 -16.13 -7.09 -31.35
CA SER B 171 -16.13 -7.08 -31.35
C SER B 171 -15.92 -6.09 -30.20
N SER B 172 -15.78 -4.80 -30.52
CA SER B 172 -15.67 -3.77 -29.46
C SER B 172 -16.90 -3.75 -28.58
N LEU B 173 -18.06 -3.78 -29.23
CA LEU B 173 -19.32 -3.88 -28.50
C LEU B 173 -19.40 -5.14 -27.61
N ALA B 174 -19.07 -6.29 -28.18
CA ALA B 174 -19.12 -7.54 -27.39
C ALA B 174 -18.11 -7.55 -26.22
N SER B 175 -16.96 -6.90 -26.39
CA SER B 175 -15.97 -6.75 -25.27
C SER B 175 -16.55 -5.94 -24.13
N ALA B 176 -17.14 -4.79 -24.46
CA ALA B 176 -17.81 -3.94 -23.51
C ALA B 176 -18.99 -4.67 -22.81
N GLU B 177 -19.80 -5.37 -23.60
CA GLU B 177 -20.92 -6.15 -23.06
C GLU B 177 -20.48 -7.23 -22.07
N ALA B 178 -19.43 -8.01 -22.42
CA ALA B 178 -18.89 -9.01 -21.49
C ALA B 178 -18.51 -8.37 -20.16
N GLN B 179 -17.93 -7.15 -20.20
CA GLN B 179 -17.51 -6.44 -18.97
C GLN B 179 -18.62 -5.62 -18.28
N GLY B 180 -19.85 -5.73 -18.79
CA GLY B 180 -20.98 -5.01 -18.17
C GLY B 180 -20.88 -3.50 -18.29
N VAL B 181 -20.14 -3.05 -19.28
CA VAL B 181 -19.96 -1.62 -19.58
C VAL B 181 -21.07 -1.19 -20.55
N ILE B 182 -21.85 -0.21 -20.14
CA ILE B 182 -22.98 0.28 -20.96
C ILE B 182 -22.45 1.05 -22.17
N THR B 183 -22.95 0.66 -23.35
CA THR B 183 -22.56 1.31 -24.60
C THR B 183 -23.74 2.14 -25.09
N PHE B 184 -23.71 3.44 -24.78
CA PHE B 184 -24.82 4.31 -25.17
C PHE B 184 -24.60 4.89 -26.54
N PRO B 185 -25.49 4.56 -27.51
CA PRO B 185 -25.32 4.98 -28.91
C PRO B 185 -25.59 6.46 -29.17
N VAL B 186 -24.75 7.07 -30.01
CA VAL B 186 -24.97 8.44 -30.46
C VAL B 186 -25.10 8.44 -31.99
N PRO B 187 -25.88 9.39 -32.56
CA PRO B 187 -26.18 9.33 -33.99
C PRO B 187 -25.02 9.70 -34.90
N ILE B 188 -25.00 9.05 -36.06
CA ILE B 188 -24.01 9.22 -37.10
C ILE B 188 -24.76 9.40 -38.43
N ASP B 189 -24.08 9.97 -39.43
CA ASP B 189 -24.63 10.06 -40.80
C ASP B 189 -23.48 9.88 -41.81
N ALA B 190 -23.66 10.36 -43.03
CA ALA B 190 -22.66 10.26 -44.10
C ALA B 190 -21.28 10.85 -43.76
N ASP B 191 -21.25 11.76 -42.78
CA ASP B 191 -20.03 12.42 -42.33
C ASP B 191 -19.65 12.04 -40.91
N GLY B 192 -20.11 10.87 -40.48
CA GLY B 192 -19.80 10.36 -39.14
C GLY B 192 -20.64 10.93 -38.02
N ILE B 193 -20.12 10.85 -36.79
CA ILE B 193 -20.79 11.39 -35.62
C ILE B 193 -21.35 12.78 -35.91
N ILE B 194 -22.62 13.00 -35.54
CA ILE B 194 -23.27 14.30 -35.70
C ILE B 194 -23.06 15.08 -34.42
N PRO B 195 -22.23 16.14 -34.47
CA PRO B 195 -21.89 16.86 -33.22
C PRO B 195 -23.07 17.53 -32.50
N GLU B 196 -23.99 18.14 -33.24
CA GLU B 196 -25.20 18.75 -32.62
C GLU B 196 -26.00 17.72 -31.81
N LYS B 197 -26.15 16.51 -32.36
CA LYS B 197 -26.91 15.44 -31.68
C LYS B 197 -26.17 14.88 -30.46
N LEU B 198 -24.85 14.74 -30.57
CA LEU B 198 -24.03 14.37 -29.43
C LEU B 198 -24.13 15.41 -28.30
N ALA B 199 -24.06 16.69 -28.67
CA ALA B 199 -24.14 17.79 -27.71
C ALA B 199 -25.45 17.75 -26.94
N LYS B 200 -26.53 17.43 -27.64
CA LYS B 200 -27.85 17.34 -27.01
C LYS B 200 -27.92 16.18 -26.02
N VAL B 201 -27.45 15.00 -26.44
CA VAL B 201 -27.37 13.82 -25.56
C VAL B 201 -26.70 14.17 -24.23
N MET B 202 -25.62 14.96 -24.29
CA MET B 202 -24.89 15.36 -23.08
C MET B 202 -25.64 16.42 -22.29
N GLU B 203 -26.11 17.46 -22.99
CA GLU B 203 -26.96 18.48 -22.37
C GLU B 203 -28.16 17.87 -21.61
N ASN B 204 -28.80 16.87 -22.22
CA ASN B 204 -30.01 16.26 -21.68
C ASN B 204 -29.76 15.03 -20.80
N TRP B 205 -28.48 14.75 -20.49
CA TRP B 205 -28.13 13.55 -19.73
C TRP B 205 -28.84 13.52 -18.39
N THR B 206 -29.60 12.47 -18.14
CA THR B 206 -30.44 12.40 -16.93
C THR B 206 -29.60 12.47 -15.66
N PRO B 207 -29.86 13.49 -14.81
CA PRO B 207 -29.26 13.62 -13.48
C PRO B 207 -29.35 12.31 -12.69
N GLY B 208 -28.24 11.91 -12.09
CA GLY B 208 -28.20 10.66 -11.34
C GLY B 208 -27.74 9.44 -12.11
N ALA B 209 -27.90 9.46 -13.44
CA ALA B 209 -27.35 8.40 -14.30
C ALA B 209 -25.81 8.50 -14.40
N PRO B 210 -25.11 7.36 -14.53
CA PRO B 210 -23.65 7.40 -14.66
C PRO B 210 -23.24 8.33 -15.79
N LYS B 211 -22.31 9.24 -15.55
CA LYS B 211 -21.81 10.13 -16.60
C LYS B 211 -20.80 9.37 -17.48
N PRO B 212 -20.91 9.44 -18.83
CA PRO B 212 -20.00 8.72 -19.75
C PRO B 212 -18.54 9.06 -19.47
N LYS B 213 -17.68 8.06 -19.44
CA LYS B 213 -16.24 8.25 -19.18
C LYS B 213 -15.48 8.55 -20.46
N LEU B 214 -16.00 8.04 -21.57
CA LEU B 214 -15.31 8.18 -22.86
C LEU B 214 -16.25 7.96 -24.03
N LEU B 215 -15.85 8.55 -25.16
CA LEU B 215 -16.43 8.25 -26.46
C LEU B 215 -15.49 7.28 -27.18
N TYR B 216 -16.03 6.14 -27.62
CA TYR B 216 -15.30 5.18 -28.47
C TYR B 216 -15.74 5.39 -29.92
N THR B 217 -14.79 5.79 -30.75
CA THR B 217 -15.10 6.14 -32.12
C THR B 217 -14.08 5.53 -33.09
N ILE B 218 -14.56 5.20 -34.30
CA ILE B 218 -13.71 4.70 -35.37
C ILE B 218 -13.80 5.77 -36.46
N PRO B 219 -13.02 6.84 -36.31
CA PRO B 219 -13.34 8.00 -37.13
C PRO B 219 -13.08 7.89 -38.63
N THR B 220 -12.10 7.08 -39.04
CA THR B 220 -11.71 7.01 -40.46
C THR B 220 -12.00 5.63 -41.05
N GLY B 221 -12.88 5.56 -42.04
CA GLY B 221 -13.31 4.26 -42.60
C GLY B 221 -14.08 3.51 -41.51
N GLN B 222 -15.02 4.23 -40.91
CA GLN B 222 -15.83 3.73 -39.80
C GLN B 222 -16.36 2.33 -40.07
N ASN B 223 -16.26 1.45 -39.06
CA ASN B 223 -16.72 0.07 -39.19
C ASN B 223 -18.08 0.01 -38.46
N PRO B 224 -19.19 -0.22 -39.20
CA PRO B 224 -19.32 -0.66 -40.59
C PRO B 224 -19.64 0.37 -41.68
N THR B 225 -19.91 1.62 -41.30
CA THR B 225 -20.56 2.52 -42.24
C THR B 225 -19.65 3.06 -43.34
N GLY B 226 -18.34 2.97 -43.15
CA GLY B 226 -17.37 3.42 -44.17
C GLY B 226 -17.19 4.92 -44.27
N THR B 227 -17.57 5.64 -43.23
CA THR B 227 -17.55 7.10 -43.24
C THR B 227 -16.29 7.64 -42.58
N SER B 228 -16.03 8.93 -42.81
CA SER B 228 -14.92 9.64 -42.19
CA SER B 228 -14.91 9.63 -42.18
C SER B 228 -15.45 10.89 -41.53
N ILE B 229 -15.04 11.16 -40.29
CA ILE B 229 -15.58 12.31 -39.58
C ILE B 229 -14.91 13.57 -40.13
N ALA B 230 -15.72 14.49 -40.63
CA ALA B 230 -15.22 15.71 -41.24
C ALA B 230 -14.30 16.48 -40.27
N ASP B 231 -13.26 17.12 -40.82
CA ASP B 231 -12.33 17.89 -40.01
C ASP B 231 -13.04 18.83 -39.02
N HIS B 232 -13.98 19.65 -39.50
CA HIS B 232 -14.66 20.60 -38.62
C HIS B 232 -15.50 19.89 -37.55
N ARG B 233 -16.02 18.70 -37.87
CA ARG B 233 -16.82 17.94 -36.89
C ARG B 233 -15.97 17.42 -35.72
N LYS B 234 -14.73 17.03 -36.01
CA LYS B 234 -13.82 16.60 -34.95
C LYS B 234 -13.57 17.79 -34.01
N GLU B 235 -13.40 18.98 -34.57
CA GLU B 235 -13.14 20.15 -33.75
C GLU B 235 -14.31 20.34 -32.76
N ALA B 236 -15.53 20.27 -33.30
CA ALA B 236 -16.74 20.37 -32.50
C ALA B 236 -16.88 19.24 -31.47
N ILE B 237 -16.56 18.01 -31.88
CA ILE B 237 -16.70 16.88 -30.98
C ILE B 237 -15.73 17.03 -29.81
N TYR B 238 -14.51 17.48 -30.11
CA TYR B 238 -13.49 17.69 -29.10
C TYR B 238 -13.95 18.71 -28.05
N LYS B 239 -14.60 19.78 -28.50
CA LYS B 239 -15.18 20.78 -27.59
C LYS B 239 -16.20 20.18 -26.65
N ILE B 240 -17.05 19.28 -27.18
CA ILE B 240 -18.09 18.61 -26.37
C ILE B 240 -17.43 17.77 -25.29
N ALA B 241 -16.35 17.06 -25.69
CA ALA B 241 -15.56 16.28 -24.75
C ALA B 241 -14.95 17.13 -23.64
N GLN B 242 -14.48 18.33 -23.99
CA GLN B 242 -13.93 19.24 -22.98
C GLN B 242 -15.02 19.72 -22.02
N LYS B 243 -16.18 20.01 -22.58
CA LYS B 243 -17.29 20.58 -21.82
C LYS B 243 -17.86 19.57 -20.82
N TYR B 244 -18.04 18.33 -21.24
CA TYR B 244 -18.73 17.32 -20.43
C TYR B 244 -17.76 16.33 -19.81
N ASP B 245 -16.48 16.67 -19.96
CA ASP B 245 -15.37 15.92 -19.40
C ASP B 245 -15.37 14.39 -19.65
N PHE B 246 -15.31 14.00 -20.93
CA PHE B 246 -15.07 12.61 -21.24
C PHE B 246 -13.86 12.48 -22.11
N LEU B 247 -13.31 11.27 -22.17
CA LEU B 247 -12.15 11.00 -22.97
C LEU B 247 -12.59 10.63 -24.37
N ILE B 248 -11.70 10.77 -25.34
CA ILE B 248 -11.96 10.28 -26.67
C ILE B 248 -10.97 9.17 -27.04
N VAL B 249 -11.49 7.96 -27.26
CA VAL B 249 -10.68 6.85 -27.70
C VAL B 249 -10.92 6.68 -29.19
N GLU B 250 -9.94 7.03 -30.02
CA GLU B 250 -10.11 6.87 -31.45
C GLU B 250 -9.41 5.58 -31.88
N ASP B 251 -10.22 4.65 -32.39
CA ASP B 251 -9.75 3.33 -32.81
C ASP B 251 -9.52 3.46 -34.29
N GLU B 252 -8.25 3.51 -34.70
CA GLU B 252 -7.93 3.94 -36.05
C GLU B 252 -7.16 2.92 -36.94
N PRO B 253 -7.61 1.66 -37.00
CA PRO B 253 -6.78 0.69 -37.76
C PRO B 253 -6.86 0.93 -39.27
N TYR B 254 -7.84 1.72 -39.70
CA TYR B 254 -8.06 1.98 -41.16
C TYR B 254 -7.62 3.34 -41.63
N TYR B 255 -6.93 4.09 -40.77
CA TYR B 255 -6.56 5.47 -41.09
C TYR B 255 -5.81 5.58 -42.41
N PHE B 256 -4.93 4.63 -42.69
CA PHE B 256 -4.19 4.65 -43.96
C PHE B 256 -4.85 3.89 -45.13
N LEU B 257 -6.14 3.63 -44.96
CA LEU B 257 -6.99 3.17 -46.04
C LEU B 257 -7.86 4.32 -46.58
N GLN B 258 -7.47 5.56 -46.28
CA GLN B 258 -8.09 6.72 -46.92
C GLN B 258 -7.86 6.69 -48.43
N MET B 259 -8.84 7.13 -49.20
CA MET B 259 -8.78 7.15 -50.67
C MET B 259 -9.27 8.49 -51.22
N ASN B 260 -8.83 8.86 -52.43
CA ASN B 260 -9.50 9.94 -53.18
C ASN B 260 -11.01 9.63 -53.26
N PRO B 261 -11.86 10.69 -53.24
CA PRO B 261 -13.29 10.45 -53.44
C PRO B 261 -13.56 9.66 -54.72
N TYR B 262 -14.66 8.93 -54.73
CA TYR B 262 -15.02 8.08 -55.84
C TYR B 262 -15.52 8.96 -56.98
N ILE B 263 -14.86 8.86 -58.13
CA ILE B 263 -15.33 9.59 -59.32
C ILE B 263 -16.25 8.70 -60.16
N LYS B 264 -17.54 9.03 -60.20
CA LYS B 264 -18.56 8.29 -60.97
C LYS B 264 -18.28 8.16 -62.48
N ASP B 265 -18.08 9.29 -63.16
CA ASP B 265 -17.78 9.29 -64.61
C ASP B 265 -16.39 8.72 -64.93
N LEU B 266 -16.36 7.63 -65.70
CA LEU B 266 -15.13 6.90 -66.01
C LEU B 266 -14.08 7.72 -66.76
N LYS B 267 -14.53 8.55 -67.73
CA LYS B 267 -13.65 9.48 -68.44
C LYS B 267 -13.00 10.50 -67.48
N GLU B 268 -13.82 11.04 -66.58
CA GLU B 268 -13.40 11.96 -65.51
C GLU B 268 -12.37 11.29 -64.60
N ARG B 269 -12.46 9.97 -64.46
CA ARG B 269 -11.59 9.19 -63.57
C ARG B 269 -10.26 8.82 -64.24
N GLU B 270 -10.33 8.44 -65.52
CA GLU B 270 -9.14 8.05 -66.30
C GLU B 270 -8.13 9.20 -66.38
N LYS B 271 -8.63 10.41 -66.67
CA LYS B 271 -7.81 11.62 -66.72
C LYS B 271 -7.27 12.04 -65.34
N ALA B 272 -8.05 11.81 -64.28
CA ALA B 272 -7.58 12.07 -62.91
C ALA B 272 -6.55 11.02 -62.44
N GLN B 273 -6.78 9.75 -62.79
CA GLN B 273 -5.83 8.67 -62.53
C GLN B 273 -4.65 8.72 -63.51
N SER B 274 -4.72 9.64 -64.46
CA SER B 274 -3.66 9.88 -65.43
C SER B 274 -2.55 10.76 -64.84
N SER B 275 -2.94 11.78 -64.08
CA SER B 275 -2.01 12.60 -63.29
C SER B 275 -1.01 11.75 -62.51
N PRO B 276 0.24 12.23 -62.34
CA PRO B 276 1.25 11.46 -61.61
C PRO B 276 0.81 11.23 -60.16
N LYS B 277 1.38 10.21 -59.51
CA LYS B 277 1.07 9.89 -58.11
C LYS B 277 1.36 11.07 -57.18
N GLN B 278 0.66 11.13 -56.04
CA GLN B 278 0.97 12.12 -55.00
C GLN B 278 2.47 12.07 -54.60
N ASP B 279 3.12 13.23 -54.50
CA ASP B 279 4.35 13.28 -53.69
C ASP B 279 3.98 13.29 -52.19
N HIS B 280 4.99 13.22 -51.33
CA HIS B 280 4.74 12.99 -49.90
C HIS B 280 4.00 14.18 -49.27
N ASP B 281 4.42 15.39 -49.60
CA ASP B 281 3.70 16.60 -49.17
C ASP B 281 2.22 16.64 -49.55
N GLU B 282 1.87 16.32 -50.79
CA GLU B 282 0.42 16.27 -51.10
C GLU B 282 -0.29 15.09 -50.47
N PHE B 283 0.41 13.96 -50.35
CA PHE B 283 -0.14 12.83 -49.58
C PHE B 283 -0.52 13.30 -48.17
N LEU B 284 0.44 13.88 -47.44
CA LEU B 284 0.20 14.28 -46.04
C LEU B 284 -0.93 15.32 -45.93
N LYS B 285 -0.93 16.30 -46.84
CA LYS B 285 -1.99 17.31 -46.83
C LYS B 285 -3.36 16.68 -47.05
N SER B 286 -3.40 15.57 -47.80
CA SER B 286 -4.69 14.95 -48.10
C SER B 286 -5.32 14.21 -46.90
N LEU B 287 -4.55 13.93 -45.85
CA LEU B 287 -5.02 13.06 -44.75
C LEU B 287 -5.99 13.78 -43.82
N ALA B 288 -7.04 13.08 -43.39
CA ALA B 288 -8.00 13.63 -42.42
C ALA B 288 -7.29 14.11 -41.13
N ASN B 289 -7.79 15.18 -40.52
CA ASN B 289 -7.30 15.57 -39.18
C ASN B 289 -7.71 14.48 -38.19
N THR B 290 -7.02 14.46 -37.04
CA THR B 290 -7.22 13.38 -36.07
C THR B 290 -7.59 14.03 -34.75
N PHE B 291 -8.25 13.28 -33.88
CA PHE B 291 -8.48 13.76 -32.54
C PHE B 291 -7.16 13.95 -31.79
N LEU B 292 -6.17 13.11 -32.07
CA LEU B 292 -4.83 13.32 -31.52
C LEU B 292 -4.28 14.71 -31.80
N SER B 293 -4.42 15.19 -33.04
CA SER B 293 -3.92 16.51 -33.39
C SER B 293 -4.74 17.64 -32.76
N LEU B 294 -5.93 17.36 -32.27
CA LEU B 294 -6.73 18.41 -31.63
C LEU B 294 -6.43 18.46 -30.14
N ASP B 295 -5.77 17.44 -29.62
CA ASP B 295 -5.67 17.29 -28.15
C ASP B 295 -4.67 18.27 -27.51
N THR B 296 -5.17 19.16 -26.65
CA THR B 296 -4.30 20.09 -25.93
CA THR B 296 -4.30 20.09 -25.92
C THR B 296 -4.25 19.70 -24.45
N GLU B 297 -4.97 18.63 -24.10
CA GLU B 297 -5.14 18.23 -22.69
C GLU B 297 -4.78 16.80 -22.34
N GLY B 298 -4.42 15.99 -23.33
CA GLY B 298 -4.16 14.59 -23.11
C GLY B 298 -5.45 13.84 -22.81
N ARG B 299 -6.56 14.34 -23.35
CA ARG B 299 -7.84 13.62 -23.19
C ARG B 299 -8.12 12.65 -24.33
N VAL B 300 -7.17 12.56 -25.28
CA VAL B 300 -7.29 11.64 -26.42
C VAL B 300 -6.40 10.41 -26.28
N ILE B 301 -6.97 9.26 -26.55
CA ILE B 301 -6.22 8.01 -26.64
C ILE B 301 -6.40 7.45 -28.05
N ARG B 302 -5.29 7.31 -28.77
CA ARG B 302 -5.38 6.82 -30.13
C ARG B 302 -4.90 5.38 -30.16
N MET B 303 -5.66 4.49 -30.79
CA MET B 303 -5.24 3.11 -30.91
C MET B 303 -4.89 2.84 -32.37
N ASP B 304 -3.60 2.60 -32.61
CA ASP B 304 -3.06 2.32 -33.94
C ASP B 304 -2.60 0.87 -34.05
N SER B 305 -2.70 0.30 -35.25
CA SER B 305 -2.39 -1.11 -35.48
C SER B 305 -1.62 -1.32 -36.79
N PHE B 306 -0.68 -2.27 -36.79
CA PHE B 306 -0.03 -2.65 -38.06
C PHE B 306 -0.83 -3.70 -38.83
N SER B 307 -2.02 -4.07 -38.31
CA SER B 307 -2.81 -5.17 -38.89
CA SER B 307 -2.82 -5.16 -38.87
C SER B 307 -3.19 -4.98 -40.34
N LYS B 308 -3.76 -3.82 -40.69
CA LYS B 308 -4.22 -3.59 -42.07
CA LYS B 308 -4.22 -3.61 -42.06
C LYS B 308 -3.11 -2.99 -42.92
N VAL B 309 -2.04 -2.54 -42.27
CA VAL B 309 -0.93 -1.89 -42.96
C VAL B 309 0.14 -2.91 -43.36
N LEU B 310 0.49 -3.81 -42.43
CA LEU B 310 1.54 -4.79 -42.66
C LEU B 310 0.95 -6.19 -42.72
N ALA B 311 0.36 -6.67 -41.61
CA ALA B 311 -0.36 -7.95 -41.60
C ALA B 311 -1.07 -8.15 -40.26
N PRO B 312 -2.24 -8.80 -40.28
CA PRO B 312 -2.96 -9.08 -39.03
C PRO B 312 -2.13 -9.87 -38.00
N GLY B 313 -1.37 -10.88 -38.46
CA GLY B 313 -0.60 -11.73 -37.54
C GLY B 313 0.67 -11.11 -36.99
N THR B 314 0.98 -9.88 -37.41
CA THR B 314 2.01 -9.13 -36.68
C THR B 314 1.63 -9.00 -35.18
N ARG B 315 0.33 -8.95 -34.83
CA ARG B 315 -0.09 -8.78 -33.43
CA ARG B 315 -0.07 -8.79 -33.42
C ARG B 315 0.71 -7.65 -32.77
N LEU B 316 0.68 -6.50 -33.41
CA LEU B 316 1.46 -5.38 -32.95
C LEU B 316 0.72 -4.11 -33.29
N GLY B 317 0.64 -3.24 -32.30
CA GLY B 317 0.06 -1.93 -32.51
C GLY B 317 0.70 -1.02 -31.51
N TRP B 318 0.12 0.17 -31.33
CA TRP B 318 0.51 1.05 -30.25
C TRP B 318 -0.65 1.96 -29.89
N ILE B 319 -0.61 2.44 -28.65
CA ILE B 319 -1.48 3.46 -28.13
CA ILE B 319 -1.50 3.51 -28.28
C ILE B 319 -0.72 4.78 -28.04
N THR B 320 -1.36 5.89 -28.40
CA THR B 320 -0.78 7.22 -28.15
C THR B 320 -1.66 7.95 -27.14
N GLY B 321 -1.00 8.52 -26.13
CA GLY B 321 -1.72 9.22 -25.08
C GLY B 321 -0.73 9.94 -24.17
N SER B 322 -1.24 10.61 -23.14
CA SER B 322 -0.37 11.33 -22.22
C SER B 322 0.42 10.34 -21.37
N SER B 323 1.58 10.78 -20.90
CA SER B 323 2.37 9.97 -19.96
C SER B 323 1.52 9.55 -18.73
N LYS B 324 0.63 10.44 -18.29
CA LYS B 324 -0.28 10.19 -17.16
C LYS B 324 -1.25 9.04 -17.44
N ILE B 325 -1.81 9.03 -18.66
CA ILE B 325 -2.79 8.02 -19.05
C ILE B 325 -2.10 6.70 -19.40
N LEU B 326 -0.88 6.79 -19.92
CA LEU B 326 -0.19 5.55 -20.31
C LEU B 326 0.32 4.74 -19.09
N LYS B 327 0.51 5.42 -17.98
CA LYS B 327 1.01 4.78 -16.77
C LYS B 327 0.15 3.55 -16.32
N PRO B 328 -1.17 3.72 -16.15
CA PRO B 328 -1.91 2.50 -15.76
C PRO B 328 -1.99 1.42 -16.84
N TYR B 329 -1.92 1.80 -18.13
CA TYR B 329 -1.89 0.78 -19.18
C TYR B 329 -0.61 -0.06 -19.09
N LEU B 330 0.52 0.61 -18.88
CA LEU B 330 1.76 -0.15 -18.73
C LEU B 330 1.68 -1.09 -17.51
N SER B 331 1.15 -0.60 -16.38
CA SER B 331 1.01 -1.43 -15.19
CA SER B 331 0.98 -1.42 -15.18
C SER B 331 0.12 -2.64 -15.46
N LEU B 332 -1.00 -2.44 -16.15
CA LEU B 332 -1.84 -3.56 -16.57
C LEU B 332 -1.07 -4.53 -17.51
N HIS B 333 -0.43 -4.00 -18.56
CA HIS B 333 0.36 -4.86 -19.48
C HIS B 333 1.38 -5.74 -18.79
N GLU B 334 2.12 -5.18 -17.84
CA GLU B 334 3.11 -5.96 -17.11
C GLU B 334 2.52 -7.15 -16.33
N MET B 335 1.23 -7.10 -16.01
CA MET B 335 0.51 -8.21 -15.29
C MET B 335 -0.39 -9.03 -16.22
N THR B 336 -0.39 -8.72 -17.51
CA THR B 336 -1.26 -9.44 -18.42
C THR B 336 -0.49 -9.93 -19.63
N ILE B 337 -0.44 -9.10 -20.64
CA ILE B 337 0.02 -9.49 -21.93
C ILE B 337 1.56 -9.48 -21.99
N GLN B 338 2.18 -8.66 -21.11
CA GLN B 338 3.59 -8.28 -21.24
CA GLN B 338 3.59 -8.31 -21.26
C GLN B 338 3.83 -7.64 -22.62
N ALA B 339 5.09 -7.44 -22.96
CA ALA B 339 5.45 -6.80 -24.19
C ALA B 339 5.03 -7.69 -25.38
N PRO B 340 4.81 -7.06 -26.53
CA PRO B 340 4.58 -7.81 -27.77
C PRO B 340 5.77 -8.74 -28.07
N ALA B 341 5.51 -9.84 -28.76
CA ALA B 341 6.52 -10.83 -29.06
C ALA B 341 7.83 -10.18 -29.56
N GLY B 342 8.95 -10.58 -29.00
CA GLY B 342 10.26 -10.04 -29.44
C GLY B 342 10.49 -10.18 -30.93
N PHE B 343 10.20 -11.36 -31.51
CA PHE B 343 10.44 -11.55 -32.95
C PHE B 343 9.61 -10.62 -33.83
N THR B 344 8.35 -10.38 -33.45
CA THR B 344 7.54 -9.41 -34.20
CA THR B 344 7.52 -9.43 -34.21
C THR B 344 8.14 -8.02 -34.19
N GLN B 345 8.61 -7.59 -33.02
CA GLN B 345 9.21 -6.26 -32.89
C GLN B 345 10.50 -6.16 -33.71
N VAL B 346 11.32 -7.21 -33.67
CA VAL B 346 12.57 -7.23 -34.45
C VAL B 346 12.26 -7.06 -35.91
N LEU B 347 11.32 -7.84 -36.43
CA LEU B 347 11.07 -7.85 -37.88
C LEU B 347 10.30 -6.62 -38.37
N VAL B 348 9.36 -6.14 -37.56
CA VAL B 348 8.69 -4.87 -37.90
C VAL B 348 9.68 -3.68 -37.84
N ASN B 349 10.41 -3.57 -36.73
CA ASN B 349 11.47 -2.55 -36.63
C ASN B 349 12.49 -2.61 -37.78
N ALA B 350 12.98 -3.82 -38.09
CA ALA B 350 14.06 -3.98 -39.07
C ALA B 350 13.57 -3.55 -40.45
N THR B 351 12.35 -3.92 -40.81
CA THR B 351 11.82 -3.58 -42.13
C THR B 351 11.47 -2.10 -42.19
N LEU B 352 10.79 -1.60 -41.17
CA LEU B 352 10.45 -0.17 -41.17
C LEU B 352 11.66 0.73 -41.13
N SER B 353 12.68 0.39 -40.35
CA SER B 353 13.86 1.25 -40.24
C SER B 353 14.60 1.32 -41.56
N ARG B 354 14.62 0.23 -42.30
CA ARG B 354 15.34 0.24 -43.58
C ARG B 354 14.51 0.95 -44.68
N TRP B 355 13.20 0.85 -44.61
CA TRP B 355 12.38 1.69 -45.47
C TRP B 355 12.58 3.16 -45.07
N GLY B 356 12.70 3.41 -43.77
CA GLY B 356 12.80 4.78 -43.26
C GLY B 356 11.42 5.44 -43.21
N GLN B 357 11.33 6.63 -42.63
CA GLN B 357 10.02 7.31 -42.59
C GLN B 357 9.48 7.55 -44.01
N LYS B 358 10.36 7.91 -44.94
CA LYS B 358 9.95 8.22 -46.32
C LYS B 358 9.51 6.98 -47.09
N GLY B 359 10.26 5.89 -46.94
CA GLY B 359 9.88 4.64 -47.59
C GLY B 359 8.58 4.13 -47.01
N TYR B 360 8.37 4.37 -45.71
CA TYR B 360 7.08 3.99 -45.13
C TYR B 360 5.92 4.83 -45.72
N LEU B 361 6.15 6.10 -45.97
CA LEU B 361 5.15 6.89 -46.70
C LEU B 361 4.89 6.34 -48.11
N ASP B 362 5.92 5.91 -48.82
CA ASP B 362 5.74 5.25 -50.13
C ASP B 362 4.84 4.03 -49.97
N TRP B 363 5.06 3.25 -48.92
CA TRP B 363 4.26 2.05 -48.67
C TRP B 363 2.78 2.43 -48.49
N LEU B 364 2.53 3.39 -47.61
CA LEU B 364 1.18 3.87 -47.32
C LEU B 364 0.49 4.49 -48.56
N LEU B 365 1.28 5.15 -49.41
CA LEU B 365 0.74 5.60 -50.71
C LEU B 365 0.37 4.42 -51.63
N GLY B 366 1.17 3.36 -51.56
CA GLY B 366 0.92 2.13 -52.31
C GLY B 366 -0.35 1.45 -51.80
N LEU B 367 -0.53 1.46 -50.49
CA LEU B 367 -1.75 0.93 -49.86
C LEU B 367 -2.98 1.74 -50.31
N ARG B 368 -2.89 3.07 -50.26
CA ARG B 368 -3.98 3.95 -50.76
C ARG B 368 -4.36 3.60 -52.20
N HIS B 369 -3.37 3.39 -53.07
CA HIS B 369 -3.62 3.07 -54.48
C HIS B 369 -4.38 1.74 -54.64
N GLU B 370 -3.93 0.70 -53.94
CA GLU B 370 -4.59 -0.61 -54.05
C GLU B 370 -6.03 -0.57 -53.60
N TYR B 371 -6.29 0.03 -52.43
CA TYR B 371 -7.65 0.11 -51.90
C TYR B 371 -8.55 1.01 -52.76
N THR B 372 -7.98 2.06 -53.36
CA THR B 372 -8.74 2.91 -54.28
C THR B 372 -9.33 2.11 -55.43
N LEU B 373 -8.49 1.28 -56.04
CA LEU B 373 -8.91 0.38 -57.11
C LEU B 373 -10.04 -0.56 -56.67
N LYS B 374 -9.89 -1.11 -55.46
CA LYS B 374 -10.86 -2.04 -54.92
C LYS B 374 -12.19 -1.34 -54.67
N ARG B 375 -12.15 -0.17 -54.06
CA ARG B 375 -13.35 0.65 -53.84
C ARG B 375 -14.09 0.95 -55.15
N ASP B 376 -13.34 1.36 -56.19
CA ASP B 376 -13.93 1.75 -57.48
C ASP B 376 -14.63 0.57 -58.12
N CYS B 377 -13.96 -0.56 -58.08
CA CYS B 377 -14.50 -1.80 -58.61
C CYS B 377 -15.84 -2.15 -57.93
N ALA B 378 -15.86 -2.08 -56.60
CA ALA B 378 -17.06 -2.42 -55.83
C ALA B 378 -18.21 -1.46 -56.16
N ILE B 379 -17.92 -0.17 -56.12
CA ILE B 379 -18.94 0.85 -56.24
C ILE B 379 -19.48 0.84 -57.65
N ASP B 380 -18.59 0.67 -58.64
CA ASP B 380 -18.99 0.51 -60.05
C ASP B 380 -19.97 -0.64 -60.18
N ALA B 381 -19.64 -1.78 -59.57
CA ALA B 381 -20.47 -2.98 -59.71
C ALA B 381 -21.85 -2.77 -59.06
N LEU B 382 -21.85 -2.14 -57.89
CA LEU B 382 -23.11 -1.73 -57.26
C LEU B 382 -23.99 -0.86 -58.17
N TYR B 383 -23.41 0.10 -58.87
CA TYR B 383 -24.18 0.92 -59.81
C TYR B 383 -24.66 0.13 -61.04
N LYS B 384 -23.94 -0.94 -61.37
CA LYS B 384 -24.30 -1.79 -62.49
C LYS B 384 -25.39 -2.83 -62.15
N TYR B 385 -25.33 -3.41 -60.94
CA TYR B 385 -26.15 -4.59 -60.64
C TYR B 385 -27.28 -4.40 -59.62
N LEU B 386 -27.23 -3.29 -58.88
CA LEU B 386 -28.23 -3.00 -57.86
C LEU B 386 -29.38 -2.25 -58.49
N PRO B 387 -30.62 -2.47 -58.01
CA PRO B 387 -31.75 -1.63 -58.46
C PRO B 387 -31.52 -0.15 -58.14
N GLN B 388 -31.92 0.74 -59.04
CA GLN B 388 -31.63 2.17 -58.86
C GLN B 388 -32.88 3.01 -58.53
N SER B 389 -33.68 2.55 -57.58
CA SER B 389 -34.78 3.34 -57.03
C SER B 389 -34.30 4.02 -55.73
N ASP B 390 -35.11 4.93 -55.21
CA ASP B 390 -34.78 5.64 -53.97
C ASP B 390 -34.66 4.70 -52.75
N ALA B 391 -35.14 3.47 -52.94
CA ALA B 391 -35.12 2.42 -51.91
C ALA B 391 -33.79 1.65 -51.83
N PHE B 392 -32.83 2.00 -52.69
CA PHE B 392 -31.50 1.39 -52.66
C PHE B 392 -30.45 2.49 -52.73
N VAL B 393 -29.79 2.74 -51.59
CA VAL B 393 -28.84 3.85 -51.48
C VAL B 393 -27.40 3.33 -51.31
N ILE B 394 -26.51 3.80 -52.16
CA ILE B 394 -25.07 3.49 -52.07
C ILE B 394 -24.31 4.76 -51.75
N ASN B 395 -23.67 4.78 -50.58
CA ASN B 395 -22.72 5.83 -50.20
C ASN B 395 -21.27 5.34 -50.36
N PRO B 396 -20.59 5.76 -51.44
CA PRO B 396 -19.22 5.29 -51.71
C PRO B 396 -18.25 5.81 -50.64
N PRO B 397 -17.54 4.88 -49.98
CA PRO B 397 -16.69 5.30 -48.85
C PRO B 397 -15.45 6.06 -49.31
N ILE B 398 -15.02 7.05 -48.53
CA ILE B 398 -13.76 7.74 -48.81
C ILE B 398 -12.61 7.13 -48.02
N ALA B 399 -12.92 6.19 -47.14
CA ALA B 399 -11.88 5.50 -46.35
C ALA B 399 -12.30 4.08 -45.97
N GLY B 400 -11.30 3.19 -45.84
CA GLY B 400 -11.53 1.88 -45.27
C GLY B 400 -11.71 0.76 -46.26
N MET B 401 -12.14 -0.39 -45.75
CA MET B 401 -12.29 -1.58 -46.57
C MET B 401 -13.72 -2.07 -46.72
N PHE B 402 -14.68 -1.30 -46.22
CA PHE B 402 -16.10 -1.70 -46.27
C PHE B 402 -16.98 -0.72 -47.05
N PHE B 403 -18.02 -1.26 -47.69
CA PHE B 403 -19.12 -0.46 -48.24
C PHE B 403 -20.42 -0.98 -47.63
N THR B 404 -21.48 -0.18 -47.70
CA THR B 404 -22.82 -0.65 -47.30
C THR B 404 -23.85 -0.53 -48.44
N VAL B 405 -24.83 -1.41 -48.41
CA VAL B 405 -25.98 -1.34 -49.28
C VAL B 405 -27.18 -1.07 -48.36
N ASN B 406 -27.66 0.16 -48.40
CA ASN B 406 -28.82 0.57 -47.60
C ASN B 406 -30.10 0.33 -48.38
N ILE B 407 -31.06 -0.30 -47.69
CA ILE B 407 -32.28 -0.78 -48.29
C ILE B 407 -33.48 -0.39 -47.43
N ASP B 408 -34.50 0.20 -48.07
CA ASP B 408 -35.82 0.41 -47.45
C ASP B 408 -36.65 -0.88 -47.49
N ALA B 409 -36.69 -1.57 -46.34
CA ALA B 409 -37.41 -2.84 -46.19
C ALA B 409 -38.91 -2.69 -46.45
N SER B 410 -39.40 -1.46 -46.30
CA SER B 410 -40.80 -1.12 -46.47
C SER B 410 -41.29 -1.28 -47.90
N VAL B 411 -40.41 -0.99 -48.86
CA VAL B 411 -40.77 -1.06 -50.27
C VAL B 411 -40.88 -2.51 -50.79
N HIS B 412 -40.45 -3.48 -49.96
CA HIS B 412 -40.57 -4.91 -50.30
C HIS B 412 -42.03 -5.33 -50.38
N PRO B 413 -42.40 -6.12 -51.41
CA PRO B 413 -43.82 -6.49 -51.63
C PRO B 413 -44.46 -7.24 -50.46
N GLU B 414 -43.78 -8.29 -50.00
CA GLU B 414 -44.30 -9.18 -48.97
C GLU B 414 -43.88 -8.78 -47.54
N PHE B 415 -43.61 -7.49 -47.36
CA PHE B 415 -43.11 -6.94 -46.08
C PHE B 415 -44.18 -6.95 -44.97
N LYS B 416 -45.37 -6.42 -45.31
CA LYS B 416 -46.50 -6.35 -44.39
C LYS B 416 -46.99 -7.76 -44.04
N THR B 417 -46.87 -8.68 -45.00
CA THR B 417 -47.46 -10.01 -44.89
C THR B 417 -46.50 -11.13 -44.46
N LYS B 418 -45.45 -11.37 -45.24
CA LYS B 418 -44.52 -12.48 -44.98
C LYS B 418 -43.59 -12.23 -43.79
N TYR B 419 -43.37 -10.95 -43.47
CA TYR B 419 -42.41 -10.56 -42.45
C TYR B 419 -43.05 -9.72 -41.35
N ASN B 420 -44.39 -9.68 -41.35
CA ASN B 420 -45.19 -8.93 -40.39
C ASN B 420 -44.61 -7.54 -40.08
N SER B 421 -44.19 -6.85 -41.14
CA SER B 421 -43.71 -5.47 -41.05
C SER B 421 -42.47 -5.33 -40.13
N ASP B 422 -41.64 -6.38 -40.08
CA ASP B 422 -40.46 -6.44 -39.20
C ASP B 422 -39.13 -6.42 -40.00
N PRO B 423 -38.48 -5.25 -40.09
CA PRO B 423 -37.22 -5.11 -40.84
C PRO B 423 -36.16 -6.16 -40.48
N TYR B 424 -35.98 -6.47 -39.20
CA TYR B 424 -35.00 -7.48 -38.81
C TYR B 424 -35.33 -8.86 -39.44
N GLN B 425 -36.60 -9.23 -39.41
CA GLN B 425 -37.11 -10.43 -40.09
C GLN B 425 -36.70 -10.49 -41.57
N LEU B 426 -36.96 -9.41 -42.30
CA LEU B 426 -36.54 -9.32 -43.70
C LEU B 426 -35.03 -9.44 -43.84
N GLU B 427 -34.30 -8.74 -42.96
CA GLU B 427 -32.85 -8.70 -43.00
C GLU B 427 -32.24 -10.10 -42.91
N GLN B 428 -32.76 -10.93 -41.99
CA GLN B 428 -32.29 -12.31 -41.82
C GLN B 428 -32.67 -13.21 -43.02
N SER B 429 -33.83 -12.93 -43.60
CA SER B 429 -34.28 -13.64 -44.79
C SER B 429 -33.25 -13.40 -45.91
N LEU B 430 -33.22 -12.14 -46.37
CA LEU B 430 -32.29 -11.68 -47.40
C LEU B 430 -30.89 -12.22 -47.20
N TYR B 431 -30.39 -12.15 -45.97
CA TYR B 431 -29.05 -12.60 -45.64
C TYR B 431 -28.80 -14.06 -45.98
N HIS B 432 -29.74 -14.94 -45.64
CA HIS B 432 -29.59 -16.37 -45.90
C HIS B 432 -29.78 -16.69 -47.37
N LYS B 433 -30.73 -16.00 -48.01
CA LYS B 433 -30.96 -16.14 -49.45
C LYS B 433 -29.72 -15.77 -50.27
N VAL B 434 -28.96 -14.78 -49.80
CA VAL B 434 -27.78 -14.28 -50.48
C VAL B 434 -26.62 -15.26 -50.33
N VAL B 435 -26.43 -15.77 -49.12
CA VAL B 435 -25.42 -16.80 -48.84
C VAL B 435 -25.71 -18.06 -49.67
N GLU B 436 -26.99 -18.38 -49.81
CA GLU B 436 -27.45 -19.47 -50.66
C GLU B 436 -27.11 -19.25 -52.14
N ARG B 437 -26.94 -17.98 -52.53
CA ARG B 437 -26.53 -17.65 -53.90
C ARG B 437 -25.00 -17.74 -54.07
N GLY B 438 -24.30 -18.00 -52.96
CA GLY B 438 -22.83 -18.20 -52.96
C GLY B 438 -22.02 -16.94 -52.73
N VAL B 439 -22.58 -16.01 -51.96
CA VAL B 439 -21.93 -14.74 -51.66
C VAL B 439 -22.16 -14.33 -50.20
N LEU B 440 -21.05 -14.14 -49.48
CA LEU B 440 -21.12 -13.78 -48.07
C LEU B 440 -21.05 -12.27 -47.87
N VAL B 441 -22.18 -11.67 -47.44
CA VAL B 441 -22.16 -10.30 -46.87
C VAL B 441 -22.61 -10.37 -45.40
N VAL B 442 -22.74 -9.22 -44.74
CA VAL B 442 -23.03 -9.21 -43.30
C VAL B 442 -24.21 -8.32 -42.95
N PRO B 443 -25.18 -8.88 -42.20
CA PRO B 443 -26.34 -8.05 -41.84
C PRO B 443 -25.95 -6.87 -40.92
N GLY B 444 -26.51 -5.70 -41.20
CA GLY B 444 -26.21 -4.49 -40.44
C GLY B 444 -26.53 -4.53 -38.96
N SER B 445 -27.54 -5.32 -38.59
CA SER B 445 -27.95 -5.39 -37.18
C SER B 445 -26.84 -5.99 -36.29
N TRP B 446 -25.91 -6.76 -36.87
CA TRP B 446 -24.78 -7.24 -36.08
C TRP B 446 -23.90 -6.10 -35.56
N PHE B 447 -24.08 -4.91 -36.12
CA PHE B 447 -23.29 -3.73 -35.76
C PHE B 447 -24.04 -2.74 -34.86
N LYS B 448 -25.31 -3.00 -34.61
CA LYS B 448 -26.17 -2.02 -33.93
C LYS B 448 -25.87 -1.94 -32.44
N SER B 449 -25.35 -0.79 -32.01
CA SER B 449 -25.09 -0.50 -30.61
C SER B 449 -26.40 -0.34 -29.82
N GLU B 450 -26.42 -0.90 -28.61
CA GLU B 450 -27.55 -0.80 -27.72
C GLU B 450 -27.08 -0.59 -26.31
N GLY B 451 -27.67 0.40 -25.64
CA GLY B 451 -27.45 0.53 -24.22
C GLY B 451 -28.48 1.43 -23.58
N GLU B 452 -28.67 1.25 -22.28
CA GLU B 452 -29.62 2.03 -21.48
C GLU B 452 -28.99 2.30 -20.12
N THR B 453 -29.30 3.44 -19.53
CA THR B 453 -28.84 3.80 -18.20
C THR B 453 -30.01 3.72 -17.19
N GLU B 454 -29.68 3.65 -15.89
CA GLU B 454 -30.68 3.80 -14.83
C GLU B 454 -30.27 5.00 -13.98
N PRO B 455 -31.13 6.03 -13.90
CA PRO B 455 -32.40 6.19 -14.63
C PRO B 455 -32.21 6.34 -16.14
N PRO B 456 -33.25 6.01 -16.94
CA PRO B 456 -33.14 6.03 -18.39
C PRO B 456 -32.87 7.45 -18.93
N GLN B 457 -32.20 7.53 -20.08
CA GLN B 457 -32.05 8.81 -20.79
C GLN B 457 -33.40 9.26 -21.36
N PRO B 458 -33.57 10.58 -21.63
CA PRO B 458 -34.88 10.99 -22.19
C PRO B 458 -35.03 10.45 -23.61
N ALA B 459 -36.26 10.45 -24.12
CA ALA B 459 -36.56 9.85 -25.42
C ALA B 459 -35.83 10.49 -26.60
N GLU B 460 -35.67 11.81 -26.57
CA GLU B 460 -34.87 12.55 -27.59
C GLU B 460 -33.46 11.92 -27.80
N SER B 461 -32.79 11.57 -26.71
CA SER B 461 -31.47 10.90 -26.74
C SER B 461 -31.53 9.45 -27.28
N LYS B 462 -32.74 8.89 -27.38
CA LYS B 462 -32.91 7.52 -27.86
C LYS B 462 -33.53 7.40 -29.28
N GLU B 463 -33.79 8.53 -29.93
CA GLU B 463 -34.44 8.51 -31.24
C GLU B 463 -33.60 7.78 -32.32
N VAL B 464 -34.29 6.99 -33.15
CA VAL B 464 -33.69 6.34 -34.34
C VAL B 464 -34.31 6.86 -35.66
N SER B 465 -33.46 7.07 -36.68
CA SER B 465 -33.89 7.71 -37.94
C SER B 465 -34.46 6.72 -38.99
N ASN B 466 -35.79 6.50 -38.92
CA ASN B 466 -36.48 5.49 -39.72
C ASN B 466 -36.05 4.01 -39.70
N PRO B 467 -36.45 3.29 -38.64
CA PRO B 467 -35.97 1.93 -38.38
C PRO B 467 -36.38 0.93 -39.47
N ASN B 468 -36.89 1.45 -40.59
CA ASN B 468 -37.20 0.59 -41.74
C ASN B 468 -35.99 0.41 -42.68
N ILE B 469 -35.00 1.27 -42.54
CA ILE B 469 -33.74 1.12 -43.31
C ILE B 469 -32.86 0.02 -42.70
N ILE B 470 -32.65 -1.06 -43.46
CA ILE B 470 -31.68 -2.08 -43.08
C ILE B 470 -30.44 -1.91 -43.96
N PHE B 471 -29.33 -2.53 -43.57
CA PHE B 471 -28.16 -2.55 -44.45
C PHE B 471 -27.36 -3.83 -44.38
N PHE B 472 -26.55 -4.05 -45.42
CA PHE B 472 -25.55 -5.09 -45.38
C PHE B 472 -24.20 -4.48 -45.62
N ARG B 473 -23.23 -4.93 -44.84
CA ARG B 473 -21.85 -4.49 -45.00
C ARG B 473 -21.16 -5.53 -45.87
N GLY B 474 -20.46 -5.07 -46.90
CA GLY B 474 -19.61 -5.92 -47.72
C GLY B 474 -18.16 -5.43 -47.63
N THR B 475 -17.20 -6.30 -47.93
CA THR B 475 -15.80 -5.87 -48.01
C THR B 475 -15.24 -6.11 -49.40
N TYR B 476 -14.36 -5.21 -49.84
CA TYR B 476 -13.68 -5.38 -51.12
C TYR B 476 -12.20 -5.67 -50.94
N ALA B 477 -11.79 -5.91 -49.70
CA ALA B 477 -10.37 -6.13 -49.37
C ALA B 477 -9.86 -7.55 -49.65
N ALA B 478 -10.74 -8.53 -49.57
CA ALA B 478 -10.32 -9.94 -49.42
C ALA B 478 -10.21 -10.76 -50.69
N VAL B 479 -10.91 -10.33 -51.75
CA VAL B 479 -11.00 -11.14 -52.98
C VAL B 479 -10.61 -10.38 -54.25
N SER B 480 -10.64 -11.09 -55.37
CA SER B 480 -10.24 -10.55 -56.67
C SER B 480 -11.31 -9.61 -57.22
N PRO B 481 -10.90 -8.67 -58.13
CA PRO B 481 -11.86 -7.81 -58.82
C PRO B 481 -12.98 -8.61 -59.43
N GLU B 482 -12.62 -9.74 -60.05
CA GLU B 482 -13.57 -10.59 -60.77
C GLU B 482 -14.58 -11.25 -59.82
N LYS B 483 -14.10 -11.69 -58.65
CA LYS B 483 -14.97 -12.30 -57.64
C LYS B 483 -15.87 -11.24 -56.97
N LEU B 484 -15.26 -10.11 -56.58
CA LEU B 484 -16.02 -8.96 -56.08
C LEU B 484 -17.17 -8.57 -57.01
N THR B 485 -16.87 -8.48 -58.31
CA THR B 485 -17.85 -8.12 -59.32
C THR B 485 -18.96 -9.18 -59.46
N GLU B 486 -18.57 -10.46 -59.50
CA GLU B 486 -19.53 -11.57 -59.53
C GLU B 486 -20.38 -11.58 -58.26
N GLY B 487 -19.72 -11.46 -57.11
CA GLY B 487 -20.39 -11.40 -55.81
C GLY B 487 -21.50 -10.36 -55.79
N LEU B 488 -21.22 -9.19 -56.36
CA LEU B 488 -22.16 -8.08 -56.30
C LEU B 488 -23.23 -8.17 -57.38
N LYS B 489 -22.98 -8.96 -58.42
CA LYS B 489 -23.99 -9.23 -59.43
C LYS B 489 -25.09 -10.09 -58.83
N ARG B 490 -24.67 -11.18 -58.19
CA ARG B 490 -25.59 -12.11 -57.53
C ARG B 490 -26.44 -11.39 -56.49
N LEU B 491 -25.81 -10.47 -55.75
CA LEU B 491 -26.49 -9.71 -54.71
C LEU B 491 -27.52 -8.75 -55.27
N GLY B 492 -27.14 -8.00 -56.30
CA GLY B 492 -28.04 -7.06 -56.96
C GLY B 492 -29.20 -7.76 -57.65
N ASP B 493 -28.94 -8.96 -58.16
CA ASP B 493 -29.96 -9.78 -58.81
C ASP B 493 -30.95 -10.34 -57.80
N THR B 494 -30.42 -10.88 -56.69
CA THR B 494 -31.23 -11.35 -55.58
C THR B 494 -32.20 -10.25 -55.16
N LEU B 495 -31.68 -9.04 -54.97
CA LEU B 495 -32.51 -7.88 -54.63
C LEU B 495 -33.58 -7.59 -55.67
N TYR B 496 -33.18 -7.49 -56.94
CA TYR B 496 -34.12 -7.32 -58.05
C TYR B 496 -35.27 -8.33 -58.00
N GLU B 497 -34.89 -9.62 -57.90
CA GLU B 497 -35.83 -10.73 -57.81
C GLU B 497 -36.74 -10.61 -56.58
N GLU B 498 -36.13 -10.45 -55.40
CA GLU B 498 -36.85 -10.44 -54.11
C GLU B 498 -37.81 -9.26 -53.93
N PHE B 499 -37.46 -8.11 -54.52
CA PHE B 499 -38.33 -6.92 -54.46
C PHE B 499 -39.25 -6.80 -55.67
N GLY B 500 -39.16 -7.78 -56.59
CA GLY B 500 -39.88 -7.73 -57.86
C GLY B 500 -39.70 -6.41 -58.59
N ILE B 501 -38.51 -5.83 -58.45
CA ILE B 501 -38.16 -4.53 -59.02
C ILE B 501 -37.50 -4.70 -60.39
N THR C 5 -8.06 46.82 24.10
CA THR C 5 -9.30 46.86 23.27
C THR C 5 -9.32 45.78 22.17
N LEU C 6 -8.62 44.68 22.43
CA LEU C 6 -8.53 43.60 21.45
C LEU C 6 -9.83 42.80 21.36
N PRO C 7 -10.22 42.38 20.14
CA PRO C 7 -11.43 41.58 19.96
C PRO C 7 -11.32 40.17 20.58
N GLU C 8 -12.47 39.54 20.84
CA GLU C 8 -12.55 38.20 21.39
C GLU C 8 -12.54 37.26 20.19
N SER C 9 -11.98 36.06 20.34
CA SER C 9 -11.98 35.07 19.23
C SER C 9 -13.40 34.67 18.81
N LYS C 10 -13.52 34.20 17.56
CA LYS C 10 -14.75 33.57 17.07
C LYS C 10 -14.91 32.15 17.66
N ASP C 11 -16.13 31.65 17.67
CA ASP C 11 -16.44 30.31 18.21
C ASP C 11 -16.50 29.34 17.03
N PHE C 12 -15.58 28.36 16.98
CA PHE C 12 -15.55 27.41 15.87
C PHE C 12 -16.09 26.02 16.22
N SER C 13 -16.88 25.97 17.27
CA SER C 13 -17.38 24.68 17.78
C SER C 13 -18.20 23.89 16.74
N TYR C 14 -18.69 24.56 15.69
CA TYR C 14 -19.42 23.89 14.60
C TYR C 14 -18.48 23.02 13.74
N LEU C 15 -17.18 23.20 13.91
CA LEU C 15 -16.19 22.35 13.25
C LEU C 15 -15.76 21.13 14.07
N PHE C 16 -16.20 21.04 15.32
CA PHE C 16 -15.73 19.96 16.20
C PHE C 16 -16.27 18.61 15.70
N SER C 17 -15.50 17.56 15.95
CA SER C 17 -15.85 16.21 15.51
C SER C 17 -16.98 15.63 16.35
N ASP C 18 -17.55 14.53 15.86
CA ASP C 18 -18.58 13.81 16.59
C ASP C 18 -18.05 13.30 17.92
N GLU C 19 -16.78 12.86 17.93
CA GLU C 19 -16.15 12.38 19.16
C GLU C 19 -16.05 13.52 20.19
N THR C 20 -15.62 14.71 19.74
CA THR C 20 -15.52 15.86 20.66
C THR C 20 -16.87 16.19 21.30
N ASN C 21 -17.91 16.25 20.47
CA ASN C 21 -19.28 16.50 20.95
C ASN C 21 -19.83 15.39 21.87
N ALA C 22 -19.32 14.17 21.72
CA ALA C 22 -19.78 13.06 22.54
C ALA C 22 -19.00 12.98 23.86
N ARG C 23 -17.87 13.67 23.94
CA ARG C 23 -17.06 13.59 25.14
C ARG C 23 -17.65 14.48 26.22
N LYS C 24 -18.19 13.86 27.27
CA LYS C 24 -18.83 14.58 28.38
C LYS C 24 -17.80 14.82 29.49
N PRO C 25 -17.90 15.99 30.17
CA PRO C 25 -16.98 16.28 31.28
C PRO C 25 -17.25 15.38 32.49
N SER C 26 -16.18 14.93 33.14
CA SER C 26 -16.26 14.08 34.32
C SER C 26 -17.03 14.75 35.46
N PRO C 27 -18.01 14.02 36.04
CA PRO C 27 -18.77 14.57 37.17
C PRO C 27 -17.88 14.74 38.42
N LEU C 28 -16.88 13.87 38.56
CA LEU C 28 -15.87 13.96 39.62
C LEU C 28 -15.15 15.30 39.60
N LYS C 29 -14.66 15.72 38.43
CA LYS C 29 -13.94 17.00 38.29
C LYS C 29 -14.83 18.22 38.54
N THR C 30 -16.12 18.13 38.17
CA THR C 30 -17.05 19.25 38.30
C THR C 30 -17.22 19.83 39.73
N CYS C 31 -16.90 19.03 40.75
CA CYS C 31 -16.76 19.53 42.14
C CYS C 31 -15.60 20.55 42.30
N PRO C 38 -15.11 24.96 51.93
CA PRO C 38 -15.45 25.34 53.29
C PRO C 38 -14.90 24.33 54.32
N ASN C 39 -15.78 23.85 55.22
CA ASN C 39 -15.46 22.77 56.15
C ASN C 39 -15.82 21.36 55.61
N ILE C 40 -15.97 21.25 54.28
CA ILE C 40 -16.31 19.95 53.66
C ILE C 40 -15.13 19.00 53.69
N ILE C 41 -15.31 17.85 54.37
CA ILE C 41 -14.32 16.78 54.35
C ILE C 41 -14.46 15.94 53.07
N PHE C 42 -13.50 16.14 52.17
CA PHE C 42 -13.54 15.57 50.84
C PHE C 42 -12.96 14.13 50.80
N LEU C 43 -13.86 13.16 50.67
CA LEU C 43 -13.51 11.73 50.60
C LEU C 43 -13.79 11.13 49.20
N GLY C 44 -13.88 11.98 48.20
CA GLY C 44 -14.38 11.55 46.92
C GLY C 44 -13.36 11.39 45.81
N GLY C 45 -12.07 11.40 46.14
CA GLY C 45 -11.02 11.45 45.10
C GLY C 45 -10.32 10.10 44.95
N GLY C 46 -9.15 10.13 44.34
CA GLY C 46 -8.31 8.94 44.25
C GLY C 46 -6.83 9.29 44.28
N LEU C 47 -6.48 10.35 45.02
CA LEU C 47 -5.08 10.84 45.07
C LEU C 47 -4.25 10.02 46.07
N PRO C 48 -3.10 9.48 45.62
CA PRO C 48 -2.26 8.79 46.59
C PRO C 48 -1.40 9.79 47.36
N LEU C 49 -0.88 9.39 48.51
CA LEU C 49 -0.12 10.26 49.39
C LEU C 49 1.24 10.56 48.83
N LYS C 50 1.58 11.86 48.79
CA LYS C 50 2.86 12.33 48.32
C LYS C 50 4.01 11.79 49.16
N ASP C 51 3.73 11.40 50.41
CA ASP C 51 4.77 10.81 51.28
C ASP C 51 5.48 9.66 50.58
N TYR C 52 4.74 8.92 49.76
CA TYR C 52 5.30 7.69 49.17
C TYR C 52 5.99 7.93 47.82
N PHE C 53 6.14 9.19 47.37
CA PHE C 53 6.79 9.40 46.06
C PHE C 53 8.30 9.23 46.36
N PRO C 54 8.97 8.26 45.70
CA PRO C 54 10.29 7.82 46.18
C PRO C 54 11.47 8.63 45.59
N TRP C 55 11.29 9.94 45.46
CA TRP C 55 12.37 10.83 44.99
C TRP C 55 12.37 12.11 45.84
N ASP C 56 13.57 12.61 46.10
CA ASP C 56 13.72 13.97 46.62
C ASP C 56 15.04 14.50 46.10
N ASN C 57 15.22 15.82 46.15
CA ASN C 57 16.50 16.45 45.88
C ASN C 57 16.97 16.19 44.43
N LEU C 58 16.12 16.53 43.48
CA LEU C 58 16.44 16.33 42.07
C LEU C 58 17.38 17.47 41.65
N SER C 59 18.58 17.14 41.18
CA SER C 59 19.55 18.15 40.78
C SER C 59 20.03 17.89 39.36
N VAL C 60 20.59 18.92 38.73
CA VAL C 60 21.13 18.75 37.39
C VAL C 60 22.09 19.92 37.11
N ASP C 61 22.91 19.76 36.08
CA ASP C 61 23.73 20.85 35.54
C ASP C 61 23.15 21.24 34.19
N SER C 62 23.03 22.54 33.94
CA SER C 62 22.64 23.02 32.61
C SER C 62 23.66 24.08 32.19
N PRO C 63 23.84 24.30 30.88
CA PRO C 63 24.77 25.35 30.46
C PRO C 63 24.27 26.74 30.84
N LYS C 64 25.20 27.71 30.77
CA LYS C 64 24.98 29.04 31.32
C LYS C 64 24.95 30.14 30.25
N PRO C 65 23.91 31.01 30.27
CA PRO C 65 23.90 32.08 29.26
C PRO C 65 25.15 32.98 29.42
N PRO C 66 25.63 33.58 28.30
CA PRO C 66 25.05 33.54 26.95
C PRO C 66 25.65 32.41 26.09
N PHE C 67 26.13 31.34 26.73
CA PHE C 67 26.63 30.18 25.97
C PHE C 67 27.81 30.60 25.07
N PRO C 68 28.85 31.21 25.67
CA PRO C 68 29.95 31.85 24.92
C PRO C 68 30.70 30.91 23.97
N GLN C 69 30.83 29.62 24.35
CA GLN C 69 31.53 28.65 23.50
C GLN C 69 30.60 27.91 22.53
N GLY C 70 29.36 28.37 22.40
CA GLY C 70 28.41 27.67 21.56
C GLY C 70 27.56 26.77 22.45
N ILE C 71 26.35 26.51 22.00
CA ILE C 71 25.41 25.74 22.79
C ILE C 71 25.73 24.26 22.85
N GLY C 72 26.67 23.79 22.03
CA GLY C 72 27.13 22.41 22.08
C GLY C 72 28.33 22.15 22.98
N ALA C 73 28.86 23.20 23.63
CA ALA C 73 30.05 23.07 24.48
C ALA C 73 29.75 22.18 25.68
N PRO C 74 30.78 21.46 26.17
CA PRO C 74 30.65 20.65 27.40
C PRO C 74 30.09 21.44 28.58
N ILE C 75 29.21 20.80 29.34
CA ILE C 75 28.58 21.40 30.49
C ILE C 75 29.47 21.11 31.69
N ASP C 76 30.38 22.02 31.97
CA ASP C 76 31.34 21.83 33.06
C ASP C 76 31.97 23.17 33.38
N GLU C 77 32.61 23.25 34.53
CA GLU C 77 33.46 24.40 34.87
C GLU C 77 32.67 25.71 35.00
N GLN C 78 32.99 26.67 34.14
CA GLN C 78 32.31 27.97 34.09
C GLN C 78 31.04 27.91 33.22
N ASN C 79 30.92 26.89 32.38
CA ASN C 79 29.71 26.69 31.59
C ASN C 79 28.70 25.81 32.32
N CYS C 80 28.17 26.30 33.43
CA CYS C 80 27.35 25.47 34.30
C CYS C 80 26.50 26.23 35.31
N ILE C 81 25.19 26.00 35.23
CA ILE C 81 24.21 26.36 36.24
C ILE C 81 23.90 25.05 36.99
N LYS C 82 23.83 25.09 38.32
CA LYS C 82 23.45 23.91 39.12
C LYS C 82 22.27 24.25 39.99
N TYR C 83 21.33 23.31 40.15
CA TYR C 83 20.21 23.52 41.05
C TYR C 83 19.67 22.22 41.58
N THR C 84 18.92 22.32 42.68
CA THR C 84 18.27 21.18 43.30
C THR C 84 16.78 21.54 43.52
N VAL C 85 15.88 20.64 43.11
CA VAL C 85 14.44 20.83 43.34
C VAL C 85 13.99 19.84 44.40
N ASN C 86 13.30 20.33 45.43
CA ASN C 86 12.89 19.46 46.53
C ASN C 86 11.47 18.99 46.38
N LYS C 87 11.10 17.95 47.13
CA LYS C 87 9.72 17.44 47.12
C LYS C 87 8.76 18.47 47.73
N ASP C 88 9.15 19.07 48.86
CA ASP C 88 8.36 20.12 49.53
C ASP C 88 9.29 21.23 50.02
N TYR C 89 8.74 22.44 50.16
CA TYR C 89 9.50 23.56 50.68
C TYR C 89 8.96 24.05 52.02
N ALA C 90 9.86 24.42 52.93
CA ALA C 90 9.48 24.92 54.28
C ALA C 90 8.54 26.14 54.21
N ASP C 91 8.95 27.15 53.43
CA ASP C 91 8.09 28.30 53.09
C ASP C 91 8.48 28.84 51.70
N LYS C 92 7.76 29.87 51.22
CA LYS C 92 8.03 30.49 49.91
C LYS C 92 9.50 30.95 49.79
N SER C 93 10.11 31.25 50.94
CA SER C 93 11.49 31.73 51.01
C SER C 93 12.53 30.70 50.55
N ALA C 94 12.29 29.43 50.85
CA ALA C 94 13.25 28.37 50.51
C ALA C 94 13.18 27.97 49.02
N ASN C 95 12.21 28.55 48.30
CA ASN C 95 12.03 28.34 46.85
C ASN C 95 12.12 29.64 46.05
N PRO C 96 13.29 30.35 46.14
CA PRO C 96 13.44 31.66 45.49
C PRO C 96 13.28 31.62 43.97
N SER C 97 13.66 30.51 43.35
CA SER C 97 13.51 30.40 41.89
C SER C 97 12.13 29.88 41.45
N ASN C 98 11.22 29.69 42.40
CA ASN C 98 9.86 29.25 42.06
C ASN C 98 9.88 27.97 41.20
N ASP C 99 10.64 26.96 41.65
CA ASP C 99 10.57 25.66 41.02
C ASP C 99 9.24 24.98 41.29
N ILE C 100 8.87 24.04 40.43
CA ILE C 100 7.72 23.19 40.69
C ILE C 100 8.15 22.14 41.70
N PRO C 101 7.59 22.17 42.95
CA PRO C 101 8.02 21.16 43.91
C PRO C 101 7.62 19.74 43.46
N LEU C 102 8.45 18.74 43.79
CA LEU C 102 8.21 17.40 43.27
C LEU C 102 6.90 16.85 43.78
N SER C 103 6.45 17.28 44.98
CA SER C 103 5.19 16.79 45.53
CA SER C 103 5.19 16.82 45.56
C SER C 103 4.01 17.20 44.67
N ARG C 104 4.13 18.34 43.98
CA ARG C 104 3.09 18.80 43.06
C ARG C 104 3.30 18.24 41.66
N ALA C 105 4.56 18.25 41.21
CA ALA C 105 4.89 17.71 39.89
C ALA C 105 4.50 16.24 39.75
N LEU C 106 4.60 15.47 40.83
CA LEU C 106 4.37 14.05 40.77
C LEU C 106 2.97 13.63 41.24
N GLN C 107 2.14 14.57 41.67
CA GLN C 107 0.73 14.32 41.99
C GLN C 107 -0.14 14.48 40.71
N TYR C 108 -1.30 13.83 40.67
CA TYR C 108 -2.34 14.16 39.69
C TYR C 108 -2.67 15.66 39.74
N GLY C 109 -3.13 16.21 38.61
CA GLY C 109 -3.58 17.62 38.58
C GLY C 109 -2.89 18.40 37.47
N PHE C 110 -3.40 19.59 37.17
CA PHE C 110 -2.74 20.48 36.22
C PHE C 110 -2.57 19.81 34.88
N SER C 111 -3.67 19.23 34.39
CA SER C 111 -3.67 18.53 33.11
C SER C 111 -3.23 19.43 31.94
N ALA C 112 -3.47 20.73 32.07
CA ALA C 112 -3.04 21.70 31.05
C ALA C 112 -1.53 22.01 31.12
N GLY C 113 -0.88 21.57 32.20
CA GLY C 113 0.54 21.88 32.41
C GLY C 113 0.73 22.64 33.72
N GLN C 114 1.88 22.46 34.35
CA GLN C 114 2.16 23.17 35.62
C GLN C 114 2.22 24.67 35.39
N PRO C 115 1.66 25.46 36.33
CA PRO C 115 1.48 26.88 36.00
C PRO C 115 2.78 27.67 35.83
N GLU C 116 3.84 27.34 36.57
CA GLU C 116 5.16 27.97 36.36
C GLU C 116 5.65 27.80 34.93
N LEU C 117 5.48 26.60 34.39
CA LEU C 117 5.91 26.30 33.03
C LEU C 117 5.05 27.08 32.04
N LEU C 118 3.73 27.04 32.24
CA LEU C 118 2.84 27.81 31.39
C LEU C 118 3.13 29.32 31.45
N ASN C 119 3.47 29.84 32.63
CA ASN C 119 3.77 31.26 32.72
CA ASN C 119 3.80 31.26 32.77
C ASN C 119 5.03 31.61 31.94
N PHE C 120 6.02 30.72 31.97
CA PHE C 120 7.21 30.98 31.16
C PHE C 120 6.84 31.03 29.67
N ILE C 121 6.06 30.03 29.24
CA ILE C 121 5.67 29.95 27.84
C ILE C 121 4.87 31.20 27.44
N ARG C 122 3.94 31.63 28.28
CA ARG C 122 3.14 32.84 27.99
C ARG C 122 4.03 34.06 27.85
N ASP C 123 4.94 34.24 28.80
CA ASP C 123 5.89 35.35 28.66
C ASP C 123 6.70 35.32 27.35
N HIS C 124 7.17 34.13 26.97
CA HIS C 124 7.95 33.93 25.75
C HIS C 124 7.04 34.21 24.50
N THR C 125 5.80 33.72 24.56
CA THR C 125 4.83 33.99 23.50
C THR C 125 4.71 35.49 23.25
N LYS C 126 4.64 36.26 24.33
CA LYS C 126 4.44 37.70 24.19
C LYS C 126 5.66 38.36 23.60
N ILE C 127 6.84 37.80 23.82
CA ILE C 127 8.07 38.37 23.23
C ILE C 127 8.19 38.05 21.73
N ILE C 128 7.89 36.81 21.37
CA ILE C 128 8.01 36.32 20.00
C ILE C 128 6.89 36.79 19.06
N HIS C 129 5.65 36.77 19.56
CA HIS C 129 4.50 37.00 18.70
C HIS C 129 3.78 38.28 19.12
N ASP C 130 3.01 38.83 18.21
CA ASP C 130 2.19 40.00 18.51
C ASP C 130 0.74 39.54 18.42
N LEU C 131 0.11 39.20 19.55
CA LEU C 131 -1.25 38.64 19.51
C LEU C 131 -2.33 39.72 19.28
N LYS C 132 -3.27 39.40 18.39
CA LYS C 132 -4.20 40.38 17.87
C LYS C 132 -5.64 40.09 18.30
N TYR C 133 -5.80 39.10 19.17
CA TYR C 133 -7.05 38.93 19.90
C TYR C 133 -6.74 38.70 21.38
N LYS C 134 -7.74 38.91 22.23
CA LYS C 134 -7.52 39.02 23.67
C LYS C 134 -7.40 37.69 24.40
N ASP C 135 -8.24 36.73 24.02
CA ASP C 135 -8.46 35.51 24.81
C ASP C 135 -7.64 34.30 24.35
N TRP C 136 -6.35 34.51 24.13
CA TRP C 136 -5.45 33.43 23.76
C TRP C 136 -4.91 32.77 25.02
N ASP C 137 -4.51 31.51 24.91
CA ASP C 137 -3.91 30.79 26.03
C ASP C 137 -3.01 29.69 25.44
N VAL C 138 -2.39 28.90 26.32
CA VAL C 138 -1.49 27.83 25.89
C VAL C 138 -1.85 26.59 26.68
N LEU C 139 -1.58 25.44 26.09
CA LEU C 139 -1.88 24.18 26.75
C LEU C 139 -0.68 23.29 26.48
N ALA C 140 -0.15 22.66 27.53
CA ALA C 140 1.04 21.83 27.37
C ALA C 140 0.68 20.51 26.68
N THR C 141 1.60 19.99 25.88
CA THR C 141 1.38 18.72 25.17
C THR C 141 2.62 17.86 25.41
N ALA C 142 2.58 16.62 24.88
CA ALA C 142 3.73 15.74 24.98
C ALA C 142 4.60 15.84 23.71
N GLY C 143 4.47 16.95 22.99
CA GLY C 143 5.16 17.12 21.71
C GLY C 143 4.17 17.33 20.57
N ASN C 144 4.70 17.67 19.40
CA ASN C 144 3.86 17.99 18.24
C ASN C 144 3.17 16.81 17.60
N THR C 145 3.80 15.63 17.71
CA THR C 145 3.18 14.36 17.33
C THR C 145 1.81 14.21 18.03
N ASN C 146 1.85 14.34 19.36
CA ASN C 146 0.69 14.34 20.28
C ASN C 146 -0.31 15.43 19.87
N ALA C 147 0.19 16.64 19.63
CA ALA C 147 -0.64 17.78 19.28
C ALA C 147 -1.45 17.55 17.99
N TRP C 148 -0.81 16.95 16.98
CA TRP C 148 -1.47 16.68 15.70
C TRP C 148 -2.51 15.58 15.83
N GLU C 149 -2.14 14.52 16.53
CA GLU C 149 -3.12 13.51 16.95
C GLU C 149 -4.36 14.09 17.60
N SER C 150 -4.18 14.93 18.62
CA SER C 150 -5.29 15.56 19.30
C SER C 150 -6.10 16.45 18.34
N THR C 151 -5.43 17.20 17.48
CA THR C 151 -6.08 18.03 16.48
C THR C 151 -6.98 17.17 15.56
N LEU C 152 -6.46 16.05 15.06
CA LEU C 152 -7.29 15.16 14.24
C LEU C 152 -8.53 14.69 14.99
N ARG C 153 -8.33 14.25 16.24
CA ARG C 153 -9.45 13.75 17.05
C ARG C 153 -10.48 14.81 17.32
N VAL C 154 -10.02 16.01 17.61
CA VAL C 154 -10.88 17.13 17.99
C VAL C 154 -11.73 17.63 16.84
N PHE C 155 -11.13 17.73 15.66
CA PHE C 155 -11.83 18.31 14.55
C PHE C 155 -12.35 17.36 13.50
N CYS C 156 -11.69 16.25 13.26
CA CYS C 156 -11.98 15.50 12.04
C CYS C 156 -12.74 14.21 12.24
N ASN C 157 -13.89 14.11 11.61
CA ASN C 157 -14.56 12.84 11.46
C ASN C 157 -13.92 12.09 10.28
N ARG C 158 -14.12 10.78 10.25
CA ARG C 158 -13.71 9.99 9.08
C ARG C 158 -14.45 10.57 7.87
N GLY C 159 -13.73 10.82 6.77
CA GLY C 159 -14.33 11.38 5.57
C GLY C 159 -14.27 12.89 5.47
N ASP C 160 -13.92 13.56 6.57
CA ASP C 160 -13.62 15.00 6.53
C ASP C 160 -12.39 15.28 5.68
N VAL C 161 -12.25 16.52 5.24
CA VAL C 161 -11.16 16.94 4.38
C VAL C 161 -10.30 17.98 5.07
N ILE C 162 -8.99 17.83 4.91
CA ILE C 162 -8.04 18.85 5.30
C ILE C 162 -7.19 19.19 4.07
N LEU C 163 -6.65 20.41 4.07
CA LEU C 163 -5.68 20.83 3.07
C LEU C 163 -4.28 20.58 3.59
N VAL C 164 -3.40 20.06 2.73
CA VAL C 164 -2.00 19.80 3.11
C VAL C 164 -1.09 20.27 1.97
N GLU C 165 0.17 20.57 2.29
CA GLU C 165 1.20 20.85 1.30
C GLU C 165 1.42 19.61 0.42
N ALA C 166 1.80 19.84 -0.84
CA ALA C 166 1.84 18.76 -1.83
C ALA C 166 2.80 17.69 -1.40
N HIS C 167 3.85 18.08 -0.68
CA HIS C 167 4.68 17.12 0.04
C HIS C 167 4.69 17.58 1.48
N SER C 168 4.60 16.64 2.41
CA SER C 168 4.43 17.02 3.80
C SER C 168 5.04 15.95 4.69
N PHE C 169 4.99 16.15 6.01
CA PHE C 169 5.57 15.20 6.98
C PHE C 169 4.86 13.83 6.86
N SER C 170 5.66 12.81 6.54
CA SER C 170 5.19 11.45 6.34
CA SER C 170 5.16 11.45 6.33
C SER C 170 4.24 10.96 7.46
N SER C 171 4.66 11.16 8.72
CA SER C 171 3.86 10.73 9.87
CA SER C 171 3.89 10.78 9.91
C SER C 171 2.54 11.48 10.00
N SER C 172 2.54 12.79 9.74
CA SER C 172 1.32 13.58 9.81
C SER C 172 0.30 13.10 8.76
N LEU C 173 0.81 12.83 7.56
CA LEU C 173 -0.04 12.27 6.47
C LEU C 173 -0.53 10.89 6.83
N ALA C 174 0.37 10.04 7.34
CA ALA C 174 -0.04 8.67 7.75
C ALA C 174 -1.11 8.69 8.85
N SER C 175 -0.99 9.63 9.80
N SER C 175 -1.01 9.63 9.79
CA SER C 175 -1.94 9.77 10.90
CA SER C 175 -1.98 9.70 10.90
C SER C 175 -3.34 10.05 10.35
C SER C 175 -3.36 10.04 10.34
N ALA C 176 -3.43 11.08 9.51
CA ALA C 176 -4.68 11.42 8.86
C ALA C 176 -5.24 10.26 8.03
N GLU C 177 -4.37 9.56 7.29
CA GLU C 177 -4.81 8.48 6.41
C GLU C 177 -5.43 7.33 7.21
N ALA C 178 -4.79 6.96 8.32
CA ALA C 178 -5.31 5.89 9.22
C ALA C 178 -6.73 6.20 9.69
N GLN C 179 -6.97 7.47 10.01
CA GLN C 179 -8.27 7.96 10.45
C GLN C 179 -9.26 8.28 9.31
N GLY C 180 -8.83 8.07 8.07
CA GLY C 180 -9.71 8.27 6.93
C GLY C 180 -10.06 9.74 6.72
N VAL C 181 -9.14 10.61 7.14
CA VAL C 181 -9.28 12.05 6.93
C VAL C 181 -8.57 12.33 5.60
N ILE C 182 -9.30 12.90 4.66
CA ILE C 182 -8.77 13.13 3.33
C ILE C 182 -7.77 14.29 3.35
N THR C 183 -6.60 14.05 2.78
CA THR C 183 -5.56 15.06 2.76
C THR C 183 -5.47 15.58 1.33
N PHE C 184 -6.10 16.71 1.06
CA PHE C 184 -6.09 17.31 -0.28
C PHE C 184 -4.87 18.19 -0.50
N PRO C 185 -3.97 17.81 -1.45
CA PRO C 185 -2.73 18.53 -1.59
C PRO C 185 -2.92 19.91 -2.24
N VAL C 186 -2.16 20.90 -1.78
CA VAL C 186 -2.14 22.22 -2.45
C VAL C 186 -0.74 22.56 -2.96
N PRO C 187 -0.67 23.27 -4.10
CA PRO C 187 0.65 23.51 -4.73
C PRO C 187 1.58 24.35 -3.86
N ILE C 188 2.88 24.01 -3.93
CA ILE C 188 3.96 24.70 -3.22
C ILE C 188 5.10 24.98 -4.20
N ASP C 189 5.93 25.96 -3.92
CA ASP C 189 7.11 26.12 -4.76
C ASP C 189 8.29 26.31 -3.84
N ALA C 190 9.30 27.01 -4.32
CA ALA C 190 10.45 27.36 -3.49
C ALA C 190 10.09 28.25 -2.30
N ASP C 191 8.95 28.93 -2.37
CA ASP C 191 8.54 29.82 -1.28
C ASP C 191 7.32 29.30 -0.53
N GLY C 192 7.09 28.00 -0.65
CA GLY C 192 6.06 27.30 0.13
C GLY C 192 4.73 27.37 -0.60
N ILE C 193 3.64 27.25 0.16
CA ILE C 193 2.29 27.35 -0.40
C ILE C 193 2.14 28.58 -1.33
N ILE C 194 1.60 28.35 -2.52
CA ILE C 194 1.34 29.40 -3.50
C ILE C 194 -0.10 29.92 -3.27
N PRO C 195 -0.27 31.13 -2.71
CA PRO C 195 -1.62 31.59 -2.35
C PRO C 195 -2.62 31.60 -3.51
N GLU C 196 -2.24 32.14 -4.67
CA GLU C 196 -3.14 32.19 -5.84
C GLU C 196 -3.65 30.80 -6.22
N LYS C 197 -2.76 29.80 -6.19
CA LYS C 197 -3.14 28.43 -6.51
C LYS C 197 -4.08 27.85 -5.45
N LEU C 198 -3.81 28.13 -4.17
CA LEU C 198 -4.73 27.77 -3.10
C LEU C 198 -6.10 28.46 -3.26
N ALA C 199 -6.10 29.74 -3.60
CA ALA C 199 -7.37 30.46 -3.77
C ALA C 199 -8.21 29.86 -4.89
N LYS C 200 -7.57 29.47 -6.01
CA LYS C 200 -8.26 28.81 -7.14
C LYS C 200 -8.81 27.43 -6.75
N VAL C 201 -8.05 26.66 -5.96
CA VAL C 201 -8.57 25.39 -5.41
C VAL C 201 -9.88 25.63 -4.64
N MET C 202 -9.89 26.68 -3.83
CA MET C 202 -11.06 26.98 -3.03
C MET C 202 -12.23 27.55 -3.86
N GLU C 203 -11.95 28.49 -4.77
N GLU C 203 -11.92 28.49 -4.76
CA GLU C 203 -13.00 29.01 -5.64
CA GLU C 203 -12.89 29.05 -5.70
C GLU C 203 -13.64 27.89 -6.44
C GLU C 203 -13.60 27.94 -6.49
N ASN C 204 -12.82 26.95 -6.92
CA ASN C 204 -13.32 25.87 -7.77
C ASN C 204 -13.81 24.62 -7.04
N TRP C 205 -13.85 24.67 -5.71
CA TRP C 205 -14.20 23.49 -4.90
C TRP C 205 -15.51 22.88 -5.39
N THR C 206 -15.49 21.59 -5.73
CA THR C 206 -16.67 20.95 -6.33
C THR C 206 -17.84 20.97 -5.35
N PRO C 207 -18.98 21.57 -5.76
CA PRO C 207 -20.21 21.57 -4.95
C PRO C 207 -20.62 20.16 -4.58
N GLY C 208 -21.03 19.95 -3.33
CA GLY C 208 -21.35 18.60 -2.85
C GLY C 208 -20.19 17.88 -2.17
N ALA C 209 -18.96 18.27 -2.49
CA ALA C 209 -17.80 17.68 -1.81
C ALA C 209 -17.63 18.39 -0.46
N PRO C 210 -17.23 17.64 0.60
CA PRO C 210 -17.00 18.23 1.91
C PRO C 210 -16.06 19.44 1.87
N LYS C 211 -16.39 20.48 2.63
CA LYS C 211 -15.58 21.69 2.74
C LYS C 211 -14.37 21.40 3.62
N PRO C 212 -13.15 21.74 3.18
CA PRO C 212 -11.97 21.54 4.04
C PRO C 212 -12.19 22.22 5.42
N LYS C 213 -11.87 21.50 6.50
CA LYS C 213 -12.00 22.05 7.86
C LYS C 213 -10.77 22.88 8.25
N LEU C 214 -9.60 22.44 7.80
CA LEU C 214 -8.36 23.08 8.20
C LEU C 214 -7.28 22.89 7.16
N LEU C 215 -6.32 23.80 7.22
CA LEU C 215 -5.06 23.74 6.50
C LEU C 215 -3.99 23.30 7.48
N TYR C 216 -3.35 22.15 7.18
CA TYR C 216 -2.18 21.71 7.97
C TYR C 216 -0.90 22.10 7.20
N THR C 217 -0.08 22.95 7.83
CA THR C 217 1.10 23.51 7.20
C THR C 217 2.31 23.48 8.13
N ILE C 218 3.51 23.30 7.54
CA ILE C 218 4.79 23.40 8.29
C ILE C 218 5.50 24.62 7.69
N PRO C 219 5.18 25.82 8.23
CA PRO C 219 5.50 27.03 7.49
C PRO C 219 6.99 27.39 7.43
N THR C 220 7.76 26.94 8.42
CA THR C 220 9.20 27.30 8.55
C THR C 220 10.07 26.05 8.55
N GLY C 221 10.96 25.94 7.57
CA GLY C 221 11.77 24.72 7.44
C GLY C 221 10.92 23.50 7.14
N GLN C 222 10.07 23.64 6.12
CA GLN C 222 9.04 22.66 5.75
C GLN C 222 9.65 21.28 5.64
N ASN C 223 8.99 20.28 6.21
CA ASN C 223 9.44 18.90 6.09
C ASN C 223 8.56 18.28 5.00
N PRO C 224 9.13 17.91 3.84
CA PRO C 224 10.55 17.67 3.52
C PRO C 224 11.28 18.71 2.70
N THR C 225 10.59 19.76 2.25
CA THR C 225 11.10 20.59 1.15
C THR C 225 12.11 21.63 1.59
N GLY C 226 12.16 21.93 2.89
CA GLY C 226 13.11 22.92 3.38
C GLY C 226 12.73 24.37 3.17
N THR C 227 11.50 24.59 2.67
CA THR C 227 11.02 25.92 2.31
C THR C 227 10.48 26.66 3.52
N SER C 228 10.38 27.99 3.39
CA SER C 228 9.66 28.80 4.35
C SER C 228 8.64 29.66 3.61
N ILE C 229 7.44 29.79 4.19
CA ILE C 229 6.40 30.60 3.57
C ILE C 229 6.72 32.08 3.82
N ALA C 230 6.92 32.86 2.75
CA ALA C 230 7.21 34.31 2.84
C ALA C 230 6.16 35.08 3.65
N ASP C 231 6.55 36.13 4.39
CA ASP C 231 5.60 36.91 5.18
C ASP C 231 4.33 37.32 4.39
N HIS C 232 4.49 37.86 3.18
CA HIS C 232 3.34 38.32 2.39
C HIS C 232 2.43 37.16 1.95
N ARG C 233 2.97 35.96 1.77
CA ARG C 233 2.12 34.82 1.42
C ARG C 233 1.29 34.39 2.63
N LYS C 234 1.88 34.39 3.84
CA LYS C 234 1.10 34.09 5.06
C LYS C 234 -0.13 35.01 5.18
N GLU C 235 0.08 36.30 4.96
CA GLU C 235 -0.99 37.29 4.99
C GLU C 235 -2.10 36.92 3.98
N ALA C 236 -1.71 36.60 2.74
CA ALA C 236 -2.68 36.20 1.71
C ALA C 236 -3.38 34.87 2.08
N ILE C 237 -2.60 33.91 2.55
CA ILE C 237 -3.17 32.61 2.96
C ILE C 237 -4.16 32.79 4.11
N TYR C 238 -3.86 33.69 5.05
CA TYR C 238 -4.78 33.95 6.14
C TYR C 238 -6.13 34.48 5.63
N LYS C 239 -6.08 35.43 4.68
CA LYS C 239 -7.30 35.95 4.09
C LYS C 239 -8.16 34.87 3.41
N ILE C 240 -7.51 33.91 2.74
CA ILE C 240 -8.22 32.77 2.13
C ILE C 240 -8.91 31.89 3.19
N ALA C 241 -8.20 31.59 4.28
CA ALA C 241 -8.77 30.83 5.41
C ALA C 241 -10.02 31.54 5.96
N GLN C 242 -9.97 32.88 6.07
CA GLN C 242 -11.16 33.68 6.45
C GLN C 242 -12.30 33.51 5.45
N LYS C 243 -11.97 33.63 4.16
CA LYS C 243 -12.95 33.61 3.09
C LYS C 243 -13.72 32.28 3.00
N TYR C 244 -13.03 31.16 3.16
CA TYR C 244 -13.63 29.84 3.05
C TYR C 244 -13.86 29.17 4.40
N ASP C 245 -13.61 29.93 5.46
CA ASP C 245 -13.83 29.49 6.84
C ASP C 245 -13.20 28.14 7.18
N PHE C 246 -11.88 28.02 6.94
CA PHE C 246 -11.12 26.90 7.50
C PHE C 246 -10.13 27.40 8.55
N LEU C 247 -9.76 26.52 9.48
CA LEU C 247 -8.69 26.81 10.44
C LEU C 247 -7.31 26.66 9.81
N ILE C 248 -6.31 27.25 10.45
CA ILE C 248 -4.92 27.00 10.07
C ILE C 248 -4.19 26.39 11.25
N VAL C 249 -3.69 25.18 11.04
CA VAL C 249 -2.93 24.49 12.08
C VAL C 249 -1.48 24.57 11.63
N GLU C 250 -0.67 25.37 12.33
CA GLU C 250 0.73 25.53 11.94
C GLU C 250 1.62 24.71 12.86
N ASP C 251 2.31 23.76 12.24
CA ASP C 251 3.13 22.80 12.95
C ASP C 251 4.52 23.38 12.85
N GLU C 252 5.01 23.92 13.96
CA GLU C 252 6.19 24.77 13.90
C GLU C 252 7.38 24.29 14.75
N PRO C 253 7.81 23.01 14.60
CA PRO C 253 8.92 22.52 15.44
C PRO C 253 10.28 23.15 15.08
N TYR C 254 10.39 23.66 13.85
CA TYR C 254 11.65 24.23 13.32
C TYR C 254 11.69 25.75 13.29
N TYR C 255 10.72 26.40 13.93
CA TYR C 255 10.65 27.87 13.85
C TYR C 255 11.97 28.52 14.29
N PHE C 256 12.61 27.99 15.34
CA PHE C 256 13.90 28.58 15.76
C PHE C 256 15.15 28.01 15.06
N LEU C 257 14.92 27.32 13.95
CA LEU C 257 16.02 26.97 13.04
C LEU C 257 16.08 27.88 11.82
N GLN C 258 15.52 29.08 11.94
CA GLN C 258 15.70 30.10 10.91
C GLN C 258 17.15 30.51 10.93
N MET C 259 17.68 30.86 9.75
CA MET C 259 19.10 31.26 9.57
C MET C 259 19.18 32.49 8.66
N ASN C 260 20.34 33.15 8.62
CA ASN C 260 20.58 34.17 7.58
C ASN C 260 20.58 33.44 6.25
N PRO C 261 20.08 34.11 5.16
CA PRO C 261 20.18 33.43 3.86
C PRO C 261 21.62 33.09 3.54
N TYR C 262 21.78 32.01 2.82
CA TYR C 262 23.04 31.52 2.36
C TYR C 262 23.68 32.55 1.42
N ILE C 263 24.98 32.69 1.53
CA ILE C 263 25.76 33.57 0.67
C ILE C 263 26.75 32.71 -0.10
N LYS C 264 26.56 32.64 -1.41
CA LYS C 264 27.35 31.73 -2.23
C LYS C 264 28.82 32.17 -2.35
N ASP C 265 29.03 33.46 -2.60
CA ASP C 265 30.37 34.03 -2.75
C ASP C 265 31.12 34.06 -1.42
N LEU C 266 32.24 33.34 -1.35
CA LEU C 266 32.97 33.17 -0.10
C LEU C 266 33.47 34.49 0.50
N LYS C 267 33.84 35.43 -0.34
CA LYS C 267 34.32 36.74 0.16
C LYS C 267 33.15 37.55 0.72
N GLU C 268 32.03 37.56 0.00
CA GLU C 268 30.81 38.17 0.49
C GLU C 268 30.41 37.57 1.86
N ARG C 269 30.46 36.24 1.94
CA ARG C 269 30.08 35.55 3.16
C ARG C 269 30.99 35.92 4.35
N GLU C 270 32.30 35.91 4.12
CA GLU C 270 33.25 36.25 5.20
C GLU C 270 33.05 37.70 5.69
N LYS C 271 32.79 38.62 4.75
CA LYS C 271 32.38 39.98 5.11
C LYS C 271 31.16 40.01 6.03
N ALA C 272 30.12 39.25 5.68
CA ALA C 272 28.94 39.21 6.54
C ALA C 272 29.25 38.52 7.88
N GLN C 273 30.04 37.45 7.84
CA GLN C 273 30.33 36.67 9.04
CA GLN C 273 30.33 36.66 9.05
C GLN C 273 31.22 37.43 10.03
N SER C 274 31.95 38.42 9.53
CA SER C 274 32.82 39.26 10.33
C SER C 274 32.06 40.27 11.21
N SER C 275 30.77 40.45 10.96
CA SER C 275 29.93 41.41 11.70
C SER C 275 29.73 40.95 13.15
N PRO C 276 29.49 41.91 14.07
CA PRO C 276 29.14 41.55 15.44
C PRO C 276 27.92 40.61 15.45
N LYS C 277 27.84 39.71 16.43
CA LYS C 277 26.65 38.87 16.60
C LYS C 277 25.39 39.74 16.81
N GLN C 278 24.24 39.24 16.38
CA GLN C 278 22.98 39.97 16.59
C GLN C 278 22.76 40.18 18.08
N ASP C 279 22.26 41.36 18.46
CA ASP C 279 21.69 41.52 19.80
C ASP C 279 20.25 41.04 19.79
N HIS C 280 19.60 41.05 20.95
CA HIS C 280 18.26 40.48 21.05
C HIS C 280 17.23 41.15 20.16
N ASP C 281 17.26 42.47 20.09
CA ASP C 281 16.27 43.18 19.28
CA ASP C 281 16.30 43.24 19.29
C ASP C 281 16.45 42.92 17.81
N GLU C 282 17.69 42.82 17.34
CA GLU C 282 17.98 42.47 15.93
C GLU C 282 17.55 41.02 15.60
N PHE C 283 17.84 40.10 16.50
CA PHE C 283 17.38 38.72 16.37
C PHE C 283 15.85 38.67 16.20
N LEU C 284 15.14 39.29 17.13
CA LEU C 284 13.66 39.29 17.10
C LEU C 284 13.09 39.91 15.80
N LYS C 285 13.64 41.06 15.39
CA LYS C 285 13.20 41.67 14.13
C LYS C 285 13.51 40.77 12.91
N SER C 286 14.50 39.88 13.01
CA SER C 286 14.85 39.01 11.86
C SER C 286 13.88 37.85 11.68
N LEU C 287 13.02 37.59 12.68
CA LEU C 287 12.19 36.35 12.65
C LEU C 287 11.01 36.48 11.70
N ALA C 288 10.61 35.36 11.10
CA ALA C 288 9.50 35.36 10.13
C ALA C 288 8.22 35.65 10.87
N ASN C 289 7.26 36.28 10.20
CA ASN C 289 5.93 36.44 10.81
CA ASN C 289 5.93 36.44 10.78
C ASN C 289 5.29 35.06 10.92
N THR C 290 4.22 34.95 11.69
CA THR C 290 3.59 33.64 11.94
C THR C 290 2.11 33.77 11.69
N PHE C 291 1.44 32.63 11.40
CA PHE C 291 -0.01 32.67 11.29
C PHE C 291 -0.61 33.08 12.64
N LEU C 292 0.01 32.66 13.75
CA LEU C 292 -0.45 33.08 15.09
C LEU C 292 -0.55 34.61 15.25
N SER C 293 0.49 35.34 14.84
CA SER C 293 0.47 36.79 14.90
C SER C 293 -0.50 37.46 13.94
N LEU C 294 -0.92 36.74 12.91
CA LEU C 294 -1.86 37.29 11.93
C LEU C 294 -3.28 37.07 12.36
N ASP C 295 -3.49 36.21 13.36
CA ASP C 295 -4.84 35.74 13.71
C ASP C 295 -5.64 36.75 14.50
N THR C 296 -6.68 37.30 13.88
CA THR C 296 -7.55 38.21 14.62
CA THR C 296 -7.60 38.24 14.55
C THR C 296 -8.83 37.53 15.12
N GLU C 297 -8.96 36.23 14.84
CA GLU C 297 -10.26 35.49 15.03
C GLU C 297 -10.20 34.21 15.85
N GLY C 298 -8.99 33.78 16.20
CA GLY C 298 -8.85 32.51 16.89
C GLY C 298 -9.06 31.35 15.93
N ARG C 299 -8.75 31.53 14.66
CA ARG C 299 -8.79 30.39 13.74
C ARG C 299 -7.44 29.74 13.53
N VAL C 300 -6.42 30.22 14.24
CA VAL C 300 -5.08 29.61 14.16
C VAL C 300 -4.79 28.80 15.42
N ILE C 301 -4.28 27.59 15.21
CA ILE C 301 -3.73 26.75 16.29
C ILE C 301 -2.26 26.52 15.96
N ARG C 302 -1.39 26.98 16.84
CA ARG C 302 0.02 26.82 16.61
C ARG C 302 0.51 25.66 17.50
N MET C 303 1.26 24.75 16.88
CA MET C 303 1.88 23.63 17.60
C MET C 303 3.37 23.88 17.77
N ASP C 304 3.81 24.09 19.01
CA ASP C 304 5.20 24.35 19.33
C ASP C 304 5.77 23.18 20.08
N SER C 305 7.06 22.88 19.87
CA SER C 305 7.70 21.76 20.57
C SER C 305 9.09 22.14 21.11
N PHE C 306 9.50 21.51 22.21
CA PHE C 306 10.87 21.68 22.71
C PHE C 306 11.81 20.67 22.05
N SER C 307 11.31 19.84 21.12
CA SER C 307 12.12 18.77 20.55
C SER C 307 13.42 19.23 19.94
N LYS C 308 13.34 20.21 19.04
CA LYS C 308 14.53 20.61 18.28
C LYS C 308 15.19 21.78 18.95
N VAL C 309 14.57 22.31 19.98
CA VAL C 309 15.18 23.39 20.74
C VAL C 309 15.98 22.88 21.95
N LEU C 310 15.40 21.94 22.70
CA LEU C 310 16.07 21.35 23.87
C LEU C 310 16.45 19.89 23.64
N ALA C 311 15.44 19.03 23.47
CA ALA C 311 15.73 17.62 23.17
C ALA C 311 14.49 16.87 22.75
N PRO C 312 14.61 15.95 21.76
CA PRO C 312 13.40 15.20 21.39
C PRO C 312 12.76 14.44 22.54
N GLY C 313 13.58 13.86 23.42
CA GLY C 313 13.05 13.06 24.53
C GLY C 313 12.47 13.88 25.67
N THR C 314 12.49 15.21 25.55
CA THR C 314 11.69 16.01 26.50
C THR C 314 10.21 15.65 26.46
N ARG C 315 9.72 15.19 25.31
N ARG C 315 9.72 15.23 25.30
CA ARG C 315 8.27 14.90 25.13
CA ARG C 315 8.29 14.90 25.13
C ARG C 315 7.41 16.00 25.75
C ARG C 315 7.40 15.99 25.74
N LEU C 316 7.66 17.24 25.30
CA LEU C 316 7.02 18.40 25.86
C LEU C 316 6.89 19.45 24.74
N GLY C 317 5.70 19.99 24.63
CA GLY C 317 5.47 21.11 23.72
C GLY C 317 4.25 21.82 24.23
N TRP C 318 3.66 22.65 23.38
CA TRP C 318 2.43 23.31 23.74
C TRP C 318 1.67 23.70 22.46
N ILE C 319 0.39 23.99 22.61
CA ILE C 319 -0.37 24.60 21.55
C ILE C 319 -0.81 25.98 22.00
N THR C 320 -0.96 26.90 21.04
CA THR C 320 -1.47 28.23 21.30
C THR C 320 -2.70 28.44 20.44
N GLY C 321 -3.74 28.95 21.08
CA GLY C 321 -5.03 29.19 20.45
C GLY C 321 -5.98 29.83 21.45
N SER C 322 -7.21 30.11 21.03
CA SER C 322 -8.18 30.73 21.90
C SER C 322 -8.54 29.81 23.06
N SER C 323 -8.98 30.41 24.17
CA SER C 323 -9.43 29.59 25.30
C SER C 323 -10.58 28.66 24.88
N LYS C 324 -11.43 29.17 23.99
CA LYS C 324 -12.56 28.43 23.42
C LYS C 324 -12.10 27.19 22.74
N ILE C 325 -11.18 27.36 21.80
CA ILE C 325 -10.74 26.25 20.99
C ILE C 325 -9.91 25.21 21.80
N LEU C 326 -9.25 25.66 22.89
CA LEU C 326 -8.43 24.78 23.73
C LEU C 326 -9.24 23.88 24.67
N LYS C 327 -10.49 24.26 24.93
CA LYS C 327 -11.40 23.45 25.76
C LYS C 327 -11.55 21.99 25.34
N PRO C 328 -11.82 21.72 24.04
CA PRO C 328 -11.90 20.28 23.74
C PRO C 328 -10.54 19.55 23.77
N TYR C 329 -9.45 20.26 23.57
CA TYR C 329 -8.13 19.63 23.66
C TYR C 329 -7.88 19.21 25.10
N LEU C 330 -8.20 20.08 26.06
CA LEU C 330 -8.00 19.73 27.49
C LEU C 330 -8.86 18.53 27.88
N SER C 331 -10.11 18.55 27.42
CA SER C 331 -11.03 17.46 27.70
CA SER C 331 -11.02 17.45 27.72
C SER C 331 -10.49 16.13 27.18
N LEU C 332 -9.97 16.15 25.94
CA LEU C 332 -9.38 14.96 25.35
C LEU C 332 -8.17 14.49 26.17
N HIS C 333 -7.26 15.43 26.47
CA HIS C 333 -6.03 15.09 27.21
C HIS C 333 -6.31 14.45 28.56
N GLU C 334 -7.30 14.98 29.26
CA GLU C 334 -7.76 14.39 30.53
C GLU C 334 -8.18 12.91 30.42
N MET C 335 -8.54 12.46 29.22
CA MET C 335 -8.90 11.05 28.97
C MET C 335 -7.86 10.24 28.19
N THR C 336 -6.72 10.85 27.85
N THR C 336 -6.77 10.89 27.82
CA THR C 336 -5.74 10.18 27.01
CA THR C 336 -5.72 10.23 27.08
C THR C 336 -4.30 10.23 27.57
C THR C 336 -4.41 10.43 27.82
N ILE C 337 -3.56 11.29 27.30
CA ILE C 337 -2.20 11.45 27.80
C ILE C 337 -2.14 11.75 29.28
N GLN C 338 -3.20 12.39 29.79
CA GLN C 338 -3.34 12.82 31.20
C GLN C 338 -2.75 14.18 31.59
N ALA C 339 -1.45 14.36 31.32
CA ALA C 339 -0.63 15.55 31.57
C ALA C 339 0.78 15.16 31.10
N PRO C 340 1.57 16.13 30.63
CA PRO C 340 2.94 15.80 30.30
C PRO C 340 3.70 15.38 31.57
N ALA C 341 4.71 14.55 31.40
CA ALA C 341 5.41 13.94 32.54
C ALA C 341 5.90 14.99 33.56
N GLY C 342 5.64 14.73 34.83
CA GLY C 342 6.04 15.66 35.94
C GLY C 342 7.50 16.03 35.91
N PHE C 343 8.37 15.03 35.79
CA PHE C 343 9.82 15.29 35.83
C PHE C 343 10.31 16.14 34.67
N THR C 344 9.76 15.91 33.47
CA THR C 344 10.12 16.72 32.31
CA THR C 344 10.14 16.75 32.33
C THR C 344 9.71 18.19 32.52
N GLN C 345 8.52 18.40 33.07
CA GLN C 345 8.10 19.76 33.38
C GLN C 345 9.00 20.44 34.42
N VAL C 346 9.36 19.72 35.48
CA VAL C 346 10.25 20.25 36.52
C VAL C 346 11.57 20.71 35.92
N LEU C 347 12.23 19.83 35.15
CA LEU C 347 13.57 20.12 34.61
C LEU C 347 13.57 21.17 33.48
N VAL C 348 12.54 21.16 32.65
CA VAL C 348 12.41 22.19 31.63
C VAL C 348 12.10 23.56 32.26
N ASN C 349 11.11 23.59 33.13
CA ASN C 349 10.83 24.85 33.85
C ASN C 349 12.04 25.38 34.59
N ALA C 350 12.76 24.50 35.30
CA ALA C 350 13.85 24.93 36.19
C ALA C 350 14.97 25.55 35.40
N THR C 351 15.29 24.94 34.25
CA THR C 351 16.41 25.42 33.45
C THR C 351 16.00 26.72 32.76
N LEU C 352 14.82 26.69 32.13
CA LEU C 352 14.29 27.86 31.42
C LEU C 352 14.15 29.04 32.34
N SER C 353 13.60 28.80 33.54
CA SER C 353 13.36 29.92 34.42
CA SER C 353 13.36 29.85 34.53
C SER C 353 14.66 30.57 34.90
N ARG C 354 15.71 29.77 35.09
CA ARG C 354 17.00 30.31 35.48
C ARG C 354 17.67 31.02 34.31
N TRP C 355 17.49 30.50 33.09
CA TRP C 355 17.96 31.27 31.94
C TRP C 355 17.23 32.62 31.87
N GLY C 356 15.95 32.62 32.22
CA GLY C 356 15.12 33.78 32.01
C GLY C 356 14.75 33.87 30.52
N GLN C 357 13.87 34.80 30.20
CA GLN C 357 13.45 35.01 28.79
C GLN C 357 14.67 35.44 27.97
N LYS C 358 15.55 36.22 28.59
CA LYS C 358 16.74 36.75 27.91
C LYS C 358 17.77 35.68 27.64
N GLY C 359 18.00 34.83 28.64
CA GLY C 359 18.94 33.71 28.48
C GLY C 359 18.40 32.78 27.43
N TYR C 360 17.08 32.61 27.41
CA TYR C 360 16.48 31.72 26.38
C TYR C 360 16.69 32.29 24.99
N LEU C 361 16.60 33.61 24.84
CA LEU C 361 16.99 34.20 23.55
C LEU C 361 18.47 33.95 23.20
N ASP C 362 19.38 34.03 24.17
CA ASP C 362 20.79 33.71 23.92
C ASP C 362 20.89 32.26 23.42
N TRP C 363 20.08 31.37 24.00
CA TRP C 363 20.09 29.94 23.59
C TRP C 363 19.64 29.80 22.12
N LEU C 364 18.52 30.43 21.80
CA LEU C 364 17.95 30.35 20.45
C LEU C 364 18.86 31.00 19.42
N LEU C 365 19.52 32.10 19.81
CA LEU C 365 20.59 32.66 18.97
C LEU C 365 21.71 31.69 18.69
N GLY C 366 22.11 30.95 19.73
CA GLY C 366 23.14 29.91 19.59
C GLY C 366 22.65 28.77 18.71
N LEU C 367 21.38 28.42 18.84
CA LEU C 367 20.81 27.40 17.99
C LEU C 367 20.88 27.85 16.51
N ARG C 368 20.46 29.07 16.22
CA ARG C 368 20.54 29.58 14.84
C ARG C 368 21.98 29.51 14.29
N HIS C 369 22.95 29.89 15.12
CA HIS C 369 24.33 29.88 14.68
C HIS C 369 24.78 28.49 14.27
N GLU C 370 24.50 27.50 15.10
CA GLU C 370 24.92 26.13 14.82
C GLU C 370 24.29 25.63 13.51
N TYR C 371 23.00 25.88 13.31
CA TYR C 371 22.33 25.38 12.11
C TYR C 371 22.81 26.11 10.84
N THR C 372 23.11 27.40 10.99
CA THR C 372 23.72 28.19 9.91
C THR C 372 25.03 27.52 9.39
N LEU C 373 25.90 27.10 10.31
CA LEU C 373 27.17 26.48 9.91
C LEU C 373 26.90 25.20 9.11
N LYS C 374 25.98 24.39 9.60
CA LYS C 374 25.62 23.14 8.97
C LYS C 374 24.98 23.34 7.61
N ARG C 375 24.05 24.29 7.50
CA ARG C 375 23.43 24.62 6.22
C ARG C 375 24.49 25.07 5.18
N ASP C 376 25.31 26.03 5.56
CA ASP C 376 26.42 26.46 4.70
C ASP C 376 27.27 25.26 4.23
N CYS C 377 27.63 24.38 5.16
CA CYS C 377 28.43 23.21 4.87
C CYS C 377 27.77 22.31 3.82
N ALA C 378 26.50 21.95 4.03
CA ALA C 378 25.77 21.09 3.10
C ALA C 378 25.61 21.74 1.71
N ILE C 379 25.24 23.02 1.68
CA ILE C 379 25.02 23.72 0.42
C ILE C 379 26.34 23.91 -0.35
N ASP C 380 27.40 24.28 0.36
CA ASP C 380 28.73 24.30 -0.26
C ASP C 380 29.08 22.96 -0.94
N ALA C 381 28.83 21.86 -0.22
CA ALA C 381 29.08 20.50 -0.76
C ALA C 381 28.25 20.23 -2.02
N LEU C 382 26.98 20.63 -2.01
CA LEU C 382 26.15 20.45 -3.20
C LEU C 382 26.70 21.18 -4.45
N TYR C 383 27.08 22.46 -4.28
CA TYR C 383 27.68 23.20 -5.39
C TYR C 383 29.00 22.58 -5.84
N LYS C 384 29.72 21.97 -4.91
CA LYS C 384 31.01 21.40 -5.24
C LYS C 384 30.91 20.06 -5.98
N TYR C 385 29.91 19.25 -5.61
CA TYR C 385 29.90 17.85 -6.05
C TYR C 385 28.72 17.39 -6.90
N LEU C 386 27.62 18.14 -6.93
CA LEU C 386 26.55 17.87 -7.87
C LEU C 386 26.96 18.38 -9.25
N PRO C 387 26.46 17.74 -10.34
CA PRO C 387 26.58 18.37 -11.66
C PRO C 387 25.93 19.76 -11.64
N GLN C 388 26.62 20.74 -12.20
CA GLN C 388 26.08 22.11 -12.28
C GLN C 388 25.32 22.30 -13.59
N SER C 389 24.02 22.00 -13.54
CA SER C 389 23.12 22.06 -14.70
CA SER C 389 23.12 22.04 -14.69
C SER C 389 21.72 22.51 -14.28
N ASP C 390 20.92 22.95 -15.25
CA ASP C 390 19.52 23.31 -14.97
C ASP C 390 18.64 22.11 -14.57
N ALA C 391 19.13 20.89 -14.82
CA ALA C 391 18.49 19.65 -14.37
C ALA C 391 18.64 19.35 -12.85
N PHE C 392 19.58 20.03 -12.20
CA PHE C 392 19.90 19.79 -10.78
C PHE C 392 19.79 21.09 -10.03
N VAL C 393 18.60 21.40 -9.53
CA VAL C 393 18.34 22.69 -8.88
C VAL C 393 18.68 22.61 -7.38
N ILE C 394 19.49 23.58 -6.93
CA ILE C 394 19.87 23.70 -5.52
C ILE C 394 19.14 24.92 -4.93
N ASN C 395 18.28 24.67 -3.94
CA ASN C 395 17.61 25.78 -3.21
C ASN C 395 18.05 25.77 -1.76
N PRO C 396 19.03 26.64 -1.42
CA PRO C 396 19.55 26.73 -0.05
C PRO C 396 18.42 27.13 0.92
N PRO C 397 18.14 26.31 1.93
CA PRO C 397 17.03 26.69 2.82
C PRO C 397 17.36 27.91 3.69
N ILE C 398 16.36 28.72 3.97
CA ILE C 398 16.60 29.81 4.92
C ILE C 398 16.25 29.40 6.34
N ALA C 399 15.65 28.22 6.51
CA ALA C 399 15.28 27.75 7.85
C ALA C 399 15.24 26.23 7.90
N GLY C 400 15.50 25.65 9.08
CA GLY C 400 15.23 24.24 9.28
C GLY C 400 16.45 23.35 9.14
N MET C 401 16.22 22.04 9.10
CA MET C 401 17.33 21.07 9.07
C MET C 401 17.42 20.23 7.78
N PHE C 402 16.54 20.50 6.82
CA PHE C 402 16.44 19.70 5.60
C PHE C 402 16.86 20.49 4.40
N PHE C 403 17.42 19.79 3.43
CA PHE C 403 17.67 20.36 2.10
C PHE C 403 17.23 19.28 1.10
N THR C 404 17.02 19.67 -0.16
CA THR C 404 16.63 18.70 -1.17
C THR C 404 17.59 18.76 -2.36
N VAL C 405 17.84 17.59 -2.94
CA VAL C 405 18.56 17.49 -4.19
C VAL C 405 17.47 17.24 -5.25
N ASN C 406 17.24 18.24 -6.10
CA ASN C 406 16.15 18.16 -7.10
C ASN C 406 16.71 17.68 -8.44
N ILE C 407 16.09 16.65 -9.01
CA ILE C 407 16.60 16.03 -10.23
C ILE C 407 15.53 16.06 -11.33
N ASP C 408 15.86 16.62 -12.49
CA ASP C 408 14.96 16.54 -13.67
C ASP C 408 15.20 15.17 -14.32
N ALA C 409 14.30 14.24 -13.99
CA ALA C 409 14.33 12.89 -14.54
C ALA C 409 14.35 12.89 -16.07
N SER C 410 13.69 13.88 -16.69
CA SER C 410 13.63 14.06 -18.17
C SER C 410 15.01 14.05 -18.84
N VAL C 411 16.03 14.54 -18.14
CA VAL C 411 17.36 14.71 -18.71
C VAL C 411 18.22 13.44 -18.60
N HIS C 412 17.72 12.42 -17.92
CA HIS C 412 18.44 11.17 -17.84
C HIS C 412 18.39 10.51 -19.22
N PRO C 413 19.55 10.13 -19.79
CA PRO C 413 19.66 9.55 -21.14
C PRO C 413 18.76 8.31 -21.39
N GLU C 414 18.23 7.72 -20.32
CA GLU C 414 17.38 6.55 -20.45
C GLU C 414 15.98 6.78 -19.91
N PHE C 415 15.64 8.04 -19.63
CA PHE C 415 14.29 8.35 -19.15
C PHE C 415 13.20 7.66 -19.98
N LYS C 416 13.31 7.80 -21.30
CA LYS C 416 12.36 7.21 -22.25
C LYS C 416 12.72 5.77 -22.57
N THR C 417 14.01 5.45 -22.58
CA THR C 417 14.54 4.11 -22.91
C THR C 417 14.32 3.03 -21.82
N LYS C 418 14.88 3.21 -20.63
CA LYS C 418 14.74 2.21 -19.55
C LYS C 418 13.52 2.45 -18.68
N TYR C 419 13.30 3.73 -18.32
CA TYR C 419 12.36 4.07 -17.26
C TYR C 419 10.93 4.43 -17.69
N ASN C 420 10.68 4.39 -19.00
CA ASN C 420 9.34 4.56 -19.57
C ASN C 420 8.73 5.92 -19.24
N SER C 421 9.57 6.95 -19.24
CA SER C 421 9.17 8.26 -18.74
C SER C 421 8.44 8.15 -17.39
N ASP C 422 8.86 7.20 -16.56
CA ASP C 422 8.33 7.11 -15.19
C ASP C 422 9.34 7.67 -14.19
N PRO C 423 9.10 8.89 -13.67
CA PRO C 423 10.05 9.48 -12.73
C PRO C 423 10.18 8.64 -11.44
N TYR C 424 9.06 8.09 -10.95
CA TYR C 424 9.08 7.26 -9.77
C TYR C 424 10.09 6.11 -9.91
N GLN C 425 10.06 5.48 -11.07
CA GLN C 425 10.98 4.40 -11.38
C GLN C 425 12.47 4.77 -11.28
N LEU C 426 12.85 5.93 -11.81
CA LEU C 426 14.22 6.40 -11.69
C LEU C 426 14.61 6.76 -10.24
N GLU C 427 13.67 7.36 -9.50
CA GLU C 427 13.89 7.74 -8.10
C GLU C 427 14.34 6.52 -7.28
N GLN C 428 13.57 5.44 -7.39
CA GLN C 428 13.80 4.21 -6.62
C GLN C 428 15.12 3.56 -7.03
N SER C 429 15.41 3.61 -8.33
CA SER C 429 16.66 3.07 -8.83
CA SER C 429 16.66 3.07 -8.84
C SER C 429 17.83 3.86 -8.27
N LEU C 430 17.72 5.19 -8.30
CA LEU C 430 18.74 6.06 -7.70
C LEU C 430 18.94 5.83 -6.18
N TYR C 431 17.83 5.62 -5.47
CA TYR C 431 17.88 5.37 -4.03
C TYR C 431 18.84 4.23 -3.69
N HIS C 432 18.69 3.11 -4.40
CA HIS C 432 19.52 1.93 -4.24
C HIS C 432 20.99 2.23 -4.58
N LYS C 433 21.19 2.90 -5.71
CA LYS C 433 22.53 3.25 -6.19
C LYS C 433 23.24 4.10 -5.16
N VAL C 434 22.53 5.08 -4.61
CA VAL C 434 23.10 5.92 -3.59
C VAL C 434 23.42 5.11 -2.32
N VAL C 435 22.58 4.12 -2.01
CA VAL C 435 22.80 3.29 -0.80
C VAL C 435 24.08 2.42 -0.88
N GLU C 436 24.39 1.89 -2.05
CA GLU C 436 25.62 1.10 -2.17
C GLU C 436 26.83 2.00 -1.88
N ARG C 437 26.73 3.27 -2.31
CA ARG C 437 27.82 4.24 -2.17
C ARG C 437 28.15 4.56 -0.73
N GLY C 438 27.17 4.40 0.14
CA GLY C 438 27.39 4.62 1.57
C GLY C 438 26.71 5.84 2.13
N VAL C 439 25.78 6.40 1.36
CA VAL C 439 25.04 7.58 1.80
C VAL C 439 23.51 7.35 1.80
N LEU C 440 22.87 7.72 2.91
CA LEU C 440 21.41 7.61 3.00
C LEU C 440 20.72 8.97 2.81
N VAL C 441 20.06 9.16 1.66
CA VAL C 441 19.07 10.24 1.48
C VAL C 441 17.69 9.66 1.12
N VAL C 442 16.62 10.37 1.48
CA VAL C 442 15.25 9.81 1.49
C VAL C 442 14.46 10.21 0.24
N PRO C 443 13.84 9.24 -0.48
CA PRO C 443 13.03 9.56 -1.67
C PRO C 443 11.90 10.55 -1.38
N GLY C 444 11.81 11.57 -2.23
CA GLY C 444 10.71 12.56 -2.19
C GLY C 444 9.30 11.99 -2.20
N SER C 445 9.07 10.91 -2.96
CA SER C 445 7.76 10.27 -3.06
C SER C 445 7.23 9.75 -1.70
N TRP C 446 8.14 9.48 -0.76
CA TRP C 446 7.68 9.03 0.56
C TRP C 446 6.89 10.13 1.27
N PHE C 447 6.99 11.34 0.76
CA PHE C 447 6.36 12.48 1.40
C PHE C 447 5.18 13.05 0.60
N LYS C 448 4.89 12.44 -0.55
CA LYS C 448 3.90 13.01 -1.45
C LYS C 448 2.48 12.85 -0.90
N SER C 449 1.77 13.97 -0.76
CA SER C 449 0.38 13.94 -0.28
C SER C 449 -0.53 13.43 -1.39
N GLU C 450 -1.54 12.64 -1.04
CA GLU C 450 -2.49 12.13 -2.02
C GLU C 450 -3.88 12.21 -1.42
N GLY C 451 -4.81 12.77 -2.18
CA GLY C 451 -6.20 12.81 -1.72
C GLY C 451 -7.17 13.24 -2.79
N GLU C 452 -8.38 12.74 -2.66
CA GLU C 452 -9.45 13.11 -3.57
C GLU C 452 -10.77 13.12 -2.81
N THR C 453 -11.69 13.94 -3.29
CA THR C 453 -13.00 14.02 -2.70
C THR C 453 -14.00 13.29 -3.58
N GLU C 454 -15.17 13.04 -3.02
CA GLU C 454 -16.33 12.63 -3.79
CA GLU C 454 -16.34 12.59 -3.76
C GLU C 454 -17.48 13.59 -3.50
N PRO C 455 -17.97 14.29 -4.56
CA PRO C 455 -17.51 14.27 -5.95
C PRO C 455 -16.08 14.83 -6.09
N PRO C 456 -15.35 14.39 -7.14
CA PRO C 456 -13.95 14.79 -7.27
C PRO C 456 -13.76 16.25 -7.63
N GLN C 457 -12.57 16.77 -7.32
CA GLN C 457 -12.22 18.15 -7.63
C GLN C 457 -11.89 18.24 -9.12
N PRO C 458 -11.97 19.45 -9.71
CA PRO C 458 -11.62 19.62 -11.14
C PRO C 458 -10.15 19.34 -11.41
N ALA C 459 -9.86 18.97 -12.65
CA ALA C 459 -8.49 18.65 -13.11
C ALA C 459 -7.46 19.69 -12.71
N GLU C 460 -7.82 20.96 -12.89
CA GLU C 460 -7.00 22.12 -12.55
C GLU C 460 -6.49 22.06 -11.10
N SER C 461 -7.34 21.56 -10.20
CA SER C 461 -7.00 21.50 -8.80
C SER C 461 -6.06 20.35 -8.46
N LYS C 462 -5.84 19.46 -9.43
CA LYS C 462 -4.93 18.33 -9.25
C LYS C 462 -3.60 18.50 -9.99
N GLU C 463 -3.34 19.73 -10.47
CA GLU C 463 -2.16 20.05 -11.30
C GLU C 463 -0.83 20.05 -10.53
N VAL C 464 0.20 19.41 -11.11
CA VAL C 464 1.56 19.41 -10.55
C VAL C 464 2.54 20.22 -11.40
N SER C 465 3.45 20.93 -10.71
CA SER C 465 4.43 21.86 -11.31
C SER C 465 5.20 21.28 -12.51
N ASN C 466 5.97 20.23 -12.25
CA ASN C 466 6.67 19.47 -13.28
C ASN C 466 6.75 18.05 -12.73
N PRO C 467 6.06 17.11 -13.39
CA PRO C 467 5.96 15.74 -12.88
C PRO C 467 7.24 14.96 -13.03
N ASN C 468 8.20 15.48 -13.80
CA ASN C 468 9.48 14.80 -14.00
C ASN C 468 10.59 15.22 -13.03
N ILE C 469 10.30 16.22 -12.19
CA ILE C 469 11.25 16.61 -11.13
C ILE C 469 11.09 15.61 -10.01
N ILE C 470 12.15 14.87 -9.70
CA ILE C 470 12.15 14.04 -8.51
C ILE C 470 13.09 14.69 -7.50
N PHE C 471 13.00 14.31 -6.24
CA PHE C 471 13.95 14.83 -5.25
C PHE C 471 14.26 13.81 -4.16
N PHE C 472 15.38 14.06 -3.48
CA PHE C 472 15.76 13.37 -2.26
C PHE C 472 15.91 14.38 -1.14
N ARG C 473 15.44 14.03 0.04
CA ARG C 473 15.56 14.91 1.19
C ARG C 473 16.82 14.48 1.93
N GLY C 474 17.69 15.43 2.24
CA GLY C 474 18.80 15.16 3.16
C GLY C 474 18.65 16.04 4.40
N THR C 475 19.38 15.71 5.46
CA THR C 475 19.43 16.58 6.64
C THR C 475 20.90 16.85 7.00
N TYR C 476 21.20 18.06 7.45
CA TYR C 476 22.55 18.38 7.92
C TYR C 476 22.58 18.42 9.45
N ALA C 477 21.52 17.94 10.07
CA ALA C 477 21.39 18.04 11.54
C ALA C 477 22.20 17.02 12.33
N ALA C 478 22.42 15.83 11.77
CA ALA C 478 22.83 14.66 12.55
C ALA C 478 24.31 14.34 12.55
N VAL C 479 25.05 14.80 11.55
CA VAL C 479 26.39 14.30 11.34
C VAL C 479 27.43 15.42 11.39
N SER C 480 28.68 15.04 11.57
CA SER C 480 29.79 16.00 11.56
C SER C 480 29.90 16.64 10.18
N PRO C 481 30.57 17.81 10.08
CA PRO C 481 30.77 18.44 8.78
C PRO C 481 31.52 17.54 7.82
N GLU C 482 32.44 16.73 8.35
CA GLU C 482 33.27 15.82 7.52
C GLU C 482 32.44 14.71 6.89
N LYS C 483 31.54 14.13 7.69
CA LYS C 483 30.64 13.08 7.19
C LYS C 483 29.61 13.64 6.22
N LEU C 484 29.12 14.85 6.50
CA LEU C 484 28.15 15.54 5.63
C LEU C 484 28.74 15.77 4.24
N THR C 485 29.93 16.38 4.22
CA THR C 485 30.66 16.66 2.97
C THR C 485 30.94 15.38 2.18
N GLU C 486 31.44 14.36 2.86
CA GLU C 486 31.76 13.07 2.24
C GLU C 486 30.51 12.37 1.71
N GLY C 487 29.42 12.42 2.48
CA GLY C 487 28.16 11.83 2.06
C GLY C 487 27.68 12.50 0.78
N LEU C 488 27.85 13.81 0.69
CA LEU C 488 27.36 14.57 -0.45
C LEU C 488 28.27 14.40 -1.67
N LYS C 489 29.56 14.14 -1.42
CA LYS C 489 30.48 13.79 -2.48
C LYS C 489 30.06 12.47 -3.12
N ARG C 490 29.72 11.50 -2.27
CA ARG C 490 29.29 10.19 -2.75
C ARG C 490 28.02 10.31 -3.59
N LEU C 491 27.08 11.11 -3.10
CA LEU C 491 25.86 11.36 -3.87
C LEU C 491 26.13 11.99 -5.23
N GLY C 492 26.90 13.07 -5.25
CA GLY C 492 27.23 13.77 -6.49
C GLY C 492 27.94 12.87 -7.47
N ASP C 493 28.88 12.06 -6.98
CA ASP C 493 29.59 11.07 -7.81
C ASP C 493 28.62 10.09 -8.46
N THR C 494 27.63 9.61 -7.67
CA THR C 494 26.60 8.71 -8.21
C THR C 494 25.81 9.41 -9.30
N LEU C 495 25.48 10.68 -9.09
CA LEU C 495 24.69 11.43 -10.06
C LEU C 495 25.45 11.71 -11.35
N TYR C 496 26.73 12.03 -11.26
CA TYR C 496 27.54 12.24 -12.45
C TYR C 496 27.54 10.98 -13.34
N GLU C 497 27.80 9.84 -12.74
CA GLU C 497 27.89 8.60 -13.52
C GLU C 497 26.53 8.12 -14.06
N GLU C 498 25.51 8.21 -13.22
CA GLU C 498 24.18 7.73 -13.56
C GLU C 498 23.61 8.51 -14.76
N PHE C 499 23.91 9.82 -14.79
CA PHE C 499 23.40 10.68 -15.85
C PHE C 499 24.36 10.82 -17.04
N GLY C 500 25.46 10.07 -17.03
CA GLY C 500 26.48 10.12 -18.08
C GLY C 500 27.04 11.52 -18.31
N ILE C 501 27.27 12.26 -17.21
CA ILE C 501 27.82 13.62 -17.28
C ILE C 501 29.31 13.60 -16.93
N SER C 502 30.14 14.23 -17.78
CA SER C 502 31.60 14.18 -17.62
C SER C 502 32.15 15.05 -16.48
N THR D 5 8.32 -26.59 22.83
CA THR D 5 8.27 -25.26 23.53
C THR D 5 6.86 -24.93 24.02
N LEU D 6 6.76 -23.77 24.69
CA LEU D 6 5.47 -23.17 25.05
C LEU D 6 4.70 -22.84 23.76
N PRO D 7 3.36 -22.83 23.81
CA PRO D 7 2.67 -22.48 22.57
C PRO D 7 2.93 -21.02 22.14
N GLU D 8 2.74 -20.78 20.85
CA GLU D 8 2.73 -19.45 20.26
CA GLU D 8 2.74 -19.42 20.35
C GLU D 8 1.34 -18.82 20.50
N SER D 9 1.26 -17.53 20.75
CA SER D 9 -0.04 -16.86 20.82
C SER D 9 -0.88 -17.08 19.55
N LYS D 10 -2.21 -17.00 19.70
CA LYS D 10 -3.15 -17.05 18.57
C LYS D 10 -3.20 -15.69 17.88
N ASP D 11 -3.61 -15.70 16.61
CA ASP D 11 -3.67 -14.47 15.84
C ASP D 11 -5.10 -13.94 16.00
N PHE D 12 -5.25 -12.76 16.62
CA PHE D 12 -6.58 -12.16 16.78
C PHE D 12 -6.78 -10.94 15.89
N SER D 13 -6.07 -10.92 14.75
CA SER D 13 -6.04 -9.73 13.93
C SER D 13 -7.42 -9.45 13.34
N TYR D 14 -8.30 -10.45 13.30
CA TYR D 14 -9.65 -10.21 12.75
C TYR D 14 -10.43 -9.24 13.66
N LEU D 15 -9.99 -9.10 14.92
CA LEU D 15 -10.61 -8.14 15.85
C LEU D 15 -10.09 -6.70 15.70
N PHE D 16 -8.98 -6.50 15.00
CA PHE D 16 -8.42 -5.14 14.82
C PHE D 16 -9.43 -4.18 14.16
N SER D 17 -9.37 -2.92 14.57
CA SER D 17 -10.27 -1.85 14.09
C SER D 17 -9.89 -1.48 12.64
N ASP D 18 -10.81 -0.81 11.95
CA ASP D 18 -10.54 -0.24 10.61
C ASP D 18 -9.33 0.70 10.64
N GLU D 19 -9.24 1.52 11.68
CA GLU D 19 -8.12 2.46 11.80
C GLU D 19 -6.79 1.70 11.87
N THR D 20 -6.76 0.64 12.68
CA THR D 20 -5.58 -0.21 12.77
C THR D 20 -5.17 -0.81 11.43
N ASN D 21 -6.14 -1.36 10.70
CA ASN D 21 -5.85 -1.96 9.42
C ASN D 21 -5.42 -0.93 8.36
N ALA D 22 -5.85 0.32 8.52
CA ALA D 22 -5.44 1.41 7.61
C ALA D 22 -4.12 2.10 8.01
N ARG D 23 -3.62 1.84 9.20
CA ARG D 23 -2.37 2.46 9.61
C ARG D 23 -1.17 1.71 9.00
N LYS D 24 -0.32 2.42 8.25
CA LYS D 24 0.81 1.76 7.54
C LYS D 24 2.19 2.01 8.16
N PRO D 25 3.03 0.95 8.24
CA PRO D 25 4.47 1.13 8.50
C PRO D 25 5.05 2.25 7.61
N SER D 26 5.73 3.20 8.24
CA SER D 26 6.45 4.28 7.56
C SER D 26 7.73 3.71 6.93
N PRO D 27 7.99 3.95 5.63
CA PRO D 27 9.25 3.45 5.05
C PRO D 27 10.46 4.17 5.67
N LEU D 28 10.20 5.36 6.18
CA LEU D 28 11.17 6.12 6.94
C LEU D 28 11.63 5.38 8.20
N LYS D 29 10.79 4.50 8.75
CA LYS D 29 11.12 3.78 10.00
C LYS D 29 12.38 2.90 9.87
N THR D 30 12.47 2.18 8.76
CA THR D 30 13.68 1.42 8.41
C THR D 30 14.93 2.30 8.36
N CYS D 31 14.81 3.44 7.68
CA CYS D 31 15.91 4.38 7.59
C CYS D 31 16.44 4.77 8.95
N ILE D 32 15.53 5.04 9.89
CA ILE D 32 15.93 5.47 11.23
C ILE D 32 16.75 4.39 11.92
N HIS D 33 16.57 3.12 11.52
CA HIS D 33 17.39 2.01 12.02
C HIS D 33 18.85 2.06 11.57
N LEU D 34 19.17 2.80 10.51
CA LEU D 34 20.55 2.90 9.99
C LEU D 34 21.41 4.03 10.61
N PHE D 35 20.83 4.73 11.58
CA PHE D 35 21.52 5.73 12.43
C PHE D 35 22.56 5.01 13.31
N GLN D 36 23.78 5.55 13.32
CA GLN D 36 24.93 4.94 14.04
C GLN D 36 25.36 3.60 13.43
N ASP D 37 25.14 3.46 12.12
CA ASP D 37 25.75 2.38 11.34
C ASP D 37 26.98 2.96 10.63
N PRO D 38 28.18 2.52 11.05
CA PRO D 38 29.47 2.96 10.50
C PRO D 38 29.62 2.76 8.99
N ASN D 39 28.75 1.96 8.36
CA ASN D 39 28.84 1.78 6.90
C ASN D 39 27.89 2.70 6.11
N ILE D 40 27.06 3.44 6.86
CA ILE D 40 26.06 4.37 6.30
C ILE D 40 26.29 5.80 6.80
N ILE D 41 26.57 6.71 5.86
CA ILE D 41 26.51 8.13 6.18
C ILE D 41 25.01 8.52 6.29
N PHE D 42 24.60 8.96 7.48
CA PHE D 42 23.17 9.16 7.80
C PHE D 42 22.69 10.55 7.50
N LEU D 43 22.24 10.76 6.26
CA LEU D 43 21.63 12.04 5.90
C LEU D 43 20.09 11.93 5.83
N GLY D 44 19.53 10.88 6.42
CA GLY D 44 18.14 10.53 6.17
C GLY D 44 17.14 10.76 7.29
N GLY D 45 17.58 11.22 8.44
CA GLY D 45 16.62 11.36 9.56
C GLY D 45 16.95 12.54 10.44
N GLY D 46 15.92 13.22 10.92
CA GLY D 46 16.10 14.51 11.62
C GLY D 46 16.40 14.37 13.10
N LEU D 47 17.50 13.69 13.43
CA LEU D 47 17.89 13.47 14.81
C LEU D 47 18.94 14.52 15.14
N PRO D 48 18.57 15.49 16.01
CA PRO D 48 19.47 16.59 16.30
C PRO D 48 20.65 16.13 17.17
N LEU D 49 21.72 16.90 17.15
CA LEU D 49 22.92 16.53 17.86
C LEU D 49 22.69 16.54 19.36
N LYS D 50 23.09 15.44 20.00
CA LYS D 50 23.02 15.27 21.47
C LYS D 50 23.84 16.33 22.19
N ASP D 51 24.86 16.88 21.52
CA ASP D 51 25.71 17.96 22.09
C ASP D 51 24.88 19.12 22.59
N TYR D 52 23.75 19.38 21.94
CA TYR D 52 22.92 20.52 22.31
C TYR D 52 21.87 20.25 23.39
N PHE D 53 21.78 19.05 23.96
CA PHE D 53 20.77 18.80 24.98
C PHE D 53 21.28 19.48 26.26
N PRO D 54 20.52 20.45 26.81
CA PRO D 54 21.11 21.36 27.83
C PRO D 54 21.02 20.81 29.27
N TRP D 55 21.32 19.53 29.44
CA TRP D 55 21.38 18.90 30.78
C TRP D 55 22.53 17.88 30.84
N ASP D 56 23.19 17.82 31.98
CA ASP D 56 24.11 16.71 32.27
C ASP D 56 24.08 16.45 33.80
N ASN D 57 24.56 15.28 34.21
CA ASN D 57 24.68 14.94 35.62
C ASN D 57 23.36 15.11 36.36
N LEU D 58 22.35 14.37 35.91
CA LEU D 58 21.05 14.33 36.57
C LEU D 58 21.19 13.51 37.85
N SER D 59 20.89 14.11 39.00
CA SER D 59 21.07 13.47 40.32
C SER D 59 19.78 13.49 41.10
N VAL D 60 19.57 12.49 41.95
CA VAL D 60 18.38 12.44 42.80
C VAL D 60 18.69 11.56 44.02
N ASP D 61 17.84 11.67 45.05
CA ASP D 61 17.86 10.77 46.20
C ASP D 61 16.59 9.96 46.17
N SER D 62 16.70 8.65 46.46
CA SER D 62 15.54 7.80 46.65
C SER D 62 15.72 7.05 47.97
N PRO D 63 14.60 6.61 48.58
CA PRO D 63 14.66 5.79 49.80
C PRO D 63 15.43 4.47 49.61
N LYS D 64 15.92 3.91 50.70
CA LYS D 64 16.83 2.78 50.61
C LYS D 64 16.14 1.51 51.16
N PRO D 65 16.16 0.40 50.39
CA PRO D 65 15.67 -0.90 50.88
C PRO D 65 16.37 -1.33 52.18
N PRO D 66 15.69 -2.07 53.07
CA PRO D 66 14.30 -2.52 52.99
C PRO D 66 13.29 -1.53 53.60
N PHE D 67 13.62 -0.23 53.58
CA PHE D 67 12.69 0.81 54.02
C PHE D 67 12.23 0.56 55.49
N PRO D 68 13.18 0.43 56.45
CA PRO D 68 12.77 0.01 57.80
C PRO D 68 11.87 1.00 58.55
N GLN D 69 11.97 2.28 58.21
CA GLN D 69 11.16 3.29 58.89
C GLN D 69 9.77 3.45 58.24
N GLY D 70 9.48 2.62 57.23
CA GLY D 70 8.27 2.81 56.44
C GLY D 70 8.64 3.49 55.14
N ILE D 71 7.88 3.20 54.09
CA ILE D 71 8.18 3.70 52.77
C ILE D 71 7.96 5.20 52.64
N GLY D 72 7.17 5.74 53.57
CA GLY D 72 6.87 7.16 53.59
C GLY D 72 7.83 8.01 54.40
N ALA D 73 8.84 7.40 55.03
CA ALA D 73 9.83 8.17 55.79
C ALA D 73 10.55 9.14 54.85
N PRO D 74 10.76 10.37 55.32
CA PRO D 74 11.44 11.36 54.47
C PRO D 74 12.84 10.84 54.14
N ILE D 75 13.37 11.24 52.99
CA ILE D 75 14.77 11.03 52.68
C ILE D 75 15.61 11.78 53.74
N ASP D 76 16.55 11.08 54.36
CA ASP D 76 17.53 11.74 55.25
C ASP D 76 18.90 11.07 55.07
N GLU D 77 19.85 11.32 55.97
CA GLU D 77 21.23 10.82 55.79
C GLU D 77 21.36 9.28 55.78
N GLN D 78 20.49 8.59 56.51
CA GLN D 78 20.50 7.13 56.51
CA GLN D 78 20.47 7.11 56.53
C GLN D 78 19.55 6.50 55.46
N ASN D 79 18.35 7.07 55.29
CA ASN D 79 17.38 6.53 54.34
C ASN D 79 17.58 7.21 52.98
N CYS D 80 18.61 6.78 52.26
CA CYS D 80 19.03 7.51 51.07
C CYS D 80 19.90 6.63 50.18
N ILE D 81 19.50 6.49 48.92
CA ILE D 81 20.40 6.08 47.84
C ILE D 81 20.61 7.35 46.98
N LYS D 82 21.86 7.72 46.69
CA LYS D 82 22.12 8.89 45.85
C LYS D 82 22.75 8.44 44.56
N TYR D 83 22.32 9.02 43.45
CA TYR D 83 22.97 8.66 42.22
C TYR D 83 23.01 9.80 41.24
N THR D 84 23.81 9.63 40.20
CA THR D 84 23.98 10.62 39.15
C THR D 84 24.07 9.91 37.80
N VAL D 85 23.25 10.36 36.87
CA VAL D 85 23.24 9.79 35.50
C VAL D 85 23.87 10.85 34.58
N ASN D 86 24.90 10.47 33.84
CA ASN D 86 25.60 11.42 32.96
C ASN D 86 24.96 11.43 31.55
N LYS D 87 25.26 12.48 30.77
CA LYS D 87 24.77 12.54 29.39
C LYS D 87 25.45 11.49 28.52
N ASP D 88 26.76 11.37 28.67
CA ASP D 88 27.58 10.42 27.91
C ASP D 88 28.57 9.75 28.86
N TYR D 89 28.94 8.52 28.54
CA TYR D 89 29.94 7.74 29.28
C TYR D 89 31.08 7.36 28.32
N ALA D 90 32.32 7.44 28.79
CA ALA D 90 33.48 7.10 27.94
C ALA D 90 33.38 5.68 27.37
N ASP D 91 32.93 4.74 28.20
CA ASP D 91 32.62 3.40 27.73
C ASP D 91 31.65 2.75 28.71
N LYS D 92 31.13 1.58 28.35
CA LYS D 92 30.19 0.87 29.21
C LYS D 92 30.70 0.71 30.65
N SER D 93 32.01 0.52 30.81
CA SER D 93 32.64 0.34 32.13
C SER D 93 32.56 1.61 32.97
N ALA D 94 32.49 2.78 32.32
CA ALA D 94 32.35 4.03 33.06
C ALA D 94 30.87 4.26 33.54
N ASN D 95 30.01 3.30 33.21
CA ASN D 95 28.59 3.32 33.57
C ASN D 95 28.27 2.03 34.35
N PRO D 96 28.85 1.86 35.56
CA PRO D 96 28.71 0.57 36.27
C PRO D 96 27.27 0.23 36.60
N SER D 97 26.41 1.24 36.78
CA SER D 97 24.96 1.03 37.03
C SER D 97 24.11 0.68 35.81
N ASN D 98 24.71 0.75 34.63
CA ASN D 98 23.94 0.54 33.37
C ASN D 98 22.73 1.45 33.28
N ASP D 99 22.92 2.71 33.64
CA ASP D 99 21.87 3.70 33.53
C ASP D 99 21.61 4.00 32.06
N ILE D 100 20.44 4.54 31.77
CA ILE D 100 20.13 5.06 30.45
C ILE D 100 20.82 6.41 30.38
N PRO D 101 21.85 6.54 29.52
CA PRO D 101 22.52 7.84 29.46
C PRO D 101 21.58 8.90 28.89
N LEU D 102 21.75 10.16 29.31
CA LEU D 102 20.83 11.22 28.90
C LEU D 102 20.85 11.42 27.40
N SER D 103 22.01 11.19 26.79
CA SER D 103 22.13 11.34 25.34
CA SER D 103 22.17 11.32 25.33
C SER D 103 21.19 10.41 24.58
N ARG D 104 20.95 9.22 25.13
CA ARG D 104 20.00 8.25 24.53
C ARG D 104 18.58 8.52 24.98
N ALA D 105 18.39 8.77 26.28
CA ALA D 105 17.05 9.05 26.82
C ALA D 105 16.41 10.24 26.14
N LEU D 106 17.22 11.22 25.79
CA LEU D 106 16.67 12.44 25.23
C LEU D 106 16.72 12.50 23.69
N GLN D 107 17.14 11.42 23.05
CA GLN D 107 17.16 11.36 21.58
C GLN D 107 15.91 10.61 21.15
N TYR D 108 15.44 10.87 19.92
CA TYR D 108 14.44 10.00 19.27
C TYR D 108 14.90 8.54 19.33
N GLY D 109 13.96 7.60 19.30
CA GLY D 109 14.33 6.19 19.29
C GLY D 109 13.64 5.46 20.43
N PHE D 110 13.65 4.13 20.34
CA PHE D 110 13.10 3.27 21.41
C PHE D 110 11.68 3.63 21.78
N SER D 111 10.84 3.67 20.76
CA SER D 111 9.44 4.03 20.97
C SER D 111 8.70 3.08 21.92
N ALA D 112 9.16 1.84 22.00
CA ALA D 112 8.56 0.86 22.90
C ALA D 112 8.98 1.06 24.36
N GLY D 113 9.97 1.92 24.57
CA GLY D 113 10.57 2.10 25.90
C GLY D 113 12.07 1.81 25.85
N GLN D 114 12.84 2.44 26.74
CA GLN D 114 14.30 2.17 26.76
C GLN D 114 14.57 0.73 27.22
N PRO D 115 15.54 0.03 26.61
CA PRO D 115 15.68 -1.40 26.89
C PRO D 115 15.99 -1.72 28.34
N GLU D 116 16.75 -0.87 29.05
CA GLU D 116 16.99 -1.14 30.48
C GLU D 116 15.70 -1.15 31.29
N LEU D 117 14.80 -0.21 30.98
CA LEU D 117 13.52 -0.16 31.68
C LEU D 117 12.68 -1.39 31.37
N LEU D 118 12.56 -1.70 30.08
CA LEU D 118 11.87 -2.94 29.66
C LEU D 118 12.45 -4.20 30.32
N ASN D 119 13.77 -4.29 30.40
CA ASN D 119 14.46 -5.41 31.06
CA ASN D 119 14.41 -5.44 31.05
C ASN D 119 13.97 -5.56 32.50
N PHE D 120 14.01 -4.45 33.25
CA PHE D 120 13.52 -4.49 34.62
C PHE D 120 12.05 -5.00 34.68
N ILE D 121 11.20 -4.42 33.85
CA ILE D 121 9.79 -4.80 33.81
C ILE D 121 9.61 -6.27 33.46
N ARG D 122 10.36 -6.78 32.47
CA ARG D 122 10.28 -8.22 32.14
C ARG D 122 10.70 -9.12 33.32
N ASP D 123 11.79 -8.74 33.99
CA ASP D 123 12.26 -9.49 35.17
C ASP D 123 11.19 -9.53 36.27
N HIS D 124 10.62 -8.37 36.56
CA HIS D 124 9.49 -8.26 37.50
C HIS D 124 8.28 -9.07 37.04
N THR D 125 7.99 -9.07 35.74
CA THR D 125 6.84 -9.86 35.21
C THR D 125 6.97 -11.35 35.54
N LYS D 126 8.15 -11.89 35.30
CA LYS D 126 8.45 -13.28 35.58
C LYS D 126 8.42 -13.61 37.07
N ILE D 127 8.80 -12.64 37.91
CA ILE D 127 8.61 -12.83 39.36
C ILE D 127 7.13 -12.94 39.77
N ILE D 128 6.29 -12.03 39.26
CA ILE D 128 4.87 -11.91 39.67
C ILE D 128 3.91 -12.90 39.02
N HIS D 129 4.11 -13.18 37.74
CA HIS D 129 3.15 -13.98 36.98
C HIS D 129 3.73 -15.34 36.57
N ASP D 130 2.86 -16.27 36.19
CA ASP D 130 3.33 -17.55 35.65
C ASP D 130 2.92 -17.54 34.18
N LEU D 131 3.84 -17.18 33.29
CA LEU D 131 3.52 -17.08 31.86
C LEU D 131 3.39 -18.43 31.18
N LYS D 132 2.40 -18.54 30.30
CA LYS D 132 2.01 -19.83 29.72
C LYS D 132 2.10 -19.88 28.19
N TYR D 133 2.59 -18.81 27.56
CA TYR D 133 2.84 -18.84 26.13
C TYR D 133 4.17 -18.21 25.82
N LYS D 134 4.67 -18.43 24.61
CA LYS D 134 6.09 -18.14 24.35
C LYS D 134 6.33 -16.68 24.05
N ASP D 135 5.49 -16.06 23.26
CA ASP D 135 5.82 -14.74 22.69
C ASP D 135 5.16 -13.54 23.43
N TRP D 136 5.14 -13.55 24.76
CA TRP D 136 4.67 -12.39 25.51
C TRP D 136 5.75 -11.31 25.49
N ASP D 137 5.34 -10.05 25.64
CA ASP D 137 6.29 -8.92 25.64
C ASP D 137 5.60 -7.79 26.36
N VAL D 138 6.34 -6.71 26.57
CA VAL D 138 5.81 -5.57 27.26
C VAL D 138 6.12 -4.34 26.39
N LEU D 139 5.31 -3.31 26.54
CA LEU D 139 5.45 -2.08 25.78
C LEU D 139 5.17 -0.95 26.76
N ALA D 140 6.08 0.02 26.84
CA ALA D 140 5.90 1.12 27.80
C ALA D 140 4.78 2.03 27.33
N THR D 141 4.05 2.59 28.28
CA THR D 141 2.99 3.54 27.96
C THR D 141 3.21 4.80 28.81
N ALA D 142 2.36 5.80 28.58
CA ALA D 142 2.30 7.00 29.42
C ALA D 142 1.29 6.85 30.59
N GLY D 143 0.92 5.61 30.95
CA GLY D 143 -0.04 5.35 32.02
C GLY D 143 -1.23 4.53 31.52
N ASN D 144 -2.07 4.09 32.45
CA ASN D 144 -3.22 3.25 32.08
C ASN D 144 -4.33 4.01 31.35
N THR D 145 -4.41 5.31 31.63
N THR D 145 -4.44 5.31 31.59
CA THR D 145 -5.33 6.21 30.95
CA THR D 145 -5.49 6.01 30.88
C THR D 145 -5.08 6.06 29.46
C THR D 145 -5.11 6.12 29.39
N ASN D 146 -3.83 6.29 29.08
CA ASN D 146 -3.42 6.23 27.68
C ASN D 146 -3.49 4.82 27.09
N ALA D 147 -3.09 3.80 27.86
CA ALA D 147 -3.23 2.40 27.45
C ALA D 147 -4.68 2.05 27.05
N TRP D 148 -5.65 2.57 27.79
CA TRP D 148 -7.04 2.24 27.54
C TRP D 148 -7.52 2.95 26.27
N GLU D 149 -7.14 4.23 26.13
CA GLU D 149 -7.36 4.99 24.89
C GLU D 149 -6.86 4.19 23.68
N SER D 150 -5.63 3.69 23.77
CA SER D 150 -4.98 2.99 22.69
C SER D 150 -5.69 1.68 22.40
N THR D 151 -6.13 0.99 23.45
CA THR D 151 -6.87 -0.27 23.32
C THR D 151 -8.16 -0.05 22.53
N LEU D 152 -8.90 1.01 22.90
CA LEU D 152 -10.09 1.38 22.11
C LEU D 152 -9.75 1.67 20.63
N ARG D 153 -8.70 2.45 20.36
CA ARG D 153 -8.33 2.74 18.98
C ARG D 153 -7.94 1.49 18.20
N VAL D 154 -7.24 0.58 18.87
CA VAL D 154 -6.68 -0.61 18.19
C VAL D 154 -7.78 -1.60 17.81
N PHE D 155 -8.73 -1.83 18.71
CA PHE D 155 -9.70 -2.89 18.49
C PHE D 155 -11.10 -2.42 18.06
N CYS D 156 -11.51 -1.24 18.49
CA CYS D 156 -12.95 -0.90 18.45
C CYS D 156 -13.30 0.14 17.41
N ASN D 157 -14.12 -0.24 16.44
CA ASN D 157 -14.77 0.74 15.56
C ASN D 157 -16.00 1.28 16.27
N ARG D 158 -16.47 2.44 15.82
CA ARG D 158 -17.75 2.97 16.34
C ARG D 158 -18.85 1.90 16.16
N GLY D 159 -19.64 1.64 17.21
CA GLY D 159 -20.63 0.55 17.12
C GLY D 159 -20.20 -0.86 17.52
N ASP D 160 -18.90 -1.08 17.73
CA ASP D 160 -18.43 -2.34 18.33
C ASP D 160 -18.86 -2.43 19.81
N VAL D 161 -18.89 -3.66 20.34
CA VAL D 161 -19.34 -3.90 21.68
C VAL D 161 -18.19 -4.44 22.52
N ILE D 162 -18.05 -3.93 23.75
CA ILE D 162 -17.17 -4.52 24.76
C ILE D 162 -18.02 -4.84 25.98
N LEU D 163 -17.58 -5.80 26.80
CA LEU D 163 -18.25 -6.08 28.06
C LEU D 163 -17.57 -5.29 29.12
N VAL D 164 -18.35 -4.78 30.08
CA VAL D 164 -17.81 -4.05 31.23
C VAL D 164 -18.51 -4.52 32.51
N GLU D 165 -17.86 -4.28 33.65
CA GLU D 165 -18.47 -4.49 34.95
C GLU D 165 -19.63 -3.52 35.11
N ALA D 166 -20.68 -3.97 35.78
CA ALA D 166 -21.91 -3.19 35.94
C ALA D 166 -21.65 -1.79 36.49
N HIS D 167 -20.68 -1.67 37.40
CA HIS D 167 -20.12 -0.37 37.79
C HIS D 167 -18.64 -0.42 37.48
N SER D 168 -18.10 0.66 36.91
CA SER D 168 -16.71 0.65 36.46
C SER D 168 -16.11 2.05 36.56
N PHE D 169 -14.87 2.20 36.14
CA PHE D 169 -14.20 3.50 36.23
C PHE D 169 -14.91 4.49 35.27
N SER D 170 -15.37 5.62 35.80
CA SER D 170 -16.09 6.60 34.98
C SER D 170 -15.29 7.09 33.77
N SER D 171 -14.00 7.36 33.96
CA SER D 171 -13.16 7.80 32.84
C SER D 171 -13.07 6.74 31.71
N SER D 172 -12.92 5.46 32.07
CA SER D 172 -12.91 4.36 31.09
C SER D 172 -14.24 4.28 30.34
N LEU D 173 -15.34 4.41 31.07
CA LEU D 173 -16.65 4.38 30.43
C LEU D 173 -16.82 5.61 29.50
N ALA D 174 -16.45 6.78 29.98
CA ALA D 174 -16.55 8.02 29.20
C ALA D 174 -15.70 7.96 27.90
N SER D 175 -14.53 7.32 27.97
CA SER D 175 -13.66 7.15 26.81
C SER D 175 -14.34 6.31 25.74
N ALA D 176 -14.93 5.18 26.14
CA ALA D 176 -15.64 4.30 25.21
C ALA D 176 -16.87 5.02 24.64
N GLU D 177 -17.60 5.72 25.51
CA GLU D 177 -18.79 6.46 25.07
C GLU D 177 -18.44 7.52 24.03
N ALA D 178 -17.34 8.23 24.24
CA ALA D 178 -16.94 9.30 23.30
C ALA D 178 -16.64 8.68 21.92
N GLN D 179 -16.07 7.49 21.91
CA GLN D 179 -15.75 6.78 20.65
C GLN D 179 -16.90 5.96 20.04
N GLY D 180 -18.08 6.04 20.66
CA GLY D 180 -19.28 5.31 20.26
C GLY D 180 -19.14 3.79 20.38
N VAL D 181 -18.32 3.37 21.33
CA VAL D 181 -18.17 1.95 21.58
C VAL D 181 -19.18 1.55 22.64
N ILE D 182 -19.98 0.53 22.36
CA ILE D 182 -21.06 0.10 23.29
C ILE D 182 -20.46 -0.64 24.48
N THR D 183 -20.83 -0.23 25.70
CA THR D 183 -20.34 -0.86 26.90
C THR D 183 -21.46 -1.69 27.55
N PHE D 184 -21.45 -3.00 27.31
CA PHE D 184 -22.52 -3.87 27.80
C PHE D 184 -22.18 -4.35 29.21
N PRO D 185 -22.99 -3.97 30.21
CA PRO D 185 -22.63 -4.34 31.58
C PRO D 185 -22.92 -5.81 31.93
N VAL D 186 -22.04 -6.39 32.77
CA VAL D 186 -22.23 -7.75 33.27
C VAL D 186 -22.23 -7.69 34.81
N PRO D 187 -23.02 -8.57 35.47
CA PRO D 187 -23.19 -8.38 36.91
C PRO D 187 -21.96 -8.73 37.76
N ILE D 188 -21.82 -8.01 38.86
CA ILE D 188 -20.76 -8.23 39.86
C ILE D 188 -21.42 -8.35 41.23
N ASP D 189 -20.73 -9.02 42.16
CA ASP D 189 -21.15 -9.03 43.55
C ASP D 189 -19.91 -8.75 44.39
N ALA D 190 -19.97 -9.08 45.68
CA ALA D 190 -18.86 -8.80 46.60
C ALA D 190 -17.57 -9.48 46.15
N ASP D 191 -17.70 -10.50 45.30
CA ASP D 191 -16.52 -11.19 44.77
C ASP D 191 -16.22 -10.87 43.28
N GLY D 192 -16.75 -9.73 42.80
CA GLY D 192 -16.49 -9.29 41.45
C GLY D 192 -17.40 -9.91 40.42
N ILE D 193 -16.91 -10.00 39.18
CA ILE D 193 -17.69 -10.54 38.08
C ILE D 193 -18.20 -11.92 38.44
N ILE D 194 -19.52 -12.11 38.31
CA ILE D 194 -20.18 -13.40 38.52
C ILE D 194 -20.11 -14.21 37.21
N PRO D 195 -19.27 -15.28 37.17
CA PRO D 195 -19.08 -16.03 35.91
C PRO D 195 -20.37 -16.68 35.33
N GLU D 196 -21.23 -17.25 36.16
CA GLU D 196 -22.49 -17.86 35.69
C GLU D 196 -23.35 -16.84 34.95
N LYS D 197 -23.43 -15.61 35.47
CA LYS D 197 -24.23 -14.55 34.84
C LYS D 197 -23.57 -14.15 33.52
N LEU D 198 -22.25 -13.99 33.51
CA LEU D 198 -21.50 -13.72 32.28
C LEU D 198 -21.68 -14.81 31.21
N ALA D 199 -21.54 -16.07 31.62
CA ALA D 199 -21.79 -17.20 30.72
C ALA D 199 -23.19 -17.12 30.07
N LYS D 200 -24.22 -16.83 30.88
CA LYS D 200 -25.61 -16.75 30.36
C LYS D 200 -25.77 -15.57 29.39
N VAL D 201 -25.12 -14.45 29.67
CA VAL D 201 -25.12 -13.31 28.75
C VAL D 201 -24.59 -13.76 27.38
N MET D 202 -23.48 -14.50 27.39
CA MET D 202 -22.92 -14.98 26.14
C MET D 202 -23.71 -16.10 25.46
N GLU D 203 -24.20 -17.09 26.21
N GLU D 203 -24.20 -17.06 26.24
CA GLU D 203 -25.04 -18.13 25.58
CA GLU D 203 -25.09 -18.16 25.78
C GLU D 203 -26.26 -17.51 24.90
C GLU D 203 -26.33 -17.64 25.04
N ASN D 204 -26.93 -16.59 25.61
CA ASN D 204 -28.15 -15.95 25.12
C ASN D 204 -27.94 -14.72 24.22
N TRP D 205 -26.71 -14.51 23.72
CA TRP D 205 -26.42 -13.30 22.93
C TRP D 205 -27.23 -13.35 21.65
N THR D 206 -28.09 -12.35 21.46
CA THR D 206 -29.01 -12.32 20.33
C THR D 206 -28.28 -12.43 18.98
N PRO D 207 -28.62 -13.45 18.15
CA PRO D 207 -27.96 -13.52 16.82
C PRO D 207 -28.20 -12.25 15.99
N GLY D 208 -27.18 -11.78 15.30
CA GLY D 208 -27.30 -10.50 14.61
C GLY D 208 -26.68 -9.33 15.36
N ALA D 209 -26.62 -9.38 16.69
CA ALA D 209 -25.97 -8.31 17.45
C ALA D 209 -24.46 -8.50 17.31
N PRO D 210 -23.69 -7.39 17.24
CA PRO D 210 -22.22 -7.52 17.17
C PRO D 210 -21.72 -8.38 18.32
N LYS D 211 -20.75 -9.28 18.08
CA LYS D 211 -20.16 -10.06 19.17
C LYS D 211 -19.15 -9.21 19.95
N PRO D 212 -19.17 -9.27 21.30
CA PRO D 212 -18.23 -8.47 22.10
C PRO D 212 -16.81 -8.80 21.70
N LYS D 213 -15.99 -7.76 21.55
CA LYS D 213 -14.60 -7.96 21.20
C LYS D 213 -13.75 -8.27 22.41
N LEU D 214 -14.13 -7.72 23.56
CA LEU D 214 -13.29 -7.82 24.74
C LEU D 214 -14.10 -7.52 26.00
N LEU D 215 -13.57 -8.01 27.11
CA LEU D 215 -14.07 -7.72 28.43
C LEU D 215 -13.08 -6.77 29.10
N TYR D 216 -13.57 -5.62 29.55
CA TYR D 216 -12.75 -4.64 30.23
C TYR D 216 -13.03 -4.78 31.73
N THR D 217 -12.02 -5.14 32.51
CA THR D 217 -12.18 -5.46 33.94
C THR D 217 -11.06 -4.81 34.77
N ILE D 218 -11.42 -4.41 36.00
CA ILE D 218 -10.45 -3.93 36.99
C ILE D 218 -10.49 -4.98 38.10
N PRO D 219 -9.72 -6.06 37.97
CA PRO D 219 -9.98 -7.20 38.85
C PRO D 219 -9.62 -7.02 40.29
N THR D 220 -8.63 -6.19 40.58
CA THR D 220 -8.08 -6.14 41.95
C THR D 220 -8.32 -4.77 42.47
N GLY D 221 -9.12 -4.65 43.52
CA GLY D 221 -9.45 -3.32 44.07
C GLY D 221 -10.25 -2.51 43.06
N GLN D 222 -11.27 -3.16 42.51
CA GLN D 222 -12.16 -2.62 41.50
C GLN D 222 -12.62 -1.20 41.82
N ASN D 223 -12.54 -0.33 40.81
CA ASN D 223 -13.03 1.03 40.95
C ASN D 223 -14.41 1.03 40.29
N PRO D 224 -15.49 1.25 41.08
CA PRO D 224 -15.55 1.81 42.44
C PRO D 224 -15.78 0.85 43.62
N THR D 225 -16.06 -0.42 43.34
CA THR D 225 -16.63 -1.31 44.37
C THR D 225 -15.64 -1.88 45.41
N GLY D 226 -14.33 -1.81 45.13
CA GLY D 226 -13.31 -2.27 46.08
C GLY D 226 -13.16 -3.78 46.18
N THR D 227 -13.80 -4.51 45.26
CA THR D 227 -13.77 -5.96 45.25
C THR D 227 -12.56 -6.50 44.51
N SER D 228 -12.30 -7.78 44.71
CA SER D 228 -11.26 -8.49 43.95
CA SER D 228 -11.26 -8.50 43.96
C SER D 228 -11.83 -9.80 43.44
N ILE D 229 -11.53 -10.14 42.20
CA ILE D 229 -12.08 -11.37 41.59
C ILE D 229 -11.35 -12.62 42.09
N ALA D 230 -12.08 -13.54 42.72
CA ALA D 230 -11.47 -14.74 43.32
C ALA D 230 -10.74 -15.55 42.25
N ASP D 231 -9.66 -16.22 42.63
CA ASP D 231 -8.90 -17.04 41.68
C ASP D 231 -9.76 -17.98 40.84
N HIS D 232 -10.68 -18.69 41.47
CA HIS D 232 -11.46 -19.71 40.74
C HIS D 232 -12.43 -19.03 39.74
N ARG D 233 -12.87 -17.81 40.10
CA ARG D 233 -13.72 -17.05 39.20
C ARG D 233 -12.96 -16.59 37.97
N LYS D 234 -11.69 -16.21 38.14
CA LYS D 234 -10.84 -15.86 36.98
C LYS D 234 -10.68 -17.04 36.03
N GLU D 235 -10.50 -18.25 36.58
CA GLU D 235 -10.40 -19.44 35.72
C GLU D 235 -11.67 -19.62 34.89
N ALA D 236 -12.83 -19.50 35.56
CA ALA D 236 -14.09 -19.65 34.84
C ALA D 236 -14.28 -18.53 33.81
N ILE D 237 -13.90 -17.30 34.16
CA ILE D 237 -14.07 -16.18 33.23
C ILE D 237 -13.18 -16.40 31.99
N TYR D 238 -11.97 -16.90 32.24
CA TYR D 238 -11.03 -17.16 31.15
C TYR D 238 -11.63 -18.22 30.19
N LYS D 239 -12.28 -19.23 30.72
CA LYS D 239 -12.91 -20.23 29.84
C LYS D 239 -14.04 -19.66 28.99
N ILE D 240 -14.80 -18.75 29.57
CA ILE D 240 -15.84 -18.07 28.84
C ILE D 240 -15.24 -17.24 27.69
N ALA D 241 -14.16 -16.52 27.97
CA ALA D 241 -13.48 -15.72 26.95
C ALA D 241 -12.99 -16.61 25.77
N GLN D 242 -12.51 -17.81 26.10
CA GLN D 242 -12.10 -18.78 25.09
C GLN D 242 -13.32 -19.27 24.32
N LYS D 243 -14.38 -19.64 25.04
CA LYS D 243 -15.54 -20.21 24.39
C LYS D 243 -16.24 -19.25 23.40
N TYR D 244 -16.32 -17.97 23.76
CA TYR D 244 -16.97 -16.97 22.92
C TYR D 244 -16.01 -16.06 22.16
N ASP D 245 -14.73 -16.31 22.32
CA ASP D 245 -13.65 -15.66 21.57
C ASP D 245 -13.57 -14.16 21.74
N PHE D 246 -13.50 -13.71 22.98
CA PHE D 246 -13.21 -12.29 23.23
C PHE D 246 -11.92 -12.14 23.99
N LEU D 247 -11.26 -11.00 23.85
CA LEU D 247 -10.08 -10.70 24.67
C LEU D 247 -10.44 -10.28 26.11
N ILE D 248 -9.46 -10.33 27.01
CA ILE D 248 -9.63 -9.80 28.37
C ILE D 248 -8.60 -8.71 28.57
N VAL D 249 -9.08 -7.50 28.85
CA VAL D 249 -8.20 -6.35 29.16
C VAL D 249 -8.31 -6.13 30.65
N GLU D 250 -7.25 -6.47 31.39
CA GLU D 250 -7.27 -6.23 32.82
C GLU D 250 -6.51 -4.96 33.14
N ASP D 251 -7.26 -4.01 33.71
CA ASP D 251 -6.78 -2.69 34.09
C ASP D 251 -6.36 -2.81 35.55
N GLU D 252 -5.05 -2.89 35.80
CA GLU D 252 -4.58 -3.30 37.15
C GLU D 252 -3.68 -2.29 37.90
N PRO D 253 -4.07 -1.01 37.94
CA PRO D 253 -3.23 -0.04 38.63
C PRO D 253 -3.20 -0.24 40.15
N TYR D 254 -4.16 -0.98 40.70
CA TYR D 254 -4.21 -1.17 42.15
C TYR D 254 -3.76 -2.56 42.59
N TYR D 255 -3.16 -3.31 41.68
CA TYR D 255 -2.79 -4.69 41.98
C TYR D 255 -1.96 -4.76 43.27
N PHE D 256 -0.97 -3.88 43.40
CA PHE D 256 -0.11 -3.85 44.59
C PHE D 256 -0.69 -3.11 45.79
N LEU D 257 -1.99 -2.83 45.71
CA LEU D 257 -2.73 -2.32 46.84
C LEU D 257 -3.53 -3.42 47.52
N GLN D 258 -3.23 -4.68 47.22
CA GLN D 258 -3.78 -5.81 47.97
C GLN D 258 -3.35 -5.72 49.41
N MET D 259 -4.25 -6.10 50.32
CA MET D 259 -4.02 -6.02 51.74
C MET D 259 -4.40 -7.34 52.39
N ASN D 260 -3.83 -7.62 53.55
CA ASN D 260 -4.33 -8.74 54.33
CA ASN D 260 -4.32 -8.71 54.40
C ASN D 260 -5.77 -8.47 54.78
N PRO D 261 -6.62 -9.53 54.75
CA PRO D 261 -8.03 -9.28 55.13
C PRO D 261 -8.19 -8.55 56.45
N TYR D 262 -9.30 -7.83 56.53
CA TYR D 262 -9.64 -7.01 57.66
C TYR D 262 -9.93 -7.96 58.80
N ILE D 263 -9.34 -7.68 59.97
CA ILE D 263 -9.64 -8.39 61.21
C ILE D 263 -10.43 -7.46 62.11
N LYS D 264 -11.66 -7.84 62.41
CA LYS D 264 -12.59 -6.96 63.12
C LYS D 264 -12.26 -6.86 64.60
N ASP D 265 -12.01 -8.00 65.23
CA ASP D 265 -11.62 -8.05 66.65
C ASP D 265 -10.25 -7.40 66.87
N LEU D 266 -10.21 -6.31 67.65
CA LEU D 266 -8.97 -5.55 67.85
C LEU D 266 -7.84 -6.35 68.51
N LYS D 267 -8.21 -7.36 69.30
CA LYS D 267 -7.28 -8.27 69.99
C LYS D 267 -6.70 -9.32 69.05
N GLU D 268 -7.53 -9.93 68.20
CA GLU D 268 -7.07 -10.84 67.15
C GLU D 268 -6.19 -10.14 66.09
N ARG D 269 -6.42 -8.84 65.90
CA ARG D 269 -5.64 -8.01 64.97
C ARG D 269 -4.28 -7.64 65.56
N GLU D 270 -4.24 -7.38 66.87
CA GLU D 270 -2.99 -7.00 67.52
C GLU D 270 -1.96 -8.14 67.52
N LYS D 271 -2.40 -9.37 67.81
CA LYS D 271 -1.54 -10.56 67.76
C LYS D 271 -1.00 -10.83 66.35
N ALA D 272 -1.85 -10.67 65.35
CA ALA D 272 -1.44 -10.79 63.94
C ALA D 272 -0.43 -9.71 63.56
N GLN D 273 -0.71 -8.45 63.93
CA GLN D 273 0.21 -7.33 63.67
C GLN D 273 1.50 -7.41 64.49
N SER D 274 1.46 -8.21 65.57
CA SER D 274 2.65 -8.50 66.39
C SER D 274 3.64 -9.41 65.65
N SER D 275 3.11 -10.28 64.79
CA SER D 275 3.90 -11.14 63.90
C SER D 275 4.97 -10.37 63.10
N PRO D 276 6.08 -11.07 62.73
CA PRO D 276 7.03 -10.44 61.81
C PRO D 276 6.40 -10.31 60.42
N LYS D 277 6.80 -9.27 59.67
CA LYS D 277 6.29 -9.01 58.31
C LYS D 277 6.45 -10.26 57.42
N GLN D 278 5.69 -10.31 56.33
CA GLN D 278 5.84 -11.37 55.32
C GLN D 278 7.28 -11.39 54.80
N ASP D 279 7.88 -12.57 54.62
CA ASP D 279 9.08 -12.65 53.76
C ASP D 279 8.63 -12.63 52.29
N HIS D 280 9.57 -12.59 51.35
CA HIS D 280 9.23 -12.40 49.94
C HIS D 280 8.39 -13.53 49.37
N ASP D 281 8.68 -14.77 49.74
CA ASP D 281 7.85 -15.89 49.28
C ASP D 281 6.43 -15.86 49.78
N GLU D 282 6.23 -15.53 51.06
CA GLU D 282 4.91 -15.43 51.63
C GLU D 282 4.13 -14.30 50.98
N PHE D 283 4.80 -13.17 50.72
CA PHE D 283 4.16 -12.06 50.04
C PHE D 283 3.69 -12.50 48.64
N LEU D 284 4.59 -13.14 47.90
CA LEU D 284 4.27 -13.53 46.53
C LEU D 284 3.13 -14.55 46.54
N LYS D 285 3.18 -15.51 47.46
CA LYS D 285 2.10 -16.50 47.55
C LYS D 285 0.72 -15.89 47.87
N SER D 286 0.71 -14.77 48.61
CA SER D 286 -0.55 -14.10 49.01
C SER D 286 -1.24 -13.32 47.88
N LEU D 287 -0.52 -13.05 46.79
CA LEU D 287 -1.02 -12.20 45.72
C LEU D 287 -2.06 -12.91 44.86
N ALA D 288 -3.08 -12.16 44.47
CA ALA D 288 -4.18 -12.72 43.67
C ALA D 288 -3.65 -13.25 42.33
N ASN D 289 -4.23 -14.36 41.83
N ASN D 289 -4.23 -14.35 41.84
CA ASN D 289 -3.86 -14.83 40.48
CA ASN D 289 -3.90 -14.86 40.50
C ASN D 289 -4.32 -13.82 39.47
C ASN D 289 -4.35 -13.83 39.46
N THR D 290 -3.74 -13.82 38.28
CA THR D 290 -4.04 -12.78 37.28
C THR D 290 -4.56 -13.43 36.01
N PHE D 291 -5.28 -12.67 35.18
CA PHE D 291 -5.66 -13.21 33.89
C PHE D 291 -4.43 -13.49 33.04
N LEU D 292 -3.39 -12.68 33.21
CA LEU D 292 -2.17 -12.86 32.44
C LEU D 292 -1.58 -14.28 32.69
N SER D 293 -1.58 -14.72 33.95
CA SER D 293 -1.08 -16.03 34.33
C SER D 293 -1.95 -17.16 33.81
N LEU D 294 -3.20 -16.88 33.49
CA LEU D 294 -4.08 -17.92 32.93
C LEU D 294 -3.96 -18.01 31.43
N ASP D 295 -3.34 -17.00 30.81
CA ASP D 295 -3.45 -16.85 29.36
C ASP D 295 -2.56 -17.85 28.63
N THR D 296 -3.14 -18.84 27.96
CA THR D 296 -2.34 -19.76 27.13
C THR D 296 -2.35 -19.36 25.63
N GLU D 297 -3.03 -18.27 25.28
CA GLU D 297 -3.38 -18.01 23.86
C GLU D 297 -3.02 -16.58 23.41
N GLY D 298 -2.57 -15.76 24.35
CA GLY D 298 -2.29 -14.35 24.10
C GLY D 298 -3.59 -13.58 23.86
N ARG D 299 -4.68 -13.99 24.54
CA ARG D 299 -5.93 -13.23 24.48
C ARG D 299 -6.06 -12.21 25.60
N VAL D 300 -5.08 -12.18 26.50
CA VAL D 300 -5.08 -11.24 27.64
C VAL D 300 -4.12 -10.06 27.38
N ILE D 301 -4.63 -8.87 27.65
CA ILE D 301 -3.83 -7.64 27.64
C ILE D 301 -3.88 -7.06 29.05
N ARG D 302 -2.72 -6.97 29.69
CA ARG D 302 -2.66 -6.39 31.03
C ARG D 302 -2.12 -4.96 30.96
N MET D 303 -2.79 -4.03 31.64
CA MET D 303 -2.32 -2.65 31.69
C MET D 303 -1.84 -2.36 33.10
N ASP D 304 -0.54 -2.13 33.24
CA ASP D 304 0.10 -1.84 34.51
C ASP D 304 0.55 -0.39 34.59
N SER D 305 0.48 0.22 35.76
CA SER D 305 0.87 1.62 35.94
C SER D 305 1.80 1.78 37.13
N PHE D 306 2.81 2.65 36.99
CA PHE D 306 3.57 3.12 38.17
C PHE D 306 2.85 4.21 39.00
N SER D 307 1.62 4.61 38.63
CA SER D 307 0.96 5.72 39.31
C SER D 307 0.74 5.55 40.79
N VAL D 309 2.06 3.09 42.64
CA VAL D 309 3.22 2.42 43.30
C VAL D 309 4.41 3.37 43.48
N LEU D 310 4.66 4.22 42.47
CA LEU D 310 5.72 5.25 42.55
C LEU D 310 5.12 6.65 42.67
N ALA D 311 4.45 7.14 41.61
CA ALA D 311 3.77 8.47 41.63
C ALA D 311 2.96 8.71 40.36
N PRO D 312 1.79 9.34 40.47
CA PRO D 312 0.96 9.61 39.30
C PRO D 312 1.68 10.40 38.23
N GLY D 313 2.45 11.40 38.63
CA GLY D 313 3.19 12.22 37.69
C GLY D 313 4.36 11.55 36.97
N THR D 314 4.64 10.28 37.28
CA THR D 314 5.59 9.54 36.45
C THR D 314 5.11 9.40 35.00
N ARG D 315 3.78 9.43 34.79
CA ARG D 315 3.20 9.23 33.48
CA ARG D 315 3.18 9.22 33.46
C ARG D 315 3.92 8.09 32.75
N LEU D 316 3.92 6.92 33.39
CA LEU D 316 4.62 5.79 32.91
C LEU D 316 3.89 4.54 33.39
N GLY D 317 3.66 3.66 32.42
CA GLY D 317 3.06 2.35 32.69
C GLY D 317 3.59 1.40 31.63
N TRP D 318 3.02 0.20 31.58
CA TRP D 318 3.26 -0.69 30.46
C TRP D 318 2.06 -1.57 30.20
N ILE D 319 2.05 -2.16 29.02
CA ILE D 319 1.09 -3.24 28.73
C ILE D 319 1.82 -4.51 28.45
N THR D 320 1.18 -5.63 28.81
CA THR D 320 1.78 -6.94 28.61
C THR D 320 0.78 -7.69 27.74
N GLY D 321 1.28 -8.30 26.66
CA GLY D 321 0.46 -9.08 25.74
C GLY D 321 1.36 -9.74 24.73
N SER D 322 0.79 -10.42 23.73
CA SER D 322 1.59 -11.15 22.79
C SER D 322 2.26 -10.19 21.82
N SER D 323 3.33 -10.65 21.19
CA SER D 323 4.03 -9.81 20.20
C SER D 323 3.07 -9.38 19.07
N LYS D 324 2.19 -10.29 18.67
CA LYS D 324 1.18 -10.01 17.63
C LYS D 324 0.24 -8.88 18.05
N ILE D 325 -0.21 -8.90 19.29
CA ILE D 325 -1.15 -7.88 19.79
C ILE D 325 -0.44 -6.56 20.02
N LEU D 326 0.81 -6.60 20.48
CA LEU D 326 1.56 -5.36 20.78
C LEU D 326 1.99 -4.56 19.55
N LYS D 327 2.18 -5.26 18.44
CA LYS D 327 2.51 -4.62 17.17
C LYS D 327 1.62 -3.40 16.78
N PRO D 328 0.28 -3.53 16.71
CA PRO D 328 -0.48 -2.32 16.35
C PRO D 328 -0.45 -1.24 17.44
N TYR D 329 -0.27 -1.62 18.71
CA TYR D 329 -0.15 -0.57 19.75
C TYR D 329 1.12 0.22 19.51
N LEU D 330 2.21 -0.46 19.16
CA LEU D 330 3.45 0.28 18.91
C LEU D 330 3.30 1.20 17.70
N SER D 331 2.71 0.68 16.61
CA SER D 331 2.47 1.50 15.42
CA SER D 331 2.49 1.52 15.42
C SER D 331 1.65 2.75 15.76
N LEU D 332 0.58 2.55 16.53
CA LEU D 332 -0.22 3.69 17.01
C LEU D 332 0.63 4.67 17.82
N HIS D 333 1.38 4.17 18.81
CA HIS D 333 2.17 5.06 19.69
C HIS D 333 3.15 5.89 18.91
N GLU D 334 3.77 5.27 17.91
CA GLU D 334 4.75 6.00 17.08
C GLU D 334 4.16 7.21 16.36
N MET D 335 2.83 7.20 16.17
CA MET D 335 2.09 8.28 15.48
C MET D 335 1.32 9.20 16.43
N THR D 336 1.33 8.92 17.72
CA THR D 336 0.51 9.69 18.67
C THR D 336 1.33 10.19 19.85
N ILE D 337 1.57 9.30 20.81
CA ILE D 337 2.16 9.73 22.05
C ILE D 337 3.70 9.79 21.89
N GLN D 338 4.24 9.02 20.94
CA GLN D 338 5.67 8.65 20.95
C GLN D 338 6.06 8.03 22.31
N ALA D 339 7.35 7.89 22.54
CA ALA D 339 7.83 7.23 23.72
C ALA D 339 7.49 8.03 25.00
N PRO D 340 7.38 7.34 26.14
CA PRO D 340 7.29 8.02 27.42
C PRO D 340 8.48 8.96 27.59
N ALA D 341 8.27 10.03 28.35
CA ALA D 341 9.30 11.05 28.54
C ALA D 341 10.67 10.44 28.92
N GLY D 342 11.74 10.84 28.23
CA GLY D 342 13.09 10.32 28.58
C GLY D 342 13.50 10.46 30.03
N PHE D 343 13.26 11.63 30.66
CA PHE D 343 13.68 11.85 32.04
C PHE D 343 12.93 10.95 32.99
N THR D 344 11.64 10.74 32.77
CA THR D 344 10.86 9.79 33.59
CA THR D 344 10.89 9.82 33.61
C THR D 344 11.46 8.39 33.51
N GLN D 345 11.79 7.95 32.31
CA GLN D 345 12.36 6.59 32.18
C GLN D 345 13.73 6.50 32.84
N VAL D 346 14.56 7.52 32.67
CA VAL D 346 15.89 7.52 33.32
C VAL D 346 15.71 7.36 34.83
N LEU D 347 14.83 8.16 35.43
CA LEU D 347 14.74 8.19 36.91
C LEU D 347 14.03 6.98 37.46
N VAL D 348 13.02 6.51 36.75
CA VAL D 348 12.34 5.28 37.19
C VAL D 348 13.29 4.08 37.05
N ASN D 349 13.92 3.96 35.89
CA ASN D 349 14.88 2.88 35.70
C ASN D 349 15.99 2.92 36.75
N ALA D 350 16.50 4.12 37.01
CA ALA D 350 17.72 4.29 37.82
C ALA D 350 17.40 3.88 39.27
N THR D 351 16.24 4.30 39.77
CA THR D 351 15.83 3.96 41.12
C THR D 351 15.47 2.48 41.24
N LEU D 352 14.63 1.98 40.32
CA LEU D 352 14.24 0.57 40.37
C LEU D 352 15.44 -0.37 40.25
N SER D 353 16.38 -0.04 39.35
N SER D 353 16.37 -0.07 39.33
CA SER D 353 17.57 -0.88 39.11
CA SER D 353 17.52 -0.96 39.15
C SER D 353 18.53 -0.96 40.29
C SER D 353 18.37 -1.04 40.41
N ARG D 354 18.59 0.12 41.06
CA ARG D 354 19.40 0.15 42.30
C ARG D 354 18.70 -0.55 43.47
N TRP D 355 17.37 -0.43 43.51
CA TRP D 355 16.57 -1.22 44.46
C TRP D 355 16.71 -2.71 44.12
N GLY D 356 16.81 -3.03 42.83
CA GLY D 356 16.76 -4.42 42.38
C GLY D 356 15.34 -4.98 42.49
N GLN D 357 15.13 -6.16 41.92
CA GLN D 357 13.83 -6.84 42.02
C GLN D 357 13.43 -7.06 43.49
N LYS D 358 14.39 -7.45 44.33
CA LYS D 358 14.09 -7.75 45.75
C LYS D 358 13.79 -6.47 46.53
N GLY D 359 14.58 -5.41 46.32
CA GLY D 359 14.26 -4.11 46.96
C GLY D 359 12.89 -3.58 46.50
N TYR D 360 12.52 -3.84 45.27
CA TYR D 360 11.17 -3.43 44.77
C TYR D 360 10.08 -4.25 45.49
N LEU D 361 10.31 -5.54 45.71
CA LEU D 361 9.38 -6.30 46.56
C LEU D 361 9.25 -5.71 48.00
N ASP D 362 10.37 -5.28 48.57
CA ASP D 362 10.33 -4.61 49.88
C ASP D 362 9.44 -3.39 49.84
N TRP D 363 9.58 -2.61 48.77
CA TRP D 363 8.78 -1.38 48.61
C TRP D 363 7.29 -1.74 48.51
N LEU D 364 6.98 -2.74 47.68
CA LEU D 364 5.60 -3.20 47.54
C LEU D 364 5.03 -3.76 48.84
N LEU D 365 5.88 -4.43 49.64
CA LEU D 365 5.44 -4.89 50.96
C LEU D 365 5.16 -3.71 51.89
N GLY D 366 5.94 -2.65 51.72
CA GLY D 366 5.77 -1.45 52.54
C GLY D 366 4.47 -0.77 52.14
N LEU D 367 4.21 -0.73 50.84
CA LEU D 367 2.97 -0.22 50.28
C LEU D 367 1.73 -0.97 50.83
N ARG D 368 1.74 -2.31 50.74
CA ARG D 368 0.70 -3.13 51.39
C ARG D 368 0.46 -2.74 52.88
N HIS D 369 1.53 -2.65 53.66
CA HIS D 369 1.42 -2.24 55.06
C HIS D 369 0.70 -0.90 55.27
N GLU D 370 1.13 0.15 54.56
CA GLU D 370 0.49 1.47 54.73
C GLU D 370 -1.01 1.45 54.39
N TYR D 371 -1.37 0.82 53.27
CA TYR D 371 -2.79 0.77 52.88
C TYR D 371 -3.67 -0.02 53.88
N THR D 372 -3.15 -1.15 54.37
CA THR D 372 -3.81 -1.97 55.38
C THR D 372 -4.22 -1.08 56.56
N LEU D 373 -3.28 -0.30 57.09
CA LEU D 373 -3.54 0.64 58.18
C LEU D 373 -4.68 1.63 57.86
N LYS D 374 -4.69 2.17 56.64
CA LYS D 374 -5.71 3.11 56.20
C LYS D 374 -7.07 2.45 56.06
N ARG D 375 -7.06 1.26 55.46
CA ARG D 375 -8.28 0.49 55.25
C ARG D 375 -8.89 0.20 56.62
N ASP D 376 -8.08 -0.24 57.58
CA ASP D 376 -8.58 -0.59 58.91
C ASP D 376 -9.22 0.61 59.60
N CYS D 377 -8.57 1.77 59.48
CA CYS D 377 -9.12 3.01 60.02
C CYS D 377 -10.52 3.33 59.44
N ALA D 378 -10.67 3.20 58.12
CA ALA D 378 -11.94 3.50 57.46
C ALA D 378 -13.02 2.52 57.87
N ILE D 379 -12.68 1.24 57.85
CA ILE D 379 -13.68 0.20 58.14
C ILE D 379 -14.08 0.22 59.63
N ASP D 380 -13.12 0.45 60.52
CA ASP D 380 -13.45 0.67 61.94
C ASP D 380 -14.45 1.79 62.13
N ALA D 381 -14.19 2.93 61.49
CA ALA D 381 -15.09 4.08 61.54
C ALA D 381 -16.48 3.77 60.96
N LEU D 382 -16.55 2.95 59.92
CA LEU D 382 -17.84 2.56 59.37
C LEU D 382 -18.68 1.71 60.35
N TYR D 383 -18.06 0.68 60.93
CA TYR D 383 -18.75 -0.14 61.93
C TYR D 383 -19.14 0.70 63.14
N LYS D 384 -18.36 1.74 63.43
CA LYS D 384 -18.62 2.60 64.57
C LYS D 384 -19.79 3.59 64.35
N TYR D 385 -19.80 4.28 63.21
CA TYR D 385 -20.75 5.38 62.98
C TYR D 385 -21.95 5.11 62.08
N LEU D 386 -21.92 4.02 61.32
CA LEU D 386 -23.03 3.68 60.44
C LEU D 386 -24.07 2.83 61.17
N PRO D 387 -25.37 3.03 60.87
CA PRO D 387 -26.40 2.10 61.34
C PRO D 387 -26.07 0.65 60.96
N GLN D 388 -26.35 -0.28 61.86
CA GLN D 388 -26.04 -1.70 61.66
C GLN D 388 -27.32 -2.51 61.39
N SER D 389 -27.82 -2.44 60.16
CA SER D 389 -29.01 -3.20 59.74
C SER D 389 -28.62 -4.10 58.59
N ASP D 390 -29.57 -4.91 58.14
CA ASP D 390 -29.39 -5.60 56.86
C ASP D 390 -29.49 -4.58 55.70
N ALA D 391 -30.00 -3.39 56.01
CA ALA D 391 -30.16 -2.27 55.06
C ALA D 391 -28.85 -1.56 54.68
N PHE D 392 -27.85 -1.63 55.57
CA PHE D 392 -26.54 -0.97 55.38
C PHE D 392 -25.41 -2.01 55.42
N VAL D 393 -24.90 -2.37 54.25
CA VAL D 393 -23.97 -3.48 54.14
C VAL D 393 -22.54 -2.98 53.94
N ILE D 394 -21.64 -3.40 54.83
CA ILE D 394 -20.22 -3.02 54.75
C ILE D 394 -19.38 -4.23 54.31
N ASN D 395 -18.71 -4.12 53.16
CA ASN D 395 -17.82 -5.16 52.67
C ASN D 395 -16.39 -4.65 52.65
N PRO D 396 -15.57 -5.02 53.66
CA PRO D 396 -14.20 -4.50 53.76
C PRO D 396 -13.34 -4.96 52.58
N PRO D 397 -12.77 -4.00 51.83
CA PRO D 397 -11.99 -4.37 50.67
C PRO D 397 -10.75 -5.16 51.04
N ILE D 398 -10.40 -6.16 50.23
CA ILE D 398 -9.11 -6.80 50.45
C ILE D 398 -8.02 -6.15 49.59
N ALA D 399 -8.39 -5.17 48.76
CA ALA D 399 -7.44 -4.45 47.89
C ALA D 399 -7.90 -3.05 47.53
N GLY D 400 -6.95 -2.18 47.22
CA GLY D 400 -7.26 -0.89 46.63
C GLY D 400 -7.37 0.23 47.62
N MET D 401 -7.86 1.38 47.13
CA MET D 401 -7.92 2.59 47.96
C MET D 401 -9.34 3.06 48.30
N PHE D 402 -10.35 2.29 47.87
CA PHE D 402 -11.76 2.66 48.01
C PHE D 402 -12.59 1.76 48.94
N PHE D 403 -13.61 2.35 49.53
CA PHE D 403 -14.64 1.61 50.27
C PHE D 403 -16.00 2.09 49.78
N THR D 404 -17.03 1.27 49.95
CA THR D 404 -18.37 1.72 49.62
C THR D 404 -19.32 1.56 50.79
N VAL D 405 -20.32 2.44 50.84
CA VAL D 405 -21.43 2.27 51.76
C VAL D 405 -22.62 1.87 50.89
N ASN D 406 -23.13 0.67 51.12
CA ASN D 406 -24.22 0.11 50.32
C ASN D 406 -25.47 0.31 51.11
N ILE D 407 -26.49 0.88 50.47
CA ILE D 407 -27.71 1.32 51.12
C ILE D 407 -28.94 0.77 50.40
N ASP D 408 -29.86 0.18 51.15
CA ASP D 408 -31.13 -0.25 50.59
C ASP D 408 -32.10 0.94 50.63
N ALA D 409 -32.27 1.57 49.48
CA ALA D 409 -33.12 2.74 49.37
C ALA D 409 -34.60 2.45 49.78
N SER D 410 -35.01 1.18 49.70
CA SER D 410 -36.38 0.70 50.02
C SER D 410 -36.82 1.12 51.40
N VAL D 411 -35.87 1.18 52.32
CA VAL D 411 -36.15 1.29 53.74
C VAL D 411 -36.07 2.73 54.27
N HIS D 412 -35.80 3.70 53.39
CA HIS D 412 -35.92 5.12 53.77
C HIS D 412 -37.41 5.42 53.99
N PRO D 413 -37.76 5.97 55.17
CA PRO D 413 -39.19 6.10 55.53
C PRO D 413 -40.01 6.97 54.57
N GLU D 414 -39.32 7.72 53.71
CA GLU D 414 -39.94 8.63 52.74
C GLU D 414 -39.76 8.15 51.29
N PHE D 415 -39.35 6.89 51.13
CA PHE D 415 -39.06 6.29 49.80
C PHE D 415 -40.25 6.47 48.86
N LYS D 416 -41.43 6.06 49.33
CA LYS D 416 -42.67 6.18 48.55
C LYS D 416 -43.19 7.62 48.47
N THR D 417 -43.14 8.35 49.58
CA THR D 417 -43.64 9.71 49.63
C THR D 417 -42.80 10.74 48.88
N LYS D 418 -41.78 11.26 49.52
CA LYS D 418 -40.92 12.28 48.90
C LYS D 418 -40.19 11.78 47.63
N TYR D 419 -39.77 10.52 47.63
CA TYR D 419 -38.88 10.01 46.57
C TYR D 419 -39.51 9.17 45.46
N ASN D 420 -40.85 9.14 45.43
N ASN D 420 -40.84 9.13 45.40
CA ASN D 420 -41.64 8.46 44.39
CA ASN D 420 -41.58 8.47 44.31
C ASN D 420 -41.14 7.06 44.01
C ASN D 420 -41.15 7.04 44.00
N SER D 421 -40.73 6.30 45.03
CA SER D 421 -40.18 4.92 44.88
C SER D 421 -39.00 4.81 43.89
N ASP D 422 -38.19 5.86 43.86
CA ASP D 422 -37.11 5.94 42.87
C ASP D 422 -35.77 6.04 43.58
N PRO D 423 -35.00 4.93 43.59
CA PRO D 423 -33.74 4.91 44.34
C PRO D 423 -32.76 6.00 43.89
N TYR D 424 -32.81 6.39 42.62
CA TYR D 424 -31.90 7.44 42.09
C TYR D 424 -32.24 8.84 42.64
N GLN D 425 -33.52 9.09 42.89
N GLN D 425 -33.53 9.08 42.86
CA GLN D 425 -33.93 10.35 43.50
CA GLN D 425 -33.99 10.32 43.50
C GLN D 425 -33.44 10.43 44.95
C GLN D 425 -33.43 10.42 44.92
N LEU D 426 -33.52 9.30 45.66
CA LEU D 426 -32.97 9.21 47.02
C LEU D 426 -31.47 9.48 46.99
N GLU D 427 -30.77 8.76 46.11
CA GLU D 427 -29.31 8.84 46.01
C GLU D 427 -28.86 10.29 45.89
N GLN D 428 -29.44 11.02 44.94
CA GLN D 428 -29.05 12.41 44.65
C GLN D 428 -29.39 13.35 45.81
N SER D 429 -30.46 13.02 46.50
CA SER D 429 -30.90 13.75 47.67
C SER D 429 -29.89 13.53 48.80
N LEU D 430 -29.57 12.27 49.10
CA LEU D 430 -28.56 11.93 50.11
C LEU D 430 -27.20 12.52 49.79
N TYR D 431 -26.80 12.48 48.52
CA TYR D 431 -25.57 13.12 48.12
C TYR D 431 -25.54 14.56 48.62
N HIS D 432 -26.54 15.35 48.25
CA HIS D 432 -26.67 16.74 48.75
C HIS D 432 -26.77 16.89 50.28
N LYS D 433 -27.50 16.00 50.95
CA LYS D 433 -27.63 16.03 52.42
C LYS D 433 -26.31 15.76 53.13
N VAL D 434 -25.57 14.76 52.63
CA VAL D 434 -24.27 14.38 53.18
C VAL D 434 -23.26 15.53 53.04
N VAL D 435 -23.27 16.16 51.87
CA VAL D 435 -22.44 17.32 51.58
C VAL D 435 -22.82 18.51 52.49
N GLU D 436 -24.11 18.69 52.75
CA GLU D 436 -24.59 19.69 53.71
C GLU D 436 -24.10 19.42 55.14
N ARG D 437 -24.02 18.14 55.53
CA ARG D 437 -23.46 17.75 56.83
C ARG D 437 -21.93 17.71 56.87
N GLY D 438 -21.28 18.07 55.76
CA GLY D 438 -19.84 18.31 55.75
C GLY D 438 -18.89 17.23 55.23
N VAL D 439 -19.42 16.23 54.52
CA VAL D 439 -18.55 15.20 53.93
C VAL D 439 -19.01 14.89 52.50
N LEU D 440 -18.05 14.77 51.59
CA LEU D 440 -18.38 14.40 50.22
C LEU D 440 -17.89 12.99 49.94
N VAL D 441 -18.86 12.12 49.63
CA VAL D 441 -18.59 10.81 49.03
C VAL D 441 -19.32 10.80 47.68
N VAL D 442 -18.91 9.91 46.80
CA VAL D 442 -19.36 9.96 45.41
C VAL D 442 -20.50 8.97 45.13
N PRO D 443 -21.58 9.42 44.47
CA PRO D 443 -22.70 8.48 44.24
C PRO D 443 -22.39 7.35 43.26
N GLY D 444 -22.88 6.15 43.55
CA GLY D 444 -22.70 4.99 42.66
C GLY D 444 -23.13 5.18 41.21
N SER D 445 -24.20 5.96 41.00
CA SER D 445 -24.75 6.17 39.64
C SER D 445 -23.75 6.81 38.68
N TRP D 446 -22.71 7.47 39.22
CA TRP D 446 -21.64 8.07 38.41
C TRP D 446 -20.75 6.99 37.76
N PHE D 447 -20.81 5.77 38.29
CA PHE D 447 -19.95 4.69 37.81
C PHE D 447 -20.77 3.63 37.10
N LYS D 448 -22.08 3.84 36.96
CA LYS D 448 -22.95 2.81 36.40
C LYS D 448 -22.84 2.70 34.87
N SER D 449 -22.45 1.54 34.39
CA SER D 449 -22.28 1.27 32.98
C SER D 449 -23.66 1.14 32.30
N GLU D 450 -23.78 1.61 31.07
CA GLU D 450 -25.02 1.44 30.31
C GLU D 450 -24.70 1.19 28.87
N GLY D 451 -25.38 0.20 28.30
CA GLY D 451 -25.17 -0.09 26.86
C GLY D 451 -26.29 -0.96 26.32
N GLU D 452 -26.51 -0.91 25.01
CA GLU D 452 -27.52 -1.73 24.42
C GLU D 452 -27.10 -2.04 22.99
N THR D 453 -27.53 -3.20 22.52
CA THR D 453 -27.19 -3.58 21.15
C THR D 453 -28.42 -3.51 20.26
N GLU D 454 -28.19 -3.64 18.96
CA GLU D 454 -29.27 -3.76 17.97
C GLU D 454 -28.93 -4.97 17.12
N PRO D 455 -29.82 -5.98 17.09
CA PRO D 455 -31.02 -6.23 17.90
C PRO D 455 -30.67 -6.31 19.39
N PRO D 456 -31.63 -5.98 20.29
CA PRO D 456 -31.32 -5.92 21.72
C PRO D 456 -31.14 -7.31 22.35
N GLN D 457 -30.48 -7.32 23.51
CA GLN D 457 -30.25 -8.54 24.27
C GLN D 457 -31.54 -8.95 24.95
N PRO D 458 -31.69 -10.25 25.31
CA PRO D 458 -32.96 -10.61 25.95
C PRO D 458 -33.05 -9.99 27.36
N ALA D 459 -34.26 -9.92 27.92
CA ALA D 459 -34.49 -9.30 29.24
C ALA D 459 -33.60 -9.84 30.35
N GLU D 460 -33.41 -11.17 30.41
CA GLU D 460 -32.55 -11.80 31.46
C GLU D 460 -31.13 -11.21 31.51
N SER D 461 -30.57 -10.88 30.34
CA SER D 461 -29.22 -10.30 30.22
C SER D 461 -29.08 -8.84 30.69
N LYS D 462 -30.23 -8.16 30.76
CA LYS D 462 -30.30 -6.74 31.11
C LYS D 462 -30.83 -6.57 32.55
N GLU D 463 -31.18 -7.69 33.18
CA GLU D 463 -31.76 -7.70 34.51
C GLU D 463 -30.81 -7.15 35.56
N VAL D 464 -31.36 -6.33 36.44
CA VAL D 464 -30.62 -5.86 37.60
C VAL D 464 -31.25 -6.54 38.81
N SER D 465 -30.47 -7.34 39.53
CA SER D 465 -30.93 -7.80 40.83
C SER D 465 -30.47 -6.74 41.84
N ASN D 466 -31.36 -6.46 42.78
CA ASN D 466 -31.15 -5.44 43.82
C ASN D 466 -31.21 -4.02 43.26
N PRO D 467 -32.31 -3.69 42.57
CA PRO D 467 -32.44 -2.37 41.94
C PRO D 467 -32.57 -1.20 42.92
N ASN D 468 -32.93 -1.47 44.18
CA ASN D 468 -33.05 -0.40 45.18
C ASN D 468 -31.80 -0.19 46.02
N ILE D 469 -30.79 -1.04 45.81
CA ILE D 469 -29.50 -0.87 46.46
C ILE D 469 -28.76 0.25 45.75
N ILE D 470 -28.46 1.31 46.50
CA ILE D 470 -27.58 2.38 46.00
C ILE D 470 -26.27 2.35 46.79
N PHE D 471 -25.25 3.08 46.34
CA PHE D 471 -24.00 3.15 47.10
C PHE D 471 -23.27 4.47 46.93
N PHE D 472 -22.40 4.76 47.89
CA PHE D 472 -21.45 5.86 47.78
C PHE D 472 -20.04 5.33 47.96
N ARG D 473 -19.10 5.86 47.17
CA ARG D 473 -17.69 5.49 47.23
C ARG D 473 -16.94 6.58 47.97
N GLY D 474 -16.05 6.17 48.87
CA GLY D 474 -15.11 7.06 49.54
C GLY D 474 -13.72 6.47 49.40
N THR D 475 -12.70 7.26 49.65
CA THR D 475 -11.31 6.79 49.62
C THR D 475 -10.64 7.02 50.96
N TYR D 476 -9.82 6.08 51.40
CA TYR D 476 -9.01 6.26 52.62
C TYR D 476 -7.56 6.58 52.28
N ALA D 477 -7.24 6.81 51.00
CA ALA D 477 -5.83 6.87 50.60
C ALA D 477 -5.14 8.15 51.05
N ALA D 478 -5.84 9.27 51.00
CA ALA D 478 -5.20 10.58 51.15
C ALA D 478 -5.38 11.15 52.55
N VAL D 479 -6.62 11.24 53.00
CA VAL D 479 -6.94 11.98 54.22
C VAL D 479 -6.28 11.38 55.46
N SER D 480 -5.91 12.24 56.41
CA SER D 480 -5.37 11.80 57.69
C SER D 480 -6.42 10.96 58.42
N PRO D 481 -5.97 10.01 59.28
CA PRO D 481 -6.90 9.12 59.99
C PRO D 481 -7.96 9.87 60.79
N GLU D 482 -7.62 11.07 61.25
CA GLU D 482 -8.52 11.87 62.09
C GLU D 482 -9.62 12.49 61.23
N LYS D 483 -9.23 13.03 60.08
CA LYS D 483 -10.15 13.68 59.16
C LYS D 483 -11.02 12.63 58.45
N LEU D 484 -10.50 11.42 58.28
CA LEU D 484 -11.24 10.30 57.71
C LEU D 484 -12.31 9.84 58.68
N THR D 485 -11.94 9.75 59.96
CA THR D 485 -12.85 9.30 61.02
C THR D 485 -13.98 10.31 61.24
N GLU D 486 -13.67 11.61 61.16
CA GLU D 486 -14.67 12.68 61.27
C GLU D 486 -15.67 12.73 60.10
N GLY D 487 -15.20 12.43 58.89
CA GLY D 487 -16.08 12.38 57.73
C GLY D 487 -17.06 11.21 57.77
N LEU D 488 -16.57 10.06 58.21
CA LEU D 488 -17.40 8.88 58.35
C LEU D 488 -18.35 8.98 59.51
N LYS D 489 -17.97 9.77 60.51
CA LYS D 489 -18.87 10.14 61.60
C LYS D 489 -20.05 10.94 61.03
N ARG D 490 -19.74 12.04 60.35
CA ARG D 490 -20.75 12.89 59.70
C ARG D 490 -21.64 12.12 58.72
N LEU D 491 -21.05 11.18 57.98
CA LEU D 491 -21.82 10.32 57.07
C LEU D 491 -22.83 9.43 57.83
N GLY D 492 -22.34 8.69 58.82
CA GLY D 492 -23.19 7.83 59.64
C GLY D 492 -24.31 8.61 60.33
N ASP D 493 -23.95 9.76 60.91
CA ASP D 493 -24.90 10.71 61.49
C ASP D 493 -25.98 11.13 60.49
N THR D 494 -25.56 11.47 59.27
CA THR D 494 -26.54 11.88 58.25
C THR D 494 -27.56 10.77 58.02
N LEU D 495 -27.05 9.54 57.94
CA LEU D 495 -27.87 8.36 57.68
C LEU D 495 -28.77 7.94 58.84
N TYR D 496 -28.28 8.06 60.08
CA TYR D 496 -29.15 7.82 61.24
C TYR D 496 -30.40 8.72 61.19
N GLU D 497 -30.19 10.01 60.88
CA GLU D 497 -31.26 10.99 60.83
C GLU D 497 -32.21 10.80 59.63
N GLU D 498 -31.65 10.61 58.43
CA GLU D 498 -32.44 10.43 57.22
C GLU D 498 -33.33 9.19 57.26
N PHE D 499 -32.84 8.13 57.91
CA PHE D 499 -33.57 6.86 57.97
C PHE D 499 -34.39 6.64 59.26
N GLY D 500 -34.29 7.56 60.21
CA GLY D 500 -35.06 7.47 61.47
C GLY D 500 -34.62 6.35 62.40
#